data_9NYI
#
_entry.id   9NYI
#
_cell.length_a   1.00
_cell.length_b   1.00
_cell.length_c   1.00
_cell.angle_alpha   90.00
_cell.angle_beta   90.00
_cell.angle_gamma   90.00
#
_symmetry.space_group_name_H-M   'P 1'
#
loop_
_entity.id
_entity.type
_entity.pdbx_description
1 polymer 'Structure of HalA in complex with oligodeoxyadenylate'
2 polymer "DNA (5'-D(*AP*AP*AP*AP*AP*A)-3')"
3 water water
#
loop_
_entity_poly.entity_id
_entity_poly.type
_entity_poly.pdbx_seq_one_letter_code
_entity_poly.pdbx_strand_id
1 'polypeptide(L)'
;MGSSHHHHHHGSLDTNAVKEPEPALPSAASRGRRTKNWWEPMFDANAPASFSVSDWNFSNNRGPRCTLFLAEKMPDATTL
VVKDIDFQDCDFQGTFERKIVFKDCKFTRCDFGLSTFSRTKFSGCSFYASSFTQCTLENCEFRNCKYEKIFYSGNETQIP
RTLIAEPYQFLFGACATVDSVPQGKSRFEQRARFEETRSTIARALLANLHSEGSEDTYYAAVKASTLSENRARIARALIK
INSSASKGKSIISRAVSFLTGFASAISAVVGMLILLVMGSLNGWGSSISRAMLVGVVAISCVAYRYHYRFNLPPEDAMVK
ATEIFFLFGYTNYAKMGQEDFHLVFSNALLGLFWYAIAIPTISNRLTRARG
;
A,B,C,D
2 'polydeoxyribonucleotide' (DA)(DA)(DA)(DA)(DA)(DA) E,F,G,H
#
loop_
_chem_comp.id
_chem_comp.type
_chem_comp.name
_chem_comp.formula
DA DNA linking 2'-DEOXYADENOSINE-5'-MONOPHOSPHATE 'C10 H14 N5 O6 P'
#
# COMPACT_ATOMS: atom_id res chain seq x y z
N PRO A 26 35.26 -30.14 -19.41
CA PRO A 26 34.51 -30.44 -18.18
C PRO A 26 33.05 -30.78 -18.47
N SER A 27 32.48 -31.69 -17.68
CA SER A 27 31.11 -32.13 -17.88
C SER A 27 30.43 -32.27 -16.52
N ALA A 28 29.11 -32.25 -16.55
CA ALA A 28 28.31 -32.33 -15.33
C ALA A 28 27.08 -33.19 -15.60
N ALA A 29 26.50 -33.73 -14.53
CA ALA A 29 25.33 -34.58 -14.66
C ALA A 29 24.11 -33.76 -15.08
N SER A 30 23.33 -34.33 -15.99
CA SER A 30 22.06 -33.72 -16.38
C SER A 30 21.12 -33.69 -15.18
N ARG A 31 20.37 -32.60 -15.06
CA ARG A 31 19.58 -32.35 -13.86
C ARG A 31 18.27 -33.13 -13.90
N GLY A 32 17.80 -33.51 -12.70
CA GLY A 32 16.54 -34.21 -12.60
C GLY A 32 15.36 -33.37 -13.03
N ARG A 33 15.49 -32.04 -12.96
CA ARG A 33 14.44 -31.16 -13.46
C ARG A 33 14.16 -31.40 -14.93
N ARG A 34 15.21 -31.68 -15.71
CA ARG A 34 15.05 -31.96 -17.13
C ARG A 34 14.63 -33.41 -17.39
N THR A 35 15.20 -34.36 -16.64
CA THR A 35 15.02 -35.77 -16.96
C THR A 35 13.93 -36.47 -16.15
N LYS A 36 13.47 -35.88 -15.06
CA LYS A 36 12.48 -36.54 -14.21
C LYS A 36 11.20 -35.76 -14.02
N ASN A 37 11.28 -34.44 -13.88
CA ASN A 37 10.10 -33.62 -13.58
C ASN A 37 9.26 -33.45 -14.84
N TRP A 38 8.28 -34.35 -15.00
CA TRP A 38 7.49 -34.41 -16.22
C TRP A 38 6.57 -33.20 -16.42
N TRP A 39 6.38 -32.37 -15.39
CA TRP A 39 5.58 -31.15 -15.52
C TRP A 39 6.37 -30.00 -16.13
N GLU A 40 7.69 -30.14 -16.31
CA GLU A 40 8.50 -29.04 -16.78
C GLU A 40 8.48 -28.94 -18.31
N PRO A 41 8.58 -27.73 -18.85
CA PRO A 41 8.51 -27.57 -20.33
C PRO A 41 9.66 -28.23 -21.07
N MET A 42 10.86 -28.27 -20.47
CA MET A 42 12.03 -28.85 -21.10
C MET A 42 12.19 -30.33 -20.80
N PHE A 43 11.16 -30.96 -20.23
CA PHE A 43 11.28 -32.35 -19.79
C PHE A 43 11.59 -33.26 -20.96
N ASP A 44 12.66 -34.05 -20.82
CA ASP A 44 13.07 -34.98 -21.88
C ASP A 44 13.61 -36.20 -21.15
N ALA A 45 12.83 -37.29 -21.14
CA ALA A 45 13.32 -38.51 -20.50
C ALA A 45 14.52 -39.10 -21.22
N ASN A 46 14.71 -38.78 -22.49
CA ASN A 46 15.83 -39.27 -23.28
C ASN A 46 16.97 -38.28 -23.36
N ALA A 47 17.00 -37.29 -22.47
CA ALA A 47 18.08 -36.31 -22.48
C ALA A 47 19.41 -37.00 -22.18
N PRO A 48 20.51 -36.48 -22.72
CA PRO A 48 21.82 -37.10 -22.46
C PRO A 48 22.17 -37.04 -20.97
N ALA A 49 22.93 -38.03 -20.53
CA ALA A 49 23.30 -38.11 -19.12
C ALA A 49 24.22 -36.97 -18.71
N SER A 50 24.98 -36.42 -19.65
CA SER A 50 25.98 -35.40 -19.34
C SER A 50 25.74 -34.14 -20.14
N PHE A 51 26.03 -33.01 -19.51
CA PHE A 51 26.02 -31.69 -20.13
C PHE A 51 27.42 -31.12 -20.12
N SER A 52 27.80 -30.47 -21.20
CA SER A 52 29.07 -29.76 -21.23
C SER A 52 29.02 -28.55 -20.29
N VAL A 53 30.12 -28.31 -19.59
CA VAL A 53 30.22 -27.17 -18.69
C VAL A 53 30.84 -26.01 -19.46
N SER A 54 30.11 -24.92 -19.56
CA SER A 54 30.55 -23.78 -20.36
C SER A 54 31.66 -23.02 -19.68
N ASP A 55 32.59 -22.51 -20.49
CA ASP A 55 33.53 -21.49 -20.08
C ASP A 55 33.07 -20.08 -20.44
N TRP A 56 31.82 -19.94 -20.92
CA TRP A 56 31.20 -18.65 -21.22
C TRP A 56 31.91 -17.89 -22.32
N ASN A 57 32.56 -18.60 -23.24
CA ASN A 57 33.21 -17.99 -24.39
C ASN A 57 32.30 -18.18 -25.60
N PHE A 58 31.66 -17.10 -26.05
CA PHE A 58 30.74 -17.14 -27.16
C PHE A 58 31.36 -16.68 -28.47
N SER A 59 32.66 -16.42 -28.49
CA SER A 59 33.32 -15.98 -29.72
C SER A 59 33.30 -17.09 -30.77
N ASN A 60 33.51 -18.34 -30.35
CA ASN A 60 33.59 -19.44 -31.31
C ASN A 60 32.21 -19.96 -31.69
N ASN A 61 31.33 -20.17 -30.72
CA ASN A 61 30.02 -20.78 -30.97
C ASN A 61 28.92 -19.79 -30.57
N ARG A 62 28.09 -19.41 -31.53
CA ARG A 62 26.96 -18.53 -31.25
C ARG A 62 25.77 -19.27 -30.68
N GLY A 63 25.67 -20.58 -30.92
CA GLY A 63 24.62 -21.36 -30.30
C GLY A 63 25.14 -22.52 -29.49
N PRO A 64 25.04 -22.41 -28.17
CA PRO A 64 25.43 -23.54 -27.31
C PRO A 64 24.30 -24.55 -27.20
N ARG A 65 24.67 -25.81 -27.03
CA ARG A 65 23.73 -26.92 -26.96
C ARG A 65 24.08 -27.82 -25.79
N CYS A 66 23.05 -28.23 -25.05
CA CYS A 66 23.20 -29.20 -23.95
C CYS A 66 24.32 -28.78 -23.00
N THR A 67 24.29 -27.51 -22.60
CA THR A 67 25.39 -26.89 -21.88
C THR A 67 24.91 -26.34 -20.54
N LEU A 68 25.74 -26.51 -19.52
CA LEU A 68 25.45 -25.98 -18.19
C LEU A 68 26.24 -24.69 -17.99
N PHE A 69 25.55 -23.61 -17.64
CA PHE A 69 26.16 -22.31 -17.42
C PHE A 69 26.16 -22.04 -15.92
N LEU A 70 27.31 -22.23 -15.28
CA LEU A 70 27.44 -22.03 -13.85
C LEU A 70 27.80 -20.59 -13.54
N ALA A 71 27.21 -20.06 -12.47
CA ALA A 71 27.54 -18.70 -12.05
C ALA A 71 28.97 -18.57 -11.56
N GLU A 72 29.57 -19.69 -11.11
CA GLU A 72 30.95 -19.62 -10.64
C GLU A 72 31.95 -19.57 -11.77
N LYS A 73 31.52 -19.84 -13.01
CA LYS A 73 32.44 -19.94 -14.13
C LYS A 73 32.28 -18.82 -15.15
N MET A 74 31.42 -17.82 -14.89
CA MET A 74 31.37 -16.69 -15.80
C MET A 74 32.65 -15.86 -15.65
N PRO A 75 33.10 -15.22 -16.74
CA PRO A 75 34.36 -14.47 -16.67
C PRO A 75 34.27 -13.29 -15.72
N ASP A 76 35.43 -12.88 -15.22
CA ASP A 76 35.50 -11.75 -14.30
C ASP A 76 35.18 -10.47 -15.05
N ALA A 77 34.02 -9.89 -14.76
CA ALA A 77 33.59 -8.66 -15.41
C ALA A 77 32.59 -7.95 -14.51
N THR A 78 32.58 -6.62 -14.60
CA THR A 78 31.61 -5.83 -13.85
C THR A 78 30.23 -5.94 -14.47
N THR A 79 30.16 -5.95 -15.81
CA THR A 79 28.91 -6.20 -16.52
C THR A 79 29.26 -7.06 -17.74
N LEU A 80 28.63 -8.24 -17.82
CA LEU A 80 28.83 -9.14 -18.95
C LEU A 80 27.67 -8.96 -19.92
N VAL A 81 28.00 -8.55 -21.15
CA VAL A 81 27.00 -8.35 -22.19
C VAL A 81 27.00 -9.59 -23.07
N VAL A 82 25.89 -10.32 -23.08
CA VAL A 82 25.71 -11.52 -23.90
C VAL A 82 24.75 -11.16 -25.02
N LYS A 83 25.24 -11.20 -26.25
CA LYS A 83 24.51 -10.64 -27.39
C LYS A 83 24.34 -11.68 -28.48
N ASP A 84 23.10 -11.84 -28.96
CA ASP A 84 22.79 -12.63 -30.14
C ASP A 84 23.24 -14.08 -29.98
N ILE A 85 22.98 -14.66 -28.81
CA ILE A 85 23.32 -16.05 -28.53
C ILE A 85 22.04 -16.87 -28.52
N ASP A 86 22.03 -17.98 -29.26
CA ASP A 86 20.86 -18.84 -29.37
C ASP A 86 21.10 -20.04 -28.45
N PHE A 87 20.52 -20.00 -27.26
CA PHE A 87 20.62 -21.10 -26.32
C PHE A 87 19.55 -22.15 -26.62
N GLN A 88 19.93 -23.42 -26.57
CA GLN A 88 18.97 -24.50 -26.71
C GLN A 88 19.37 -25.65 -25.79
N ASP A 89 18.41 -26.12 -24.99
CA ASP A 89 18.63 -27.23 -24.06
C ASP A 89 19.77 -26.93 -23.09
N CYS A 90 19.80 -25.70 -22.57
CA CYS A 90 20.86 -25.26 -21.68
C CYS A 90 20.32 -25.09 -20.27
N ASP A 91 21.22 -25.27 -19.30
CA ASP A 91 20.89 -25.11 -17.89
C ASP A 91 21.70 -23.97 -17.28
N PHE A 92 21.10 -23.23 -16.38
CA PHE A 92 21.77 -22.23 -15.58
C PHE A 92 21.73 -22.65 -14.11
N GLN A 93 22.78 -22.32 -13.38
CA GLN A 93 22.88 -22.75 -11.99
C GLN A 93 23.81 -21.82 -11.22
N GLY A 94 23.44 -21.51 -9.99
CA GLY A 94 24.28 -20.76 -9.09
C GLY A 94 23.74 -19.39 -8.77
N THR A 95 24.56 -18.62 -8.06
CA THR A 95 24.21 -17.27 -7.63
C THR A 95 24.90 -16.29 -8.58
N PHE A 96 24.14 -15.80 -9.56
CA PHE A 96 24.65 -14.83 -10.53
C PHE A 96 24.59 -13.45 -9.88
N GLU A 97 25.62 -13.15 -9.10
CA GLU A 97 25.72 -11.86 -8.43
C GLU A 97 26.16 -10.75 -9.38
N ARG A 98 27.08 -11.06 -10.28
CA ARG A 98 27.57 -10.06 -11.22
C ARG A 98 26.50 -9.75 -12.28
N LYS A 99 26.48 -8.51 -12.74
CA LYS A 99 25.45 -8.07 -13.67
C LYS A 99 25.64 -8.72 -15.04
N ILE A 100 24.53 -9.20 -15.60
CA ILE A 100 24.51 -9.80 -16.93
C ILE A 100 23.46 -9.06 -17.76
N VAL A 101 23.81 -8.75 -19.01
CA VAL A 101 22.87 -8.19 -19.98
C VAL A 101 22.73 -9.19 -21.11
N PHE A 102 21.55 -9.79 -21.24
CA PHE A 102 21.22 -10.64 -22.38
C PHE A 102 20.56 -9.78 -23.44
N LYS A 103 21.21 -9.64 -24.59
CA LYS A 103 20.73 -8.75 -25.65
C LYS A 103 20.35 -9.60 -26.86
N ASP A 104 19.05 -9.64 -27.17
CA ASP A 104 18.52 -10.34 -28.33
C ASP A 104 18.94 -11.81 -28.35
N CYS A 105 18.93 -12.44 -27.19
CA CYS A 105 19.26 -13.85 -27.09
C CYS A 105 18.00 -14.70 -27.25
N LYS A 106 18.20 -15.96 -27.65
CA LYS A 106 17.13 -16.91 -27.81
C LYS A 106 17.32 -18.08 -26.85
N PHE A 107 16.31 -18.37 -26.06
CA PHE A 107 16.32 -19.49 -25.12
C PHE A 107 15.26 -20.49 -25.53
N THR A 108 15.69 -21.71 -25.85
CA THR A 108 14.77 -22.77 -26.28
C THR A 108 14.99 -23.97 -25.38
N ARG A 109 13.95 -24.36 -24.65
CA ARG A 109 14.02 -25.47 -23.70
C ARG A 109 15.17 -25.28 -22.71
N CYS A 110 15.28 -24.06 -22.19
CA CYS A 110 16.32 -23.71 -21.25
C CYS A 110 15.78 -23.73 -19.83
N ASP A 111 16.60 -24.19 -18.89
CA ASP A 111 16.24 -24.27 -17.48
C ASP A 111 17.01 -23.21 -16.72
N PHE A 112 16.29 -22.18 -16.26
CA PHE A 112 16.87 -21.19 -15.36
C PHE A 112 16.79 -21.62 -13.91
N GLY A 113 16.25 -22.82 -13.65
CA GLY A 113 16.05 -23.27 -12.29
C GLY A 113 17.34 -23.42 -11.52
N LEU A 114 17.20 -23.42 -10.19
CA LEU A 114 18.33 -23.55 -9.27
C LEU A 114 19.34 -22.41 -9.46
N SER A 115 18.82 -21.21 -9.71
CA SER A 115 19.67 -20.04 -9.92
C SER A 115 19.05 -18.83 -9.23
N THR A 116 19.93 -17.92 -8.82
CA THR A 116 19.53 -16.64 -8.25
C THR A 116 20.24 -15.53 -9.03
N PHE A 117 19.50 -14.88 -9.93
CA PHE A 117 20.03 -13.80 -10.73
C PHE A 117 19.84 -12.47 -9.99
N SER A 118 20.87 -11.63 -9.98
CA SER A 118 20.80 -10.32 -9.36
C SER A 118 21.05 -9.26 -10.42
N ARG A 119 20.05 -8.39 -10.64
CA ARG A 119 20.15 -7.29 -11.59
C ARG A 119 20.52 -7.78 -12.99
N THR A 120 19.83 -8.83 -13.42
CA THR A 120 20.00 -9.34 -14.78
C THR A 120 18.99 -8.68 -15.71
N LYS A 121 19.47 -8.22 -16.86
CA LYS A 121 18.65 -7.51 -17.84
C LYS A 121 18.47 -8.40 -19.07
N PHE A 122 17.23 -8.78 -19.34
CA PHE A 122 16.86 -9.47 -20.57
C PHE A 122 16.27 -8.44 -21.52
N SER A 123 17.00 -8.11 -22.58
CA SER A 123 16.61 -7.07 -23.52
C SER A 123 16.39 -7.70 -24.89
N GLY A 124 15.13 -7.71 -25.34
CA GLY A 124 14.81 -8.24 -26.65
C GLY A 124 14.98 -9.73 -26.80
N CYS A 125 14.89 -10.48 -25.72
CA CYS A 125 15.13 -11.92 -25.76
C CYS A 125 13.84 -12.68 -26.06
N SER A 126 14.00 -13.90 -26.57
CA SER A 126 12.88 -14.79 -26.87
C SER A 126 13.00 -16.05 -26.05
N PHE A 127 11.92 -16.41 -25.36
CA PHE A 127 11.87 -17.61 -24.52
C PHE A 127 10.86 -18.59 -25.10
N TYR A 128 11.32 -19.82 -25.34
CA TYR A 128 10.45 -20.88 -25.85
C TYR A 128 10.64 -22.12 -25.02
N ALA A 129 9.56 -22.61 -24.42
CA ALA A 129 9.54 -23.87 -23.66
C ALA A 129 10.61 -23.85 -22.55
N SER A 130 10.81 -22.69 -21.95
CA SER A 130 11.80 -22.52 -20.91
C SER A 130 11.12 -22.33 -19.55
N SER A 131 11.81 -22.73 -18.49
CA SER A 131 11.23 -22.80 -17.16
C SER A 131 11.86 -21.76 -16.24
N PHE A 132 11.02 -21.08 -15.46
CA PHE A 132 11.47 -20.18 -14.41
C PHE A 132 11.15 -20.70 -13.01
N THR A 133 10.82 -21.98 -12.87
CA THR A 133 10.55 -22.55 -11.57
C THR A 133 11.84 -22.75 -10.79
N GLN A 134 11.72 -22.65 -9.46
CA GLN A 134 12.88 -22.76 -8.55
C GLN A 134 13.95 -21.74 -8.90
N CYS A 135 13.51 -20.54 -9.27
CA CYS A 135 14.40 -19.46 -9.71
C CYS A 135 14.13 -18.23 -8.87
N THR A 136 15.18 -17.49 -8.56
CA THR A 136 15.04 -16.18 -7.92
C THR A 136 15.56 -15.12 -8.88
N LEU A 137 14.73 -14.12 -9.16
CA LEU A 137 15.11 -13.00 -10.02
C LEU A 137 15.03 -11.72 -9.17
N GLU A 138 16.15 -11.38 -8.54
CA GLU A 138 16.27 -10.21 -7.66
C GLU A 138 16.58 -8.97 -8.48
N ASN A 139 15.64 -8.02 -8.51
CA ASN A 139 15.85 -6.73 -9.15
C ASN A 139 16.25 -6.89 -10.62
N CYS A 140 15.62 -7.84 -11.30
CA CYS A 140 15.89 -8.10 -12.70
C CYS A 140 14.93 -7.32 -13.59
N GLU A 141 15.17 -7.37 -14.90
CA GLU A 141 14.34 -6.66 -15.86
C GLU A 141 14.18 -7.49 -17.12
N PHE A 142 12.93 -7.63 -17.57
CA PHE A 142 12.60 -8.24 -18.85
C PHE A 142 11.94 -7.17 -19.71
N ARG A 143 12.57 -6.82 -20.84
CA ARG A 143 12.10 -5.74 -21.68
C ARG A 143 12.06 -6.21 -23.13
N ASN A 144 10.94 -5.93 -23.81
CA ASN A 144 10.76 -6.24 -25.23
C ASN A 144 11.02 -7.73 -25.51
N CYS A 145 10.57 -8.58 -24.59
CA CYS A 145 10.79 -10.02 -24.70
C CYS A 145 9.55 -10.72 -25.23
N LYS A 146 9.79 -11.86 -25.87
CA LYS A 146 8.73 -12.73 -26.36
C LYS A 146 8.73 -14.03 -25.56
N TYR A 147 7.53 -14.46 -25.16
CA TYR A 147 7.37 -15.66 -24.36
C TYR A 147 6.38 -16.58 -25.05
N GLU A 148 6.71 -17.88 -25.12
CA GLU A 148 5.76 -18.86 -25.62
C GLU A 148 6.07 -20.19 -24.98
N LYS A 149 5.06 -20.79 -24.34
CA LYS A 149 5.19 -22.08 -23.67
C LYS A 149 6.20 -22.04 -22.53
N ILE A 150 6.38 -20.88 -21.90
CA ILE A 150 7.26 -20.77 -20.74
C ILE A 150 6.55 -21.35 -19.53
N PHE A 151 7.27 -21.49 -18.42
CA PHE A 151 6.73 -22.13 -17.23
C PHE A 151 7.26 -21.43 -16.00
N TYR A 152 6.42 -21.32 -14.97
CA TYR A 152 6.80 -20.70 -13.72
C TYR A 152 6.00 -21.34 -12.59
N SER A 153 6.38 -21.00 -11.36
CA SER A 153 5.72 -21.51 -10.17
C SER A 153 5.25 -20.34 -9.32
N GLY A 154 4.05 -20.47 -8.76
CA GLY A 154 3.50 -19.39 -7.96
C GLY A 154 4.31 -19.09 -6.71
N ASN A 155 4.93 -20.11 -6.12
CA ASN A 155 5.74 -19.91 -4.91
C ASN A 155 7.23 -20.06 -5.15
N GLU A 156 7.65 -20.85 -6.13
CA GLU A 156 9.08 -21.11 -6.34
C GLU A 156 9.67 -20.29 -7.48
N THR A 157 8.89 -19.41 -8.11
CA THR A 157 9.42 -18.40 -9.02
C THR A 157 9.33 -17.08 -8.29
N GLN A 158 10.39 -16.73 -7.57
CA GLN A 158 10.41 -15.51 -6.77
C GLN A 158 10.90 -14.35 -7.63
N ILE A 159 10.15 -13.26 -7.64
CA ILE A 159 10.51 -12.10 -8.43
C ILE A 159 10.57 -10.85 -7.55
N PRO A 160 11.50 -10.78 -6.60
CA PRO A 160 11.62 -9.61 -5.72
C PRO A 160 12.16 -8.40 -6.47
N ARG A 161 11.36 -7.33 -6.53
N ARG A 161 11.34 -7.34 -6.55
CA ARG A 161 11.72 -6.08 -7.20
CA ARG A 161 11.70 -6.09 -7.21
C ARG A 161 11.99 -6.27 -8.68
C ARG A 161 12.00 -6.28 -8.69
N THR A 162 11.39 -7.27 -9.32
CA THR A 162 11.68 -7.57 -10.71
C THR A 162 10.85 -6.60 -11.56
N LEU A 163 11.30 -6.28 -12.77
CA LEU A 163 10.45 -5.50 -13.66
C LEU A 163 10.18 -6.32 -14.92
N ILE A 164 8.94 -6.78 -15.08
CA ILE A 164 8.49 -7.44 -16.29
C ILE A 164 7.71 -6.42 -17.11
N ALA A 165 8.37 -5.86 -18.14
CA ALA A 165 7.80 -4.77 -18.93
C ALA A 165 6.55 -5.18 -19.70
N GLU A 166 6.35 -6.45 -19.98
CA GLU A 166 5.20 -6.94 -20.73
C GLU A 166 4.47 -7.99 -19.90
N PRO A 167 3.74 -7.57 -18.86
CA PRO A 167 3.14 -8.54 -17.94
C PRO A 167 2.17 -9.50 -18.60
N TYR A 168 1.32 -9.02 -19.51
CA TYR A 168 0.32 -9.89 -20.12
C TYR A 168 0.99 -10.99 -20.94
N GLN A 169 2.01 -10.61 -21.73
CA GLN A 169 2.68 -11.57 -22.58
C GLN A 169 3.45 -12.60 -21.76
N PHE A 170 4.08 -12.16 -20.67
CA PHE A 170 4.76 -13.10 -19.78
C PHE A 170 3.77 -14.06 -19.14
N LEU A 171 2.68 -13.55 -18.59
CA LEU A 171 1.75 -14.39 -17.85
C LEU A 171 1.05 -15.37 -18.77
N PHE A 172 0.49 -14.89 -19.87
CA PHE A 172 -0.29 -15.72 -20.78
C PHE A 172 0.54 -16.35 -21.89
N GLY A 173 1.85 -16.13 -21.91
CA GLY A 173 2.76 -16.93 -22.69
C GLY A 173 3.20 -18.20 -22.01
N ALA A 174 2.68 -18.48 -20.82
CA ALA A 174 2.98 -19.68 -20.06
C ALA A 174 1.79 -20.64 -20.10
N CYS A 175 2.09 -21.93 -20.06
CA CYS A 175 1.06 -22.96 -20.07
C CYS A 175 1.64 -24.28 -19.59
N ALA A 176 0.83 -25.05 -18.87
CA ALA A 176 1.26 -26.32 -18.33
C ALA A 176 1.53 -27.31 -19.46
N THR A 177 2.63 -28.04 -19.35
CA THR A 177 2.97 -29.10 -20.28
C THR A 177 2.23 -30.36 -19.89
N VAL A 178 1.48 -30.94 -20.83
CA VAL A 178 0.57 -32.02 -20.45
C VAL A 178 0.85 -33.32 -21.21
N ASP A 179 1.76 -33.34 -22.18
CA ASP A 179 2.00 -34.54 -22.96
C ASP A 179 2.73 -35.62 -22.17
N SER A 180 3.44 -35.26 -21.09
CA SER A 180 4.17 -36.22 -20.28
C SER A 180 3.48 -36.51 -18.95
N VAL A 181 2.18 -36.28 -18.87
CA VAL A 181 1.45 -36.60 -17.63
C VAL A 181 1.36 -38.11 -17.48
N PRO A 182 1.78 -38.67 -16.34
CA PRO A 182 1.75 -40.13 -16.18
C PRO A 182 0.33 -40.64 -15.94
N GLN A 183 0.21 -41.96 -16.00
CA GLN A 183 -1.08 -42.59 -15.75
C GLN A 183 -1.49 -42.42 -14.29
N GLY A 184 -2.79 -42.24 -14.07
CA GLY A 184 -3.31 -41.92 -12.76
C GLY A 184 -3.47 -40.44 -12.49
N LYS A 185 -2.79 -39.59 -13.25
CA LYS A 185 -3.02 -38.16 -13.26
C LYS A 185 -3.61 -37.76 -14.60
N SER A 186 -4.35 -36.65 -14.61
CA SER A 186 -5.10 -36.22 -15.77
C SER A 186 -4.63 -34.87 -16.28
N ARG A 187 -4.80 -34.68 -17.59
CA ARG A 187 -4.46 -33.41 -18.24
C ARG A 187 -5.24 -32.25 -17.65
N PHE A 188 -6.53 -32.44 -17.41
CA PHE A 188 -7.40 -31.31 -17.11
C PHE A 188 -7.00 -30.66 -15.79
N GLU A 189 -6.71 -31.47 -14.78
CA GLU A 189 -6.33 -30.93 -13.48
C GLU A 189 -5.01 -30.18 -13.58
N GLN A 190 -4.06 -30.69 -14.37
CA GLN A 190 -2.80 -29.97 -14.57
C GLN A 190 -3.06 -28.57 -15.13
N ARG A 191 -3.82 -28.48 -16.22
CA ARG A 191 -4.09 -27.18 -16.82
C ARG A 191 -4.84 -26.26 -15.84
N ALA A 192 -5.84 -26.82 -15.15
CA ALA A 192 -6.72 -25.97 -14.38
C ALA A 192 -6.11 -25.55 -13.04
N ARG A 193 -5.06 -26.26 -12.62
N ARG A 193 -5.10 -26.29 -12.58
CA ARG A 193 -4.27 -25.79 -11.50
CA ARG A 193 -4.20 -25.88 -11.50
C ARG A 193 -3.17 -24.83 -11.95
C ARG A 193 -3.24 -24.80 -11.98
N PHE A 194 -2.72 -24.94 -13.20
CA PHE A 194 -1.83 -23.93 -13.76
C PHE A 194 -2.52 -22.57 -13.84
N GLU A 195 -3.84 -22.58 -14.01
CA GLU A 195 -4.57 -21.30 -14.01
C GLU A 195 -4.38 -20.56 -12.68
N GLU A 196 -4.60 -21.26 -11.57
CA GLU A 196 -4.34 -20.67 -10.25
C GLU A 196 -2.87 -20.29 -10.08
N THR A 197 -1.96 -21.12 -10.57
CA THR A 197 -0.53 -20.77 -10.50
C THR A 197 -0.27 -19.42 -11.17
N ARG A 198 -0.80 -19.24 -12.38
CA ARG A 198 -0.62 -17.97 -13.09
C ARG A 198 -1.26 -16.82 -12.34
N SER A 199 -2.43 -17.05 -11.73
CA SER A 199 -3.06 -15.99 -10.94
C SER A 199 -2.15 -15.54 -9.79
N THR A 200 -1.54 -16.50 -9.10
CA THR A 200 -0.67 -16.17 -7.96
C THR A 200 0.55 -15.38 -8.43
N ILE A 201 1.21 -15.85 -9.49
CA ILE A 201 2.39 -15.13 -9.94
C ILE A 201 2.01 -13.75 -10.49
N ALA A 202 0.80 -13.61 -11.04
CA ALA A 202 0.33 -12.29 -11.48
C ALA A 202 0.16 -11.35 -10.30
N ARG A 203 -0.37 -11.86 -9.18
CA ARG A 203 -0.44 -11.06 -7.97
C ARG A 203 0.93 -10.56 -7.57
N ALA A 204 1.93 -11.45 -7.58
CA ALA A 204 3.28 -11.03 -7.24
C ALA A 204 3.81 -9.97 -8.20
N LEU A 205 3.55 -10.15 -9.49
CA LEU A 205 4.06 -9.22 -10.50
C LEU A 205 3.44 -7.83 -10.32
N LEU A 206 2.14 -7.79 -10.02
CA LEU A 206 1.47 -6.52 -9.79
C LEU A 206 2.06 -5.82 -8.56
N ALA A 207 2.22 -6.56 -7.46
CA ALA A 207 2.81 -5.97 -6.26
C ALA A 207 4.20 -5.41 -6.57
N ASN A 208 4.95 -6.09 -7.44
CA ASN A 208 6.21 -5.52 -7.91
C ASN A 208 5.97 -4.18 -8.60
N LEU A 209 5.10 -4.18 -9.59
CA LEU A 209 4.86 -3.00 -10.43
C LEU A 209 4.24 -1.84 -9.69
N HIS A 210 3.88 -1.98 -8.41
CA HIS A 210 3.37 -0.81 -7.69
C HIS A 210 4.45 0.24 -7.49
N SER A 211 5.65 -0.22 -7.12
CA SER A 211 6.86 0.59 -6.99
C SER A 211 7.47 1.07 -8.30
N GLU A 212 7.12 0.49 -9.44
CA GLU A 212 8.07 0.43 -10.53
C GLU A 212 7.37 0.33 -11.88
N GLY A 213 8.13 0.62 -12.93
CA GLY A 213 7.64 0.46 -14.29
C GLY A 213 6.77 1.61 -14.74
N SER A 214 6.48 1.62 -16.04
CA SER A 214 5.62 2.64 -16.61
C SER A 214 4.14 2.42 -16.27
N GLU A 215 3.35 3.48 -16.47
CA GLU A 215 1.89 3.37 -16.21
C GLU A 215 1.31 2.26 -17.09
N ASP A 216 1.67 2.25 -18.37
CA ASP A 216 1.15 1.22 -19.26
C ASP A 216 1.45 -0.20 -18.79
N THR A 217 2.67 -0.44 -18.32
CA THR A 217 3.01 -1.74 -17.78
C THR A 217 2.14 -2.08 -16.57
N TYR A 218 1.92 -1.11 -15.68
CA TYR A 218 1.10 -1.34 -14.50
C TYR A 218 -0.32 -1.72 -14.88
N TYR A 219 -0.90 -1.02 -15.86
CA TYR A 219 -2.30 -1.22 -16.19
C TYR A 219 -2.48 -2.51 -16.99
N ALA A 220 -1.49 -2.86 -17.81
CA ALA A 220 -1.48 -4.18 -18.44
C ALA A 220 -1.40 -5.28 -17.38
N ALA A 221 -0.62 -5.06 -16.33
CA ALA A 221 -0.55 -6.03 -15.24
C ALA A 221 -1.88 -6.13 -14.50
N VAL A 222 -2.57 -5.01 -14.29
CA VAL A 222 -3.88 -5.05 -13.66
C VAL A 222 -4.86 -5.87 -14.51
N LYS A 223 -4.87 -5.60 -15.81
CA LYS A 223 -5.69 -6.40 -16.74
C LYS A 223 -5.37 -7.88 -16.62
N ALA A 224 -4.08 -8.21 -16.71
CA ALA A 224 -3.67 -9.61 -16.68
C ALA A 224 -4.06 -10.27 -15.36
N SER A 225 -3.92 -9.57 -14.24
CA SER A 225 -4.15 -10.23 -12.97
C SER A 225 -5.64 -10.41 -12.71
N THR A 226 -6.47 -9.45 -13.15
CA THR A 226 -7.91 -9.64 -13.06
C THR A 226 -8.36 -10.82 -13.91
N LEU A 227 -7.91 -10.86 -15.18
CA LEU A 227 -8.28 -11.96 -16.06
C LEU A 227 -7.81 -13.30 -15.49
N SER A 228 -6.59 -13.35 -14.96
CA SER A 228 -6.07 -14.60 -14.42
C SER A 228 -6.82 -15.05 -13.17
N GLU A 229 -7.19 -14.10 -12.31
CA GLU A 229 -7.97 -14.44 -11.12
C GLU A 229 -9.31 -15.06 -11.51
N ASN A 230 -9.96 -14.48 -12.52
CA ASN A 230 -11.27 -15.01 -12.91
C ASN A 230 -11.13 -16.34 -13.66
N ARG A 231 -10.07 -16.50 -14.45
CA ARG A 231 -9.82 -17.78 -15.10
C ARG A 231 -9.54 -18.87 -14.06
N ALA A 232 -8.80 -18.54 -13.01
CA ALA A 232 -8.53 -19.50 -11.96
C ALA A 232 -9.80 -19.87 -11.21
N ARG A 233 -10.69 -18.90 -10.98
CA ARG A 233 -11.98 -19.22 -10.37
C ARG A 233 -12.77 -20.19 -11.25
N ILE A 234 -12.82 -19.92 -12.56
CA ILE A 234 -13.51 -20.81 -13.48
C ILE A 234 -12.90 -22.21 -13.43
N ALA A 235 -11.57 -22.28 -13.43
CA ALA A 235 -10.89 -23.58 -13.44
C ALA A 235 -11.16 -24.36 -12.17
N ARG A 236 -11.11 -23.71 -11.01
CA ARG A 236 -11.38 -24.40 -9.75
C ARG A 236 -12.83 -24.87 -9.69
N ALA A 237 -13.75 -24.07 -10.21
CA ALA A 237 -15.14 -24.51 -10.28
C ALA A 237 -15.28 -25.74 -11.19
N LEU A 238 -14.57 -25.74 -12.32
CA LEU A 238 -14.62 -26.90 -13.20
C LEU A 238 -14.04 -28.14 -12.52
N ILE A 239 -12.97 -27.97 -11.74
CA ILE A 239 -12.43 -29.09 -10.98
C ILE A 239 -13.47 -29.62 -10.01
N LYS A 240 -14.11 -28.71 -9.25
CA LYS A 240 -15.10 -29.14 -8.27
C LYS A 240 -16.29 -29.82 -8.92
N ILE A 241 -16.60 -29.43 -10.16
CA ILE A 241 -17.64 -30.14 -10.91
C ILE A 241 -17.18 -31.54 -11.27
N ASN A 242 -15.98 -31.65 -11.85
CA ASN A 242 -15.48 -32.94 -12.30
C ASN A 242 -15.36 -33.94 -11.15
N SER A 243 -14.88 -33.48 -10.00
CA SER A 243 -14.75 -34.35 -8.83
C SER A 243 -16.10 -34.57 -8.16
N ARG A 254 -22.80 -36.20 -3.01
CA ARG A 254 -21.93 -35.72 -4.08
C ARG A 254 -22.66 -34.71 -4.97
N ALA A 255 -23.99 -34.75 -4.94
CA ALA A 255 -24.77 -33.79 -5.70
C ALA A 255 -24.61 -32.38 -5.16
N VAL A 256 -24.39 -32.24 -3.85
CA VAL A 256 -24.15 -30.92 -3.27
C VAL A 256 -22.88 -30.32 -3.84
N SER A 257 -21.82 -31.13 -3.98
CA SER A 257 -20.56 -30.64 -4.54
C SER A 257 -20.75 -30.23 -6.00
N PHE A 258 -21.52 -31.02 -6.76
CA PHE A 258 -21.78 -30.67 -8.15
C PHE A 258 -22.54 -29.36 -8.26
N LEU A 259 -23.57 -29.17 -7.42
CA LEU A 259 -24.32 -27.93 -7.43
C LEU A 259 -23.43 -26.75 -7.06
N THR A 260 -22.57 -26.92 -6.06
CA THR A 260 -21.70 -25.83 -5.63
C THR A 260 -20.68 -25.49 -6.70
N GLY A 261 -20.12 -26.50 -7.37
CA GLY A 261 -19.21 -26.24 -8.47
C GLY A 261 -19.87 -25.54 -9.63
N PHE A 262 -21.10 -25.96 -9.98
CA PHE A 262 -21.82 -25.29 -11.06
C PHE A 262 -22.12 -23.85 -10.71
N ALA A 263 -22.56 -23.59 -9.47
CA ALA A 263 -22.85 -22.22 -9.06
C ALA A 263 -21.59 -21.37 -9.07
N SER A 264 -20.48 -21.93 -8.60
CA SER A 264 -19.19 -21.24 -8.63
C SER A 264 -18.77 -20.93 -10.05
N ALA A 265 -18.99 -21.86 -10.97
CA ALA A 265 -18.63 -21.64 -12.37
C ALA A 265 -19.46 -20.52 -12.98
N ILE A 266 -20.77 -20.52 -12.72
CA ILE A 266 -21.62 -19.45 -13.22
C ILE A 266 -21.19 -18.11 -12.63
N SER A 267 -20.86 -18.10 -11.33
CA SER A 267 -20.45 -16.87 -10.67
C SER A 267 -19.17 -16.32 -11.27
N ALA A 268 -18.20 -17.21 -11.52
CA ALA A 268 -16.95 -16.80 -12.15
C ALA A 268 -17.18 -16.31 -13.57
N VAL A 269 -18.10 -16.95 -14.30
CA VAL A 269 -18.41 -16.51 -15.67
C VAL A 269 -18.96 -15.10 -15.64
N VAL A 270 -19.90 -14.85 -14.72
CA VAL A 270 -20.58 -13.57 -14.60
C VAL A 270 -19.59 -12.49 -14.21
N GLY A 271 -18.67 -12.81 -13.29
CA GLY A 271 -17.70 -11.82 -12.88
C GLY A 271 -16.69 -11.55 -13.99
N MET A 272 -16.35 -12.59 -14.77
CA MET A 272 -15.57 -12.36 -15.98
C MET A 272 -16.25 -11.32 -16.86
N LEU A 273 -17.54 -11.53 -17.13
CA LEU A 273 -18.25 -10.65 -18.07
C LEU A 273 -18.29 -9.22 -17.56
N ILE A 274 -18.73 -9.02 -16.32
CA ILE A 274 -18.84 -7.66 -15.78
C ILE A 274 -17.47 -6.99 -15.70
N LEU A 275 -16.46 -7.70 -15.21
CA LEU A 275 -15.14 -7.09 -15.07
C LEU A 275 -14.56 -6.72 -16.43
N LEU A 276 -14.75 -7.59 -17.43
CA LEU A 276 -14.28 -7.29 -18.78
C LEU A 276 -14.96 -6.05 -19.33
N VAL A 277 -16.29 -5.96 -19.17
CA VAL A 277 -17.01 -4.80 -19.69
C VAL A 277 -16.54 -3.52 -19.01
N MET A 278 -16.44 -3.56 -17.68
CA MET A 278 -16.05 -2.36 -16.95
C MET A 278 -14.63 -1.92 -17.30
N GLY A 279 -13.69 -2.88 -17.37
CA GLY A 279 -12.31 -2.50 -17.62
C GLY A 279 -12.09 -2.08 -19.06
N SER A 280 -12.81 -2.67 -20.01
CA SER A 280 -12.78 -2.17 -21.37
C SER A 280 -13.36 -0.77 -21.44
N LEU A 281 -14.39 -0.48 -20.64
CA LEU A 281 -15.05 0.81 -20.69
C LEU A 281 -14.31 1.91 -19.96
N ASN A 282 -13.39 1.57 -19.04
CA ASN A 282 -12.67 2.61 -18.31
C ASN A 282 -11.15 2.45 -18.39
N GLY A 283 -10.64 1.66 -19.34
CA GLY A 283 -9.21 1.46 -19.42
C GLY A 283 -8.63 0.78 -18.20
N TRP A 284 -9.42 -0.07 -17.54
CA TRP A 284 -9.00 -0.83 -16.37
C TRP A 284 -8.59 0.10 -15.22
N GLY A 285 -9.35 1.18 -15.06
CA GLY A 285 -9.08 2.14 -14.00
C GLY A 285 -8.06 3.20 -14.34
N SER A 286 -7.75 3.39 -15.62
CA SER A 286 -6.72 4.32 -16.03
C SER A 286 -7.24 5.69 -16.44
N SER A 287 -8.27 5.76 -17.29
CA SER A 287 -8.55 6.99 -18.01
C SER A 287 -9.98 7.43 -17.73
N ILE A 288 -10.13 8.55 -17.02
CA ILE A 288 -11.44 9.14 -16.76
C ILE A 288 -12.10 9.57 -18.05
N SER A 289 -11.30 10.01 -19.03
CA SER A 289 -11.84 10.56 -20.26
C SER A 289 -12.65 9.51 -21.03
N ARG A 290 -12.15 8.28 -21.08
CA ARG A 290 -12.89 7.22 -21.78
C ARG A 290 -14.25 6.97 -21.13
N ALA A 291 -14.29 6.94 -19.80
CA ALA A 291 -15.55 6.76 -19.10
C ALA A 291 -16.50 7.92 -19.37
N MET A 292 -15.97 9.15 -19.36
CA MET A 292 -16.78 10.31 -19.73
C MET A 292 -17.34 10.14 -21.14
N LEU A 293 -16.54 9.59 -22.05
CA LEU A 293 -16.96 9.48 -23.44
C LEU A 293 -18.03 8.40 -23.62
N VAL A 294 -17.89 7.26 -22.94
CA VAL A 294 -18.97 6.28 -23.02
C VAL A 294 -20.24 6.81 -22.35
N GLY A 295 -20.11 7.59 -21.28
CA GLY A 295 -21.29 8.21 -20.69
C GLY A 295 -21.98 9.15 -21.67
N VAL A 296 -21.19 9.96 -22.37
CA VAL A 296 -21.75 10.91 -23.31
C VAL A 296 -22.39 10.19 -24.49
N VAL A 297 -21.77 9.10 -24.95
CA VAL A 297 -22.33 8.32 -26.05
C VAL A 297 -23.66 7.70 -25.65
N ALA A 298 -23.73 7.11 -24.45
CA ALA A 298 -24.97 6.49 -24.00
C ALA A 298 -26.07 7.53 -23.84
N ILE A 299 -25.74 8.68 -23.24
CA ILE A 299 -26.72 9.75 -23.06
C ILE A 299 -27.21 10.22 -24.42
N SER A 300 -26.30 10.39 -25.38
CA SER A 300 -26.68 10.83 -26.72
C SER A 300 -27.61 9.82 -27.40
N CYS A 301 -27.32 8.53 -27.25
CA CYS A 301 -28.18 7.51 -27.86
C CYS A 301 -29.58 7.55 -27.26
N VAL A 302 -29.67 7.66 -25.93
CA VAL A 302 -30.99 7.72 -25.29
C VAL A 302 -31.73 8.99 -25.71
N ALA A 303 -31.00 10.10 -25.84
CA ALA A 303 -31.63 11.35 -26.24
C ALA A 303 -32.13 11.29 -27.68
N TYR A 304 -31.34 10.66 -28.57
CA TYR A 304 -31.79 10.46 -29.94
C TYR A 304 -33.04 9.59 -29.98
N ARG A 305 -33.10 8.57 -29.12
CA ARG A 305 -34.29 7.74 -29.08
C ARG A 305 -35.51 8.54 -28.61
N TYR A 306 -35.32 9.36 -27.57
CA TYR A 306 -36.38 10.28 -27.15
C TYR A 306 -36.86 11.15 -28.31
N HIS A 307 -35.91 11.74 -29.04
CA HIS A 307 -36.27 12.70 -30.10
C HIS A 307 -36.95 11.99 -31.27
N TYR A 308 -36.50 10.80 -31.63
CA TYR A 308 -37.08 10.11 -32.76
C TYR A 308 -38.45 9.52 -32.42
N ARG A 309 -38.62 8.98 -31.22
CA ARG A 309 -39.82 8.22 -30.91
C ARG A 309 -40.92 9.06 -30.26
N PHE A 310 -40.57 9.94 -29.32
CA PHE A 310 -41.57 10.68 -28.56
C PHE A 310 -41.60 12.16 -28.92
N ASN A 311 -40.99 12.53 -30.04
CA ASN A 311 -41.11 13.88 -30.60
C ASN A 311 -40.66 14.95 -29.61
N LEU A 312 -39.48 14.75 -29.03
CA LEU A 312 -38.93 15.77 -28.17
C LEU A 312 -37.81 16.51 -28.90
N PRO A 313 -37.78 17.83 -28.81
CA PRO A 313 -36.71 18.58 -29.47
C PRO A 313 -35.35 18.18 -28.93
N PRO A 314 -34.31 18.23 -29.76
CA PRO A 314 -33.00 17.71 -29.32
C PRO A 314 -32.43 18.46 -28.13
N GLU A 315 -32.64 19.78 -28.07
CA GLU A 315 -32.03 20.64 -27.07
C GLU A 315 -32.57 20.40 -25.66
N ASP A 316 -33.60 19.57 -25.51
CA ASP A 316 -34.01 19.11 -24.19
C ASP A 316 -34.26 17.62 -24.11
N ALA A 317 -34.29 16.90 -25.24
CA ALA A 317 -34.08 15.45 -25.19
C ALA A 317 -32.72 15.13 -24.61
N MET A 318 -31.73 15.95 -24.98
CA MET A 318 -30.39 15.77 -24.37
C MET A 318 -30.50 16.04 -22.87
N VAL A 319 -31.32 17.00 -22.44
CA VAL A 319 -31.38 17.38 -21.04
C VAL A 319 -32.10 16.30 -20.23
N LYS A 320 -33.19 15.78 -20.76
CA LYS A 320 -33.87 14.65 -20.12
C LYS A 320 -32.96 13.44 -20.02
N ALA A 321 -32.19 13.16 -21.09
CA ALA A 321 -31.30 12.02 -21.07
C ALA A 321 -30.23 12.16 -19.98
N THR A 322 -29.60 13.33 -19.89
CA THR A 322 -28.59 13.52 -18.85
C THR A 322 -29.21 13.64 -17.46
N GLU A 323 -30.49 13.99 -17.40
CA GLU A 323 -31.18 14.13 -16.11
C GLU A 323 -31.56 12.76 -15.54
N ILE A 324 -31.89 11.81 -16.41
CA ILE A 324 -32.20 10.46 -15.95
C ILE A 324 -30.93 9.62 -15.82
N PHE A 325 -29.92 9.93 -16.63
CA PHE A 325 -28.66 9.19 -16.57
C PHE A 325 -27.97 9.38 -15.23
N PHE A 326 -27.91 10.62 -14.73
CA PHE A 326 -27.26 10.88 -13.46
C PHE A 326 -28.20 10.67 -12.28
N LEU A 327 -29.45 10.26 -12.54
CA LEU A 327 -30.39 9.74 -11.56
C LEU A 327 -30.98 10.80 -10.64
N PHE A 328 -30.49 12.04 -10.71
CA PHE A 328 -31.03 13.07 -9.82
C PHE A 328 -32.36 13.63 -10.33
N GLY A 329 -32.71 13.38 -11.59
CA GLY A 329 -33.97 13.84 -12.12
C GLY A 329 -34.87 12.73 -12.60
N TYR A 330 -34.75 11.55 -11.99
CA TYR A 330 -35.45 10.37 -12.48
C TYR A 330 -36.96 10.47 -12.24
N THR A 331 -37.35 10.83 -11.02
CA THR A 331 -38.78 10.82 -10.65
C THR A 331 -39.60 11.89 -11.37
N ASN A 332 -38.97 12.93 -11.91
CA ASN A 332 -39.71 13.91 -12.68
C ASN A 332 -40.23 13.36 -14.00
N TYR A 333 -39.61 12.30 -14.54
CA TYR A 333 -39.98 11.78 -15.84
C TYR A 333 -40.50 10.34 -15.82
N ALA A 334 -40.31 9.61 -14.72
CA ALA A 334 -40.69 8.21 -14.67
C ALA A 334 -42.11 8.07 -14.13
N LYS A 335 -42.98 7.45 -14.91
CA LYS A 335 -44.36 7.20 -14.51
C LYS A 335 -44.78 5.84 -15.05
N MET A 336 -45.22 4.95 -14.15
CA MET A 336 -45.56 3.61 -14.57
C MET A 336 -46.80 3.63 -15.46
N GLY A 337 -46.73 2.91 -16.58
CA GLY A 337 -47.81 2.87 -17.55
C GLY A 337 -47.69 3.86 -18.69
N GLN A 338 -46.67 4.71 -18.67
CA GLN A 338 -46.43 5.66 -19.75
C GLN A 338 -45.66 4.98 -20.89
N GLU A 339 -45.75 5.58 -22.07
CA GLU A 339 -45.12 4.99 -23.25
C GLU A 339 -43.61 4.92 -23.12
N ASP A 340 -43.00 5.98 -22.57
CA ASP A 340 -41.55 6.07 -22.44
C ASP A 340 -41.02 5.52 -21.12
N PHE A 341 -41.86 4.87 -20.33
CA PHE A 341 -41.45 4.44 -19.00
C PHE A 341 -40.33 3.41 -19.07
N HIS A 342 -40.44 2.43 -19.96
CA HIS A 342 -39.38 1.44 -20.11
C HIS A 342 -38.07 2.08 -20.56
N LEU A 343 -38.15 3.04 -21.49
CA LEU A 343 -36.95 3.75 -21.93
C LEU A 343 -36.32 4.54 -20.79
N VAL A 344 -37.14 5.22 -19.99
CA VAL A 344 -36.63 5.97 -18.85
C VAL A 344 -35.94 5.04 -17.86
N PHE A 345 -36.56 3.88 -17.59
CA PHE A 345 -35.98 2.92 -16.65
C PHE A 345 -34.66 2.38 -17.17
N SER A 346 -34.60 2.07 -18.48
CA SER A 346 -33.33 1.68 -19.09
C SER A 346 -32.26 2.76 -19.00
N ASN A 347 -32.66 4.03 -19.17
CA ASN A 347 -31.70 5.12 -19.08
C ASN A 347 -31.16 5.25 -17.66
N ALA A 348 -32.02 5.05 -16.66
CA ALA A 348 -31.57 5.06 -15.27
C ALA A 348 -30.61 3.90 -15.00
N LEU A 349 -30.92 2.70 -15.51
CA LEU A 349 -30.02 1.56 -15.31
C LEU A 349 -28.66 1.80 -15.98
N LEU A 350 -28.68 2.36 -17.19
CA LEU A 350 -27.43 2.71 -17.85
C LEU A 350 -26.64 3.71 -17.01
N GLY A 351 -27.32 4.70 -16.43
CA GLY A 351 -26.63 5.65 -15.58
C GLY A 351 -26.02 5.00 -14.34
N LEU A 352 -26.74 4.05 -13.74
CA LEU A 352 -26.21 3.38 -12.56
C LEU A 352 -24.96 2.58 -12.90
N PHE A 353 -25.01 1.85 -14.02
CA PHE A 353 -23.81 1.13 -14.47
C PHE A 353 -22.67 2.10 -14.74
N TRP A 354 -22.98 3.25 -15.34
CA TRP A 354 -21.94 4.21 -15.64
C TRP A 354 -21.32 4.78 -14.36
N TYR A 355 -22.14 4.97 -13.32
CA TYR A 355 -21.58 5.36 -12.02
C TYR A 355 -20.59 4.32 -11.53
N ALA A 356 -21.01 3.05 -11.56
CA ALA A 356 -20.13 1.96 -11.14
C ALA A 356 -18.84 1.92 -11.97
N ILE A 357 -18.92 2.30 -13.24
CA ILE A 357 -17.73 2.32 -14.09
C ILE A 357 -16.83 3.49 -13.75
N ALA A 358 -17.41 4.68 -13.55
CA ALA A 358 -16.67 5.93 -13.53
C ALA A 358 -16.10 6.28 -12.18
N ILE A 359 -16.80 5.96 -11.08
CA ILE A 359 -16.31 6.34 -9.76
C ILE A 359 -14.91 5.81 -9.47
N PRO A 360 -14.59 4.54 -9.72
CA PRO A 360 -13.22 4.07 -9.39
C PRO A 360 -12.14 4.71 -10.25
N THR A 361 -12.46 5.16 -11.47
CA THR A 361 -11.46 5.87 -12.26
C THR A 361 -11.06 7.17 -11.59
N ILE A 362 -12.05 7.94 -11.11
CA ILE A 362 -11.77 9.17 -10.39
C ILE A 362 -11.00 8.86 -9.11
N SER A 363 -11.41 7.81 -8.40
CA SER A 363 -10.70 7.43 -7.17
C SER A 363 -9.23 7.12 -7.47
N ASN A 364 -8.97 6.37 -8.54
CA ASN A 364 -7.60 6.02 -8.88
C ASN A 364 -6.79 7.25 -9.28
N ARG A 365 -7.38 8.14 -10.08
CA ARG A 365 -6.63 9.30 -10.55
C ARG A 365 -6.40 10.32 -9.44
N LEU A 366 -7.24 10.32 -8.41
CA LEU A 366 -7.09 11.26 -7.31
C LEU A 366 -6.42 10.66 -6.07
N THR A 367 -6.54 9.36 -5.87
CA THR A 367 -5.90 8.66 -4.76
C THR A 367 -4.85 7.70 -5.32
N ARG A 368 -3.60 7.89 -4.91
CA ARG A 368 -2.51 7.04 -5.38
C ARG A 368 -2.13 5.99 -4.33
N PRO B 26 47.85 10.88 -11.01
CA PRO B 26 47.11 9.76 -11.60
C PRO B 26 46.02 10.22 -12.57
N SER B 27 45.80 9.44 -13.62
CA SER B 27 44.83 9.78 -14.65
C SER B 27 44.06 8.53 -15.05
N ALA B 28 42.89 8.76 -15.64
CA ALA B 28 42.01 7.67 -16.06
C ALA B 28 41.37 8.02 -17.39
N ALA B 29 40.92 7.00 -18.10
CA ALA B 29 40.29 7.22 -19.40
C ALA B 29 38.94 7.89 -19.24
N SER B 30 38.67 8.84 -20.13
CA SER B 30 37.35 9.47 -20.19
C SER B 30 36.30 8.43 -20.55
N ARG B 31 35.13 8.53 -19.92
CA ARG B 31 34.11 7.50 -20.04
C ARG B 31 33.33 7.64 -21.33
N GLY B 32 32.87 6.50 -21.86
CA GLY B 32 32.07 6.51 -23.06
C GLY B 32 30.73 7.20 -22.87
N ARG B 33 30.24 7.25 -21.63
CA ARG B 33 29.00 7.97 -21.34
C ARG B 33 29.14 9.44 -21.72
N ARG B 34 30.31 10.02 -21.50
CA ARG B 34 30.55 11.42 -21.86
C ARG B 34 30.87 11.59 -23.34
N THR B 35 31.67 10.67 -23.91
CA THR B 35 32.20 10.87 -25.24
C THR B 35 31.42 10.16 -26.35
N LYS B 36 30.55 9.22 -26.01
CA LYS B 36 29.84 8.46 -27.04
C LYS B 36 28.33 8.54 -26.92
N ASN B 37 27.78 8.52 -25.71
CA ASN B 37 26.33 8.48 -25.52
C ASN B 37 25.75 9.86 -25.79
N TRP B 38 25.32 10.07 -27.04
CA TRP B 38 24.86 11.38 -27.49
C TRP B 38 23.55 11.83 -26.83
N TRP B 39 22.83 10.93 -26.16
CA TRP B 39 21.61 11.31 -25.46
C TRP B 39 21.89 11.90 -24.08
N GLU B 40 23.14 11.87 -23.61
CA GLU B 40 23.44 12.33 -22.26
C GLU B 40 23.65 13.85 -22.23
N PRO B 41 23.29 14.49 -21.12
CA PRO B 41 23.42 15.96 -21.03
C PRO B 41 24.85 16.46 -21.11
N MET B 42 25.81 15.69 -20.57
CA MET B 42 27.21 16.08 -20.57
C MET B 42 27.96 15.62 -21.81
N PHE B 43 27.24 15.13 -22.82
CA PHE B 43 27.89 14.55 -23.98
C PHE B 43 28.78 15.56 -24.68
N ASP B 44 30.04 15.19 -24.89
CA ASP B 44 31.00 16.07 -25.55
C ASP B 44 31.90 15.15 -26.37
N ALA B 45 31.71 15.15 -27.70
CA ALA B 45 32.57 14.32 -28.55
C ALA B 45 34.01 14.79 -28.53
N ASN B 46 34.26 16.05 -28.20
CA ASN B 46 35.60 16.62 -28.14
C ASN B 46 36.17 16.63 -26.72
N ALA B 47 35.60 15.85 -25.81
CA ALA B 47 36.10 15.80 -24.45
C ALA B 47 37.52 15.24 -24.44
N PRO B 48 38.35 15.66 -23.49
CA PRO B 48 39.73 15.15 -23.44
C PRO B 48 39.74 13.65 -23.19
N ALA B 49 40.78 12.99 -23.71
CA ALA B 49 40.89 11.55 -23.58
C ALA B 49 41.11 11.13 -22.12
N SER B 50 41.70 11.99 -21.31
CA SER B 50 42.07 11.64 -19.95
C SER B 50 41.43 12.59 -18.94
N PHE B 51 41.06 12.04 -17.79
CA PHE B 51 40.57 12.79 -16.66
C PHE B 51 41.53 12.63 -15.49
N SER B 52 41.77 13.71 -14.76
CA SER B 52 42.57 13.62 -13.55
C SER B 52 41.82 12.83 -12.49
N VAL B 53 42.55 12.00 -11.75
CA VAL B 53 41.96 11.21 -10.67
C VAL B 53 42.13 12.00 -9.37
N SER B 54 41.01 12.31 -8.74
CA SER B 54 41.03 13.16 -7.56
C SER B 54 41.54 12.39 -6.34
N ASP B 55 42.27 13.11 -5.49
CA ASP B 55 42.57 12.67 -4.13
C ASP B 55 41.59 13.23 -3.11
N TRP B 56 40.52 13.91 -3.57
CA TRP B 56 39.45 14.42 -2.72
C TRP B 56 39.93 15.48 -1.73
N ASN B 57 40.98 16.22 -2.09
CA ASN B 57 41.47 17.32 -1.27
C ASN B 57 40.98 18.62 -1.90
N PHE B 58 40.01 19.26 -1.23
CA PHE B 58 39.42 20.49 -1.72
C PHE B 58 39.99 21.74 -1.06
N SER B 59 41.01 21.59 -0.22
CA SER B 59 41.61 22.75 0.43
C SER B 59 42.28 23.67 -0.57
N ASN B 60 42.94 23.10 -1.58
CA ASN B 60 43.67 23.92 -2.54
C ASN B 60 42.77 24.45 -3.65
N ASN B 61 41.92 23.60 -4.22
CA ASN B 61 41.09 23.97 -5.36
C ASN B 61 39.62 23.84 -4.98
N ARG B 62 38.88 24.95 -5.04
CA ARG B 62 37.45 24.93 -4.78
C ARG B 62 36.65 24.46 -5.97
N GLY B 63 37.18 24.58 -7.19
CA GLY B 63 36.50 24.05 -8.35
C GLY B 63 37.34 23.06 -9.12
N PRO B 64 36.97 21.78 -9.03
CA PRO B 64 37.66 20.77 -9.84
C PRO B 64 37.10 20.72 -11.25
N ARG B 65 37.97 20.37 -12.20
CA ARG B 65 37.63 20.32 -13.62
C ARG B 65 38.13 19.04 -14.24
N CYS B 66 37.29 18.41 -15.06
CA CYS B 66 37.65 17.21 -15.81
C CYS B 66 38.28 16.15 -14.90
N THR B 67 37.61 15.90 -13.79
CA THR B 67 38.17 15.09 -12.71
C THR B 67 37.27 13.90 -12.42
N LEU B 68 37.89 12.75 -12.15
CA LEU B 68 37.17 11.54 -11.79
C LEU B 68 37.25 11.36 -10.29
N PHE B 69 36.10 11.23 -9.64
CA PHE B 69 36.00 11.05 -8.19
C PHE B 69 35.62 9.60 -7.92
N LEU B 70 36.59 8.79 -7.54
CA LEU B 70 36.37 7.38 -7.27
C LEU B 70 35.99 7.17 -5.82
N ALA B 71 35.04 6.25 -5.59
CA ALA B 71 34.64 5.93 -4.22
C ALA B 71 35.76 5.25 -3.45
N GLU B 72 36.70 4.60 -4.15
CA GLU B 72 37.79 3.94 -3.45
C GLU B 72 38.85 4.92 -2.96
N LYS B 73 38.81 6.17 -3.43
CA LYS B 73 39.86 7.13 -3.12
C LYS B 73 39.40 8.27 -2.22
N MET B 74 38.15 8.24 -1.73
CA MET B 74 37.75 9.26 -0.77
C MET B 74 38.48 9.01 0.56
N PRO B 75 38.78 10.08 1.31
CA PRO B 75 39.54 9.91 2.55
C PRO B 75 38.76 9.10 3.58
N ASP B 76 39.50 8.48 4.49
CA ASP B 76 38.90 7.68 5.55
C ASP B 76 38.17 8.60 6.53
N ALA B 77 36.85 8.54 6.51
CA ALA B 77 36.03 9.36 7.39
C ALA B 77 34.68 8.70 7.59
N THR B 78 34.09 8.92 8.76
CA THR B 78 32.75 8.41 9.02
C THR B 78 31.70 9.21 8.29
N THR B 79 31.88 10.53 8.22
CA THR B 79 31.03 11.40 7.40
C THR B 79 31.93 12.45 6.76
N LEU B 80 31.93 12.50 5.44
CA LEU B 80 32.70 13.49 4.70
C LEU B 80 31.78 14.64 4.30
N VAL B 81 32.10 15.84 4.79
CA VAL B 81 31.32 17.03 4.48
C VAL B 81 32.04 17.78 3.35
N VAL B 82 31.39 17.88 2.21
CA VAL B 82 31.91 18.58 1.04
C VAL B 82 31.11 19.86 0.89
N LYS B 83 31.77 21.00 1.05
CA LYS B 83 31.08 22.28 1.18
C LYS B 83 31.60 23.28 0.16
N ASP B 84 30.66 23.91 -0.56
CA ASP B 84 30.96 25.04 -1.44
C ASP B 84 31.97 24.68 -2.52
N ILE B 85 31.80 23.50 -3.12
CA ILE B 85 32.67 23.03 -4.19
C ILE B 85 31.92 23.13 -5.50
N ASP B 86 32.53 23.74 -6.51
CA ASP B 86 31.91 23.94 -7.81
C ASP B 86 32.51 22.88 -8.76
N PHE B 87 31.76 21.79 -8.95
CA PHE B 87 32.18 20.74 -9.87
C PHE B 87 31.76 21.09 -11.29
N GLN B 88 32.66 20.86 -12.25
CA GLN B 88 32.33 21.02 -13.66
C GLN B 88 33.03 19.95 -14.46
N ASP B 89 32.26 19.26 -15.31
CA ASP B 89 32.79 18.19 -16.17
C ASP B 89 33.48 17.10 -15.35
N CYS B 90 32.87 16.71 -14.24
CA CYS B 90 33.43 15.73 -13.34
C CYS B 90 32.64 14.43 -13.41
N ASP B 91 33.33 13.32 -13.12
CA ASP B 91 32.73 12.00 -13.11
C ASP B 91 32.82 11.40 -11.72
N PHE B 92 31.80 10.67 -11.31
CA PHE B 92 31.79 9.89 -10.09
C PHE B 92 31.69 8.41 -10.45
N GLN B 93 32.33 7.57 -9.65
CA GLN B 93 32.37 6.14 -9.97
C GLN B 93 32.63 5.35 -8.70
N GLY B 94 31.95 4.22 -8.56
CA GLY B 94 32.20 3.29 -7.49
C GLY B 94 31.04 3.19 -6.51
N THR B 95 31.29 2.45 -5.44
CA THR B 95 30.31 2.22 -4.39
C THR B 95 30.63 3.14 -3.22
N PHE B 96 29.93 4.27 -3.15
CA PHE B 96 30.11 5.25 -2.08
C PHE B 96 29.32 4.76 -0.87
N GLU B 97 29.95 3.87 -0.11
CA GLU B 97 29.34 3.32 1.10
C GLU B 97 29.40 4.31 2.26
N ARG B 98 30.50 5.02 2.39
CA ARG B 98 30.65 5.98 3.48
C ARG B 98 29.76 7.21 3.23
N LYS B 99 29.27 7.80 4.32
CA LYS B 99 28.33 8.91 4.22
C LYS B 99 29.03 10.16 3.69
N ILE B 100 28.37 10.83 2.74
CA ILE B 100 28.86 12.08 2.18
C ILE B 100 27.76 13.12 2.32
N VAL B 101 28.14 14.33 2.73
CA VAL B 101 27.24 15.48 2.78
C VAL B 101 27.76 16.51 1.80
N PHE B 102 27.02 16.75 0.72
CA PHE B 102 27.32 17.83 -0.20
C PHE B 102 26.53 19.06 0.23
N LYS B 103 27.24 20.11 0.63
CA LYS B 103 26.61 21.32 1.17
C LYS B 103 26.87 22.48 0.22
N ASP B 104 25.81 22.97 -0.42
CA ASP B 104 25.86 24.12 -1.33
C ASP B 104 26.90 23.93 -2.43
N CYS B 105 26.97 22.72 -2.96
CA CYS B 105 27.87 22.44 -4.07
C CYS B 105 27.18 22.69 -5.41
N LYS B 106 27.99 22.92 -6.44
CA LYS B 106 27.50 23.15 -7.78
C LYS B 106 28.03 22.05 -8.70
N PHE B 107 27.13 21.39 -9.42
CA PHE B 107 27.48 20.35 -10.38
C PHE B 107 27.07 20.82 -11.76
N THR B 108 28.05 20.95 -12.66
CA THR B 108 27.80 21.39 -14.02
C THR B 108 28.37 20.36 -14.98
N ARG B 109 27.50 19.74 -15.78
CA ARG B 109 27.89 18.69 -16.72
C ARG B 109 28.65 17.57 -16.00
N CYS B 110 28.10 17.16 -14.86
CA CYS B 110 28.69 16.12 -14.03
C CYS B 110 27.97 14.80 -14.27
N ASP B 111 28.73 13.71 -14.28
CA ASP B 111 28.21 12.37 -14.49
C ASP B 111 28.27 11.61 -13.17
N PHE B 112 27.10 11.37 -12.58
CA PHE B 112 27.00 10.50 -11.42
C PHE B 112 26.87 9.04 -11.81
N GLY B 113 26.89 8.74 -13.11
CA GLY B 113 26.67 7.38 -13.56
C GLY B 113 27.73 6.42 -13.09
N LEU B 114 27.38 5.13 -13.13
CA LEU B 114 28.27 4.06 -12.70
C LEU B 114 28.67 4.21 -11.24
N SER B 115 27.72 4.65 -10.41
CA SER B 115 27.98 4.85 -8.99
C SER B 115 26.77 4.38 -8.18
N THR B 116 27.06 3.95 -6.95
CA THR B 116 26.03 3.57 -5.99
C THR B 116 26.30 4.35 -4.71
N PHE B 117 25.52 5.40 -4.48
CA PHE B 117 25.64 6.23 -3.29
C PHE B 117 24.74 5.66 -2.19
N SER B 118 25.27 5.59 -0.97
CA SER B 118 24.51 5.12 0.19
C SER B 118 24.43 6.24 1.21
N ARG B 119 23.21 6.68 1.52
CA ARG B 119 22.97 7.71 2.53
C ARG B 119 23.76 8.99 2.22
N THR B 120 23.70 9.41 0.96
CA THR B 120 24.32 10.67 0.56
C THR B 120 23.30 11.80 0.66
N LYS B 121 23.72 12.90 1.27
CA LYS B 121 22.86 14.06 1.48
C LYS B 121 23.32 15.21 0.60
N PHE B 122 22.45 15.62 -0.33
CA PHE B 122 22.66 16.81 -1.13
C PHE B 122 21.84 17.94 -0.52
N SER B 123 22.52 18.91 0.09
CA SER B 123 21.87 19.99 0.82
C SER B 123 22.21 21.31 0.13
N GLY B 124 21.19 21.94 -0.47
CA GLY B 124 21.38 23.22 -1.12
C GLY B 124 22.23 23.20 -2.37
N CYS B 125 22.29 22.07 -3.05
CA CYS B 125 23.15 21.93 -4.22
C CYS B 125 22.41 22.33 -5.50
N SER B 126 23.19 22.68 -6.51
CA SER B 126 22.66 23.06 -7.82
C SER B 126 23.19 22.10 -8.87
N PHE B 127 22.29 21.54 -9.67
CA PHE B 127 22.63 20.61 -10.73
C PHE B 127 22.29 21.23 -12.08
N TYR B 128 23.28 21.27 -12.98
CA TYR B 128 23.09 21.80 -14.33
C TYR B 128 23.67 20.82 -15.33
N ALA B 129 22.83 20.34 -16.24
CA ALA B 129 23.25 19.47 -17.35
C ALA B 129 23.98 18.23 -16.83
N SER B 130 23.53 17.72 -15.69
CA SER B 130 24.13 16.56 -15.05
C SER B 130 23.22 15.35 -15.16
N SER B 131 23.81 14.16 -15.19
CA SER B 131 23.10 12.94 -15.47
C SER B 131 23.02 12.04 -14.24
N PHE B 132 21.85 11.46 -14.01
CA PHE B 132 21.65 10.46 -12.97
C PHE B 132 21.36 9.07 -13.55
N THR B 133 21.61 8.86 -14.84
CA THR B 133 21.40 7.56 -15.45
C THR B 133 22.49 6.58 -15.01
N GLN B 134 22.11 5.30 -14.95
CA GLN B 134 23.01 4.23 -14.50
C GLN B 134 23.55 4.52 -13.10
N CYS B 135 22.69 5.07 -12.24
CA CYS B 135 23.06 5.47 -10.90
C CYS B 135 22.12 4.81 -9.89
N THR B 136 22.66 4.43 -8.74
CA THR B 136 21.84 3.95 -7.64
C THR B 136 21.98 4.93 -6.48
N LEU B 137 20.86 5.43 -5.98
CA LEU B 137 20.83 6.33 -4.83
C LEU B 137 20.04 5.63 -3.71
N GLU B 138 20.76 4.88 -2.87
CA GLU B 138 20.19 4.13 -1.77
C GLU B 138 20.05 5.01 -0.55
N ASN B 139 18.81 5.27 -0.13
CA ASN B 139 18.52 6.00 1.09
C ASN B 139 19.21 7.37 1.10
N CYS B 140 19.20 8.04 -0.05
CA CYS B 140 19.80 9.35 -0.19
C CYS B 140 18.76 10.44 0.04
N GLU B 141 19.23 11.69 0.08
CA GLU B 141 18.35 12.83 0.32
C GLU B 141 18.81 14.01 -0.53
N PHE B 142 17.86 14.62 -1.23
CA PHE B 142 18.07 15.87 -1.96
C PHE B 142 17.16 16.92 -1.34
N ARG B 143 17.75 17.97 -0.76
CA ARG B 143 17.01 18.98 -0.04
C ARG B 143 17.44 20.37 -0.50
N ASN B 144 16.45 21.22 -0.78
CA ASN B 144 16.69 22.62 -1.18
C ASN B 144 17.63 22.70 -2.38
N CYS B 145 17.45 21.78 -3.32
CA CYS B 145 18.31 21.71 -4.50
C CYS B 145 17.63 22.34 -5.70
N LYS B 146 18.47 22.83 -6.62
CA LYS B 146 18.02 23.37 -7.89
C LYS B 146 18.45 22.45 -9.02
N TYR B 147 17.53 22.19 -9.95
CA TYR B 147 17.79 21.31 -11.08
C TYR B 147 17.45 22.04 -12.37
N GLU B 148 18.33 21.93 -13.36
CA GLU B 148 18.03 22.46 -14.68
C GLU B 148 18.79 21.65 -15.71
N LYS B 149 18.06 21.11 -16.69
CA LYS B 149 18.63 20.30 -17.77
C LYS B 149 19.30 19.03 -17.24
N ILE B 150 18.82 18.50 -16.11
CA ILE B 150 19.34 17.24 -15.58
C ILE B 150 18.76 16.09 -16.39
N PHE B 151 19.27 14.88 -16.17
CA PHE B 151 18.87 13.73 -16.96
C PHE B 151 18.80 12.51 -16.05
N TYR B 152 17.84 11.63 -16.33
CA TYR B 152 17.67 10.41 -15.56
C TYR B 152 17.05 9.35 -16.47
N SER B 153 17.02 8.12 -15.97
CA SER B 153 16.46 6.99 -16.70
C SER B 153 15.37 6.34 -15.86
N GLY B 154 14.28 5.95 -16.51
CA GLY B 154 13.17 5.35 -15.79
C GLY B 154 13.52 4.04 -15.12
N ASN B 155 14.42 3.26 -15.72
CA ASN B 155 14.83 1.98 -15.16
C ASN B 155 16.24 1.98 -14.61
N GLU B 156 17.14 2.80 -15.13
CA GLU B 156 18.54 2.77 -14.71
C GLU B 156 18.89 3.90 -13.75
N THR B 157 17.93 4.72 -13.34
CA THR B 157 18.10 5.64 -12.21
C THR B 157 17.30 5.06 -11.06
N GLN B 158 17.94 4.23 -10.25
CA GLN B 158 17.28 3.57 -9.14
C GLN B 158 17.34 4.46 -7.92
N ILE B 159 16.19 4.69 -7.28
CA ILE B 159 16.12 5.54 -6.10
C ILE B 159 15.47 4.79 -4.95
N PRO B 160 16.08 3.72 -4.45
CA PRO B 160 15.50 2.96 -3.33
C PRO B 160 15.57 3.74 -2.02
N ARG B 161 14.39 4.02 -1.44
N ARG B 161 14.39 4.04 -1.47
CA ARG B 161 14.27 4.75 -0.18
CA ARG B 161 14.25 4.76 -0.20
C ARG B 161 14.86 6.15 -0.26
C ARG B 161 14.87 6.16 -0.26
N THR B 162 14.89 6.76 -1.44
CA THR B 162 15.52 8.06 -1.60
C THR B 162 14.51 9.12 -1.15
N LEU B 163 14.98 10.27 -0.68
CA LEU B 163 14.04 11.36 -0.40
C LEU B 163 14.39 12.55 -1.27
N ILE B 164 13.54 12.84 -2.25
CA ILE B 164 13.65 14.03 -3.08
C ILE B 164 12.65 15.06 -2.54
N ALA B 165 13.16 16.03 -1.77
CA ALA B 165 12.31 17.00 -1.08
C ALA B 165 11.53 17.90 -2.03
N GLU B 166 11.99 18.08 -3.28
CA GLU B 166 11.33 18.93 -4.25
C GLU B 166 11.01 18.11 -5.49
N PRO B 167 10.00 17.24 -5.43
CA PRO B 167 9.75 16.32 -6.55
C PRO B 167 9.44 17.02 -7.87
N TYR B 168 8.65 18.09 -7.85
CA TYR B 168 8.27 18.75 -9.09
C TYR B 168 9.50 19.35 -9.77
N GLN B 169 10.36 20.02 -9.00
CA GLN B 169 11.53 20.66 -9.57
C GLN B 169 12.52 19.63 -10.10
N PHE B 170 12.67 18.51 -9.39
CA PHE B 170 13.54 17.44 -9.89
C PHE B 170 12.99 16.87 -11.20
N LEU B 171 11.71 16.53 -11.22
CA LEU B 171 11.14 15.85 -12.38
C LEU B 171 11.13 16.76 -13.60
N PHE B 172 10.62 17.97 -13.46
CA PHE B 172 10.47 18.89 -14.57
C PHE B 172 11.68 19.81 -14.77
N GLY B 173 12.72 19.65 -13.97
CA GLY B 173 14.02 20.21 -14.29
C GLY B 173 14.86 19.35 -15.20
N ALA B 174 14.31 18.22 -15.65
CA ALA B 174 14.99 17.31 -16.57
C ALA B 174 14.37 17.43 -17.97
N CYS B 175 15.21 17.22 -18.98
CA CYS B 175 14.77 17.28 -20.37
C CYS B 175 15.79 16.58 -21.25
N ALA B 176 15.30 15.92 -22.29
CA ALA B 176 16.15 15.19 -23.21
C ALA B 176 17.03 16.16 -24.00
N THR B 177 18.30 15.82 -24.12
CA THR B 177 19.24 16.58 -24.93
C THR B 177 19.09 16.18 -26.39
N VAL B 178 18.86 17.15 -27.27
CA VAL B 178 18.48 16.81 -28.64
C VAL B 178 19.44 17.38 -29.68
N ASP B 179 20.41 18.19 -29.29
CA ASP B 179 21.31 18.81 -30.28
C ASP B 179 22.29 17.81 -30.88
N SER B 180 22.56 16.68 -30.20
CA SER B 180 23.49 15.68 -30.71
C SER B 180 22.78 14.45 -31.25
N VAL B 181 21.52 14.58 -31.64
CA VAL B 181 20.81 13.43 -32.23
C VAL B 181 21.38 13.15 -33.62
N PRO B 182 21.80 11.91 -33.90
CA PRO B 182 22.40 11.60 -35.20
C PRO B 182 21.34 11.53 -36.29
N GLN B 183 21.83 11.47 -37.53
CA GLN B 183 20.95 11.35 -38.68
C GLN B 183 20.25 9.99 -38.67
N GLY B 184 19.00 9.98 -39.10
CA GLY B 184 18.17 8.80 -39.03
C GLY B 184 17.32 8.71 -37.79
N LYS B 185 17.66 9.44 -36.74
CA LYS B 185 16.82 9.63 -35.57
C LYS B 185 16.36 11.08 -35.52
N SER B 186 15.22 11.31 -34.87
CA SER B 186 14.57 12.61 -34.87
C SER B 186 14.47 13.17 -33.46
N ARG B 187 14.46 14.50 -33.39
CA ARG B 187 14.31 15.22 -32.13
C ARG B 187 13.00 14.87 -31.44
N PHE B 188 11.91 14.81 -32.21
CA PHE B 188 10.59 14.75 -31.59
C PHE B 188 10.41 13.46 -30.81
N GLU B 189 10.86 12.34 -31.37
CA GLU B 189 10.72 11.07 -30.68
C GLU B 189 11.55 11.04 -29.40
N GLN B 190 12.75 11.63 -29.44
CA GLN B 190 13.57 11.72 -28.23
C GLN B 190 12.81 12.45 -27.12
N ARG B 191 12.30 13.64 -27.42
CA ARG B 191 11.58 14.40 -26.39
C ARG B 191 10.34 13.64 -25.90
N ALA B 192 9.60 13.05 -26.84
CA ALA B 192 8.31 12.51 -26.47
C ALA B 192 8.42 11.15 -25.78
N ARG B 193 9.58 10.50 -25.93
N ARG B 193 9.55 10.47 -25.98
CA ARG B 193 9.86 9.33 -25.13
CA ARG B 193 9.96 9.32 -25.17
C ARG B 193 10.47 9.71 -23.77
C ARG B 193 10.41 9.75 -23.78
N PHE B 194 11.14 10.87 -23.70
CA PHE B 194 11.56 11.39 -22.40
C PHE B 194 10.37 11.71 -21.53
N GLU B 195 9.24 12.06 -22.13
CA GLU B 195 8.03 12.30 -21.34
C GLU B 195 7.62 11.04 -20.56
N GLU B 196 7.55 9.90 -21.25
CA GLU B 196 7.28 8.63 -20.58
C GLU B 196 8.36 8.29 -19.56
N THR B 197 9.63 8.55 -19.90
CA THR B 197 10.71 8.31 -18.93
C THR B 197 10.45 9.07 -17.62
N ARG B 198 10.12 10.35 -17.73
CA ARG B 198 9.83 11.15 -16.55
C ARG B 198 8.62 10.63 -15.79
N SER B 199 7.60 10.18 -16.52
CA SER B 199 6.43 9.60 -15.85
C SER B 199 6.82 8.38 -15.01
N THR B 200 7.66 7.51 -15.57
CA THR B 200 8.07 6.30 -14.85
C THR B 200 8.87 6.66 -13.59
N ILE B 201 9.84 7.55 -13.73
CA ILE B 201 10.64 7.90 -12.55
C ILE B 201 9.78 8.64 -11.52
N ALA B 202 8.75 9.37 -11.96
CA ALA B 202 7.84 10.00 -11.02
C ALA B 202 7.05 8.97 -10.25
N ARG B 203 6.62 7.89 -10.92
CA ARG B 203 5.98 6.79 -10.21
C ARG B 203 6.89 6.24 -9.11
N ALA B 204 8.16 6.02 -9.45
CA ALA B 204 9.10 5.52 -8.45
C ALA B 204 9.26 6.50 -7.29
N LEU B 205 9.34 7.79 -7.60
CA LEU B 205 9.55 8.80 -6.55
C LEU B 205 8.35 8.86 -5.61
N LEU B 206 7.14 8.76 -6.17
CA LEU B 206 5.94 8.75 -5.34
C LEU B 206 5.93 7.53 -4.42
N ALA B 207 6.21 6.35 -4.98
CA ALA B 207 6.25 5.15 -4.16
C ALA B 207 7.27 5.30 -3.04
N ASN B 208 8.38 5.98 -3.30
CA ASN B 208 9.32 6.31 -2.22
C ASN B 208 8.62 7.16 -1.16
N LEU B 209 8.03 8.27 -1.59
CA LEU B 209 7.45 9.25 -0.68
C LEU B 209 6.25 8.72 0.10
N HIS B 210 5.77 7.51 -0.17
CA HIS B 210 4.67 7.00 0.64
C HIS B 210 5.11 6.74 2.09
N SER B 211 6.30 6.16 2.24
CA SER B 211 6.98 5.93 3.51
C SER B 211 7.53 7.18 4.20
N GLU B 212 7.68 8.30 3.49
CA GLU B 212 8.74 9.23 3.86
C GLU B 212 8.41 10.64 3.40
N GLY B 213 9.13 11.60 3.99
CA GLY B 213 9.01 12.99 3.60
C GLY B 213 7.81 13.67 4.20
N SER B 214 7.78 14.99 4.05
CA SER B 214 6.67 15.79 4.54
C SER B 214 5.42 15.65 3.68
N GLU B 215 4.28 16.07 4.24
CA GLU B 215 3.00 16.01 3.50
C GLU B 215 3.15 16.85 2.22
N ASP B 216 3.69 18.06 2.35
CA ASP B 216 3.86 18.91 1.17
C ASP B 216 4.68 18.26 0.06
N THR B 217 5.77 17.59 0.42
CA THR B 217 6.56 16.88 -0.57
C THR B 217 5.73 15.78 -1.24
N TYR B 218 4.94 15.04 -0.45
CA TYR B 218 4.13 13.97 -1.01
C TYR B 218 3.12 14.52 -2.01
N TYR B 219 2.47 15.63 -1.68
CA TYR B 219 1.39 16.15 -2.52
C TYR B 219 1.95 16.83 -3.75
N ALA B 220 3.13 17.46 -3.64
CA ALA B 220 3.83 17.94 -4.81
C ALA B 220 4.21 16.77 -5.72
N ALA B 221 4.60 15.64 -5.15
CA ALA B 221 4.91 14.46 -5.95
C ALA B 221 3.66 13.92 -6.65
N VAL B 222 2.52 13.93 -5.95
CA VAL B 222 1.28 13.50 -6.58
C VAL B 222 0.94 14.40 -7.77
N LYS B 223 1.04 15.71 -7.58
CA LYS B 223 0.84 16.65 -8.67
C LYS B 223 1.77 16.35 -9.85
N ALA B 224 3.06 16.21 -9.55
CA ALA B 224 4.04 15.98 -10.60
C ALA B 224 3.77 14.68 -11.34
N SER B 225 3.38 13.62 -10.62
CA SER B 225 3.24 12.34 -11.28
C SER B 225 1.97 12.29 -12.13
N THR B 226 0.90 12.93 -11.66
CA THR B 226 -0.30 13.04 -12.49
C THR B 226 -0.01 13.82 -13.77
N LEU B 227 0.62 15.00 -13.62
CA LEU B 227 0.95 15.80 -14.79
C LEU B 227 1.86 15.04 -15.75
N SER B 228 2.86 14.34 -15.23
CA SER B 228 3.79 13.61 -16.09
C SER B 228 3.10 12.44 -16.79
N GLU B 229 2.20 11.74 -16.10
CA GLU B 229 1.47 10.65 -16.74
C GLU B 229 0.64 11.17 -17.91
N ASN B 230 -0.02 12.32 -17.72
CA ASN B 230 -0.85 12.84 -18.79
C ASN B 230 0.00 13.42 -19.93
N ARG B 231 1.13 14.02 -19.61
CA ARG B 231 2.04 14.50 -20.65
C ARG B 231 2.60 13.33 -21.47
N ALA B 232 2.91 12.22 -20.80
CA ALA B 232 3.39 11.04 -21.51
C ALA B 232 2.31 10.46 -22.41
N ARG B 233 1.06 10.46 -21.94
CA ARG B 233 -0.04 10.02 -22.81
C ARG B 233 -0.14 10.90 -24.04
N ILE B 234 -0.08 12.22 -23.87
CA ILE B 234 -0.11 13.14 -25.00
C ILE B 234 1.03 12.86 -25.96
N ALA B 235 2.23 12.65 -25.40
CA ALA B 235 3.42 12.44 -26.24
C ALA B 235 3.31 11.15 -27.03
N ARG B 236 2.85 10.06 -26.40
CA ARG B 236 2.71 8.80 -27.12
C ARG B 236 1.63 8.90 -28.20
N ALA B 237 0.55 9.63 -27.92
CA ALA B 237 -0.45 9.85 -28.96
C ALA B 237 0.13 10.65 -30.12
N LEU B 238 0.96 11.66 -29.84
CA LEU B 238 1.60 12.41 -30.90
C LEU B 238 2.54 11.53 -31.72
N ILE B 239 3.26 10.63 -31.06
CA ILE B 239 4.10 9.68 -31.78
C ILE B 239 3.26 8.83 -32.72
N LYS B 240 2.16 8.27 -32.19
CA LYS B 240 1.31 7.40 -32.99
C LYS B 240 0.68 8.15 -34.16
N ILE B 241 0.46 9.46 -33.99
CA ILE B 241 0.00 10.27 -35.11
C ILE B 241 1.09 10.42 -36.16
N ASN B 242 2.29 10.80 -35.71
CA ASN B 242 3.39 11.04 -36.64
C ASN B 242 3.74 9.79 -37.44
N SER B 243 3.75 8.64 -36.80
CA SER B 243 4.06 7.38 -37.48
C SER B 243 2.84 6.89 -38.27
N ARG B 254 -3.20 2.65 -42.70
CA ARG B 254 -2.46 3.61 -41.89
C ARG B 254 -3.40 4.70 -41.34
N ALA B 255 -4.55 4.86 -42.00
CA ALA B 255 -5.53 5.83 -41.52
C ALA B 255 -6.13 5.41 -40.17
N VAL B 256 -6.22 4.10 -39.92
CA VAL B 256 -6.70 3.63 -38.62
C VAL B 256 -5.76 4.07 -37.51
N SER B 257 -4.44 3.96 -37.75
CA SER B 257 -3.47 4.38 -36.75
C SER B 257 -3.55 5.89 -36.52
N PHE B 258 -3.74 6.67 -37.58
CA PHE B 258 -3.88 8.11 -37.42
C PHE B 258 -5.12 8.46 -36.61
N LEU B 259 -6.25 7.80 -36.91
CA LEU B 259 -7.46 8.05 -36.14
C LEU B 259 -7.28 7.68 -34.67
N THR B 260 -6.63 6.54 -34.41
CA THR B 260 -6.43 6.11 -33.03
C THR B 260 -5.49 7.05 -32.29
N GLY B 261 -4.44 7.52 -32.94
CA GLY B 261 -3.56 8.49 -32.32
C GLY B 261 -4.25 9.81 -32.02
N PHE B 262 -5.08 10.28 -32.96
CA PHE B 262 -5.81 11.52 -32.74
C PHE B 262 -6.79 11.37 -31.58
N ALA B 263 -7.50 10.24 -31.53
CA ALA B 263 -8.45 10.01 -30.43
C ALA B 263 -7.72 9.93 -29.09
N SER B 264 -6.58 9.25 -29.08
CA SER B 264 -5.76 9.16 -27.87
C SER B 264 -5.28 10.52 -27.43
N ALA B 265 -4.89 11.37 -28.38
CA ALA B 265 -4.42 12.72 -28.05
C ALA B 265 -5.55 13.55 -27.46
N ILE B 266 -6.74 13.48 -28.05
CA ILE B 266 -7.88 14.21 -27.50
C ILE B 266 -8.21 13.70 -26.09
N SER B 267 -8.15 12.37 -25.92
CA SER B 267 -8.47 11.79 -24.61
C SER B 267 -7.48 12.25 -23.55
N ALA B 268 -6.19 12.26 -23.91
CA ALA B 268 -5.17 12.74 -22.98
C ALA B 268 -5.33 14.22 -22.68
N VAL B 269 -5.73 15.01 -23.69
CA VAL B 269 -5.96 16.45 -23.48
C VAL B 269 -7.08 16.64 -22.47
N VAL B 270 -8.17 15.89 -22.66
CA VAL B 270 -9.36 16.01 -21.85
C VAL B 270 -9.05 15.59 -20.41
N GLY B 271 -8.26 14.52 -20.26
CA GLY B 271 -7.92 14.08 -18.92
C GLY B 271 -6.97 15.04 -18.25
N MET B 272 -6.07 15.66 -19.02
CA MET B 272 -5.28 16.76 -18.49
C MET B 272 -6.17 17.83 -17.90
N LEU B 273 -7.17 18.26 -18.68
CA LEU B 273 -8.02 19.38 -18.25
C LEU B 273 -8.79 19.03 -16.98
N ILE B 274 -9.48 17.89 -16.98
CA ILE B 274 -10.28 17.51 -15.82
C ILE B 274 -9.40 17.30 -14.59
N LEU B 275 -8.27 16.60 -14.75
CA LEU B 275 -7.42 16.33 -13.60
C LEU B 275 -6.84 17.62 -13.04
N LEU B 276 -6.43 18.55 -13.91
CA LEU B 276 -5.92 19.83 -13.45
C LEU B 276 -6.98 20.60 -12.69
N VAL B 277 -8.21 20.64 -13.21
CA VAL B 277 -9.27 21.38 -12.54
C VAL B 277 -9.55 20.77 -11.17
N MET B 278 -9.68 19.44 -11.11
CA MET B 278 -10.01 18.79 -9.85
C MET B 278 -8.90 18.97 -8.82
N GLY B 279 -7.64 18.81 -9.24
CA GLY B 279 -6.55 18.89 -8.27
C GLY B 279 -6.29 20.32 -7.83
N SER B 280 -6.49 21.29 -8.71
CA SER B 280 -6.45 22.68 -8.29
C SER B 280 -7.57 22.98 -7.32
N LEU B 281 -8.74 22.37 -7.51
CA LEU B 281 -9.90 22.65 -6.67
C LEU B 281 -9.87 21.93 -5.33
N ASN B 282 -9.08 20.86 -5.19
CA ASN B 282 -9.03 20.13 -3.93
C ASN B 282 -7.62 19.97 -3.37
N GLY B 283 -6.66 20.76 -3.85
CA GLY B 283 -5.30 20.61 -3.39
C GLY B 283 -4.69 19.25 -3.68
N TRP B 284 -5.12 18.63 -4.79
CA TRP B 284 -4.62 17.34 -5.25
C TRP B 284 -4.88 16.25 -4.21
N GLY B 285 -6.06 16.30 -3.58
CA GLY B 285 -6.44 15.32 -2.60
C GLY B 285 -5.96 15.61 -1.20
N SER B 286 -5.56 16.84 -0.91
CA SER B 286 -4.99 17.19 0.39
C SER B 286 -6.00 17.81 1.35
N SER B 287 -6.77 18.81 0.92
CA SER B 287 -7.45 19.69 1.87
C SER B 287 -8.95 19.66 1.60
N ILE B 288 -9.71 19.09 2.56
CA ILE B 288 -11.16 19.09 2.47
C ILE B 288 -11.71 20.50 2.53
N SER B 289 -11.03 21.39 3.26
CA SER B 289 -11.53 22.74 3.47
C SER B 289 -11.64 23.51 2.16
N ARG B 290 -10.64 23.36 1.28
CA ARG B 290 -10.69 24.05 0.00
C ARG B 290 -11.88 23.59 -0.84
N ALA B 291 -12.14 22.28 -0.85
CA ALA B 291 -13.29 21.76 -1.58
C ALA B 291 -14.59 22.28 -0.99
N MET B 292 -14.68 22.31 0.35
CA MET B 292 -15.84 22.92 1.00
C MET B 292 -16.01 24.37 0.56
N LEU B 293 -14.90 25.09 0.41
CA LEU B 293 -14.97 26.51 0.09
C LEU B 293 -15.39 26.74 -1.36
N VAL B 294 -14.88 25.93 -2.29
CA VAL B 294 -15.37 26.07 -3.66
C VAL B 294 -16.83 25.65 -3.77
N GLY B 295 -17.27 24.65 -2.99
CA GLY B 295 -18.68 24.31 -2.96
C GLY B 295 -19.53 25.47 -2.48
N VAL B 296 -19.08 26.13 -1.40
CA VAL B 296 -19.84 27.23 -0.84
C VAL B 296 -19.85 28.41 -1.80
N VAL B 297 -18.75 28.67 -2.50
CA VAL B 297 -18.70 29.75 -3.46
C VAL B 297 -19.66 29.49 -4.61
N ALA B 298 -19.66 28.26 -5.15
CA ALA B 298 -20.55 27.93 -6.25
C ALA B 298 -22.01 28.04 -5.83
N ILE B 299 -22.34 27.52 -4.65
CA ILE B 299 -23.71 27.60 -4.15
C ILE B 299 -24.12 29.06 -3.98
N SER B 300 -23.22 29.88 -3.44
CA SER B 300 -23.51 31.30 -3.26
C SER B 300 -23.76 32.00 -4.58
N CYS B 301 -22.95 31.68 -5.60
CA CYS B 301 -23.14 32.30 -6.91
C CYS B 301 -24.49 31.92 -7.51
N VAL B 302 -24.85 30.64 -7.42
CA VAL B 302 -26.15 30.21 -7.96
C VAL B 302 -27.29 30.86 -7.18
N ALA B 303 -27.13 30.99 -5.86
CA ALA B 303 -28.17 31.60 -5.05
C ALA B 303 -28.32 33.09 -5.37
N TYR B 304 -27.20 33.78 -5.59
CA TYR B 304 -27.25 35.17 -6.00
C TYR B 304 -27.95 35.32 -7.34
N ARG B 305 -27.70 34.37 -8.26
CA ARG B 305 -28.38 34.43 -9.54
C ARG B 305 -29.89 34.22 -9.37
N TYR B 306 -30.28 33.25 -8.54
CA TYR B 306 -31.69 33.09 -8.21
C TYR B 306 -32.29 34.39 -7.69
N HIS B 307 -31.60 35.03 -6.73
CA HIS B 307 -32.15 36.22 -6.08
C HIS B 307 -32.23 37.40 -7.04
N TYR B 308 -31.23 37.56 -7.90
CA TYR B 308 -31.23 38.70 -8.82
C TYR B 308 -32.23 38.50 -9.96
N ARG B 309 -32.35 37.29 -10.47
CA ARG B 309 -33.11 37.08 -11.70
C ARG B 309 -34.57 36.69 -11.45
N PHE B 310 -34.82 35.80 -10.48
CA PHE B 310 -36.17 35.28 -10.28
C PHE B 310 -36.79 35.78 -8.98
N ASN B 311 -36.23 36.84 -8.39
CA ASN B 311 -36.84 37.54 -7.26
C ASN B 311 -37.10 36.61 -6.08
N LEU B 312 -36.08 35.85 -5.71
CA LEU B 312 -36.21 35.02 -4.52
C LEU B 312 -35.43 35.64 -3.37
N PRO B 313 -36.01 35.69 -2.17
CA PRO B 313 -35.29 36.26 -1.05
C PRO B 313 -34.02 35.49 -0.76
N PRO B 314 -32.98 36.16 -0.26
CA PRO B 314 -31.68 35.48 -0.10
C PRO B 314 -31.73 34.30 0.86
N GLU B 315 -32.51 34.41 1.93
CA GLU B 315 -32.54 33.42 3.00
C GLU B 315 -33.16 32.09 2.57
N ASP B 316 -33.71 32.01 1.35
CA ASP B 316 -34.10 30.72 0.79
C ASP B 316 -33.66 30.53 -0.65
N ALA B 317 -33.17 31.57 -1.32
CA ALA B 317 -32.35 31.34 -2.51
C ALA B 317 -31.11 30.54 -2.15
N MET B 318 -30.54 30.84 -0.98
CA MET B 318 -29.40 30.03 -0.52
C MET B 318 -29.88 28.59 -0.30
N VAL B 319 -31.10 28.39 0.20
CA VAL B 319 -31.57 27.06 0.53
C VAL B 319 -31.86 26.26 -0.73
N LYS B 320 -32.49 26.89 -1.72
CA LYS B 320 -32.70 26.24 -3.00
C LYS B 320 -31.37 25.89 -3.67
N ALA B 321 -30.39 26.80 -3.58
CA ALA B 321 -29.09 26.54 -4.19
C ALA B 321 -28.41 25.32 -3.56
N THR B 322 -28.40 25.26 -2.22
CA THR B 322 -27.78 24.10 -1.57
C THR B 322 -28.62 22.85 -1.71
N GLU B 323 -29.91 23.00 -1.99
CA GLU B 323 -30.81 21.86 -2.16
C GLU B 323 -30.63 21.21 -3.51
N ILE B 324 -30.34 22.02 -4.53
CA ILE B 324 -30.09 21.47 -5.86
C ILE B 324 -28.62 21.08 -6.02
N PHE B 325 -27.73 21.75 -5.30
CA PHE B 325 -26.31 21.43 -5.38
C PHE B 325 -26.02 20.03 -4.87
N PHE B 326 -26.61 19.66 -3.74
CA PHE B 326 -26.39 18.34 -3.17
C PHE B 326 -27.32 17.30 -3.77
N LEU B 327 -28.19 17.70 -4.71
CA LEU B 327 -28.96 16.81 -5.57
C LEU B 327 -30.11 16.10 -4.88
N PHE B 328 -30.22 16.22 -3.55
CA PHE B 328 -31.31 15.53 -2.88
C PHE B 328 -32.64 16.28 -3.00
N GLY B 329 -32.61 17.55 -3.42
CA GLY B 329 -33.83 18.31 -3.59
C GLY B 329 -34.04 18.80 -5.01
N TYR B 330 -33.51 18.06 -5.98
CA TYR B 330 -33.50 18.52 -7.37
C TYR B 330 -34.92 18.52 -7.96
N THR B 331 -35.64 17.42 -7.80
CA THR B 331 -36.94 17.26 -8.45
C THR B 331 -38.02 18.20 -7.89
N ASN B 332 -37.83 18.74 -6.70
CA ASN B 332 -38.79 19.71 -6.18
C ASN B 332 -38.76 21.02 -6.94
N TYR B 333 -37.65 21.35 -7.61
CA TYR B 333 -37.51 22.64 -8.28
C TYR B 333 -37.32 22.55 -9.78
N ALA B 334 -37.03 21.36 -10.32
CA ALA B 334 -36.74 21.23 -11.75
C ALA B 334 -38.02 20.89 -12.50
N LYS B 335 -38.36 21.73 -13.48
CA LYS B 335 -39.53 21.51 -14.32
C LYS B 335 -39.19 21.96 -15.73
N MET B 336 -39.34 21.05 -16.70
CA MET B 336 -38.96 21.38 -18.07
C MET B 336 -39.90 22.44 -18.63
N GLY B 337 -39.32 23.46 -19.26
CA GLY B 337 -40.07 24.56 -19.81
C GLY B 337 -40.21 25.77 -18.91
N GLN B 338 -39.71 25.69 -17.68
CA GLN B 338 -39.73 26.81 -16.76
C GLN B 338 -38.54 27.75 -17.03
N GLU B 339 -38.69 28.99 -16.57
CA GLU B 339 -37.66 30.00 -16.83
C GLU B 339 -36.33 29.64 -16.18
N ASP B 340 -36.36 29.11 -14.96
CA ASP B 340 -35.16 28.79 -14.21
C ASP B 340 -34.69 27.35 -14.42
N PHE B 341 -35.27 26.63 -15.37
CA PHE B 341 -34.95 25.22 -15.53
C PHE B 341 -33.49 25.02 -15.93
N HIS B 342 -33.00 25.82 -16.87
CA HIS B 342 -31.59 25.71 -17.27
C HIS B 342 -30.66 26.02 -16.12
N LEU B 343 -30.99 27.05 -15.32
CA LEU B 343 -30.18 27.38 -14.15
C LEU B 343 -30.18 26.24 -13.13
N VAL B 344 -31.35 25.64 -12.89
CA VAL B 344 -31.44 24.52 -11.96
C VAL B 344 -30.59 23.35 -12.45
N PHE B 345 -30.67 23.06 -13.74
CA PHE B 345 -29.89 21.95 -14.31
C PHE B 345 -28.40 22.22 -14.20
N SER B 346 -27.97 23.46 -14.49
CA SER B 346 -26.58 23.83 -14.25
C SER B 346 -26.15 23.70 -12.80
N ASN B 347 -27.03 24.06 -11.87
CA ASN B 347 -26.70 23.94 -10.45
C ASN B 347 -26.53 22.47 -10.06
N ALA B 348 -27.38 21.59 -10.61
CA ALA B 348 -27.23 20.17 -10.37
C ALA B 348 -25.91 19.64 -10.94
N LEU B 349 -25.56 20.07 -12.15
CA LEU B 349 -24.30 19.62 -12.75
C LEU B 349 -23.09 20.10 -11.94
N LEU B 350 -23.15 21.35 -11.47
CA LEU B 350 -22.10 21.86 -10.60
C LEU B 350 -22.00 21.02 -9.33
N GLY B 351 -23.14 20.65 -8.75
CA GLY B 351 -23.11 19.80 -7.57
C GLY B 351 -22.51 18.43 -7.84
N LEU B 352 -22.82 17.85 -8.99
CA LEU B 352 -22.26 16.54 -9.32
C LEU B 352 -20.75 16.61 -9.47
N PHE B 353 -20.26 17.65 -10.16
CA PHE B 353 -18.81 17.84 -10.26
C PHE B 353 -18.20 18.04 -8.90
N TRP B 354 -18.88 18.79 -8.03
CA TRP B 354 -18.35 19.03 -6.69
C TRP B 354 -18.28 17.74 -5.89
N TYR B 355 -19.27 16.85 -6.06
CA TYR B 355 -19.19 15.54 -5.43
C TYR B 355 -17.94 14.80 -5.89
N ALA B 356 -17.73 14.76 -7.21
CA ALA B 356 -16.54 14.11 -7.76
C ALA B 356 -15.25 14.73 -7.22
N ILE B 357 -15.27 16.03 -6.95
CA ILE B 357 -14.09 16.70 -6.41
C ILE B 357 -13.89 16.35 -4.94
N ALA B 358 -14.96 16.36 -4.15
CA ALA B 358 -14.88 16.36 -2.70
C ALA B 358 -14.77 14.97 -2.09
N ILE B 359 -15.43 13.97 -2.67
CA ILE B 359 -15.41 12.63 -2.08
C ILE B 359 -14.00 12.09 -1.90
N PRO B 360 -13.10 12.16 -2.90
CA PRO B 360 -11.75 11.59 -2.68
C PRO B 360 -10.94 12.34 -1.63
N THR B 361 -11.20 13.63 -1.40
CA THR B 361 -10.51 14.34 -0.33
C THR B 361 -10.86 13.75 1.03
N ILE B 362 -12.15 13.51 1.25
CA ILE B 362 -12.59 12.87 2.49
C ILE B 362 -12.01 11.47 2.61
N SER B 363 -12.02 10.73 1.50
CA SER B 363 -11.44 9.38 1.52
C SER B 363 -9.96 9.42 1.90
N ASN B 364 -9.21 10.36 1.35
CA ASN B 364 -7.79 10.47 1.65
C ASN B 364 -7.56 10.86 3.10
N ARG B 365 -8.34 11.82 3.61
CA ARG B 365 -8.12 12.29 4.97
C ARG B 365 -8.58 11.27 6.01
N LEU B 366 -9.49 10.38 5.64
CA LEU B 366 -9.98 9.37 6.58
C LEU B 366 -9.34 8.00 6.38
N THR B 367 -8.89 7.68 5.16
CA THR B 367 -8.21 6.42 4.88
C THR B 367 -6.77 6.72 4.49
N ARG B 368 -5.83 6.16 5.23
CA ARG B 368 -4.41 6.38 4.97
C ARG B 368 -3.79 5.18 4.25
N PRO C 26 38.98 4.93 31.39
CA PRO C 26 38.94 5.49 30.03
C PRO C 26 37.95 6.66 29.94
N SER C 27 38.29 7.64 29.11
CA SER C 27 37.47 8.84 28.94
C SER C 27 37.43 9.22 27.47
N ALA C 28 36.41 9.99 27.12
CA ALA C 28 36.20 10.42 25.74
C ALA C 28 35.72 11.86 25.73
N ALA C 29 35.90 12.52 24.59
CA ALA C 29 35.49 13.92 24.48
C ALA C 29 33.97 14.02 24.46
N SER C 30 33.46 15.03 25.16
CA SER C 30 32.04 15.35 25.10
C SER C 30 31.65 15.76 23.69
N ARG C 31 30.46 15.32 23.26
CA ARG C 31 30.06 15.48 21.87
C ARG C 31 29.53 16.88 21.60
N GLY C 32 29.74 17.35 20.37
CA GLY C 32 29.24 18.65 19.98
C GLY C 32 27.73 18.73 19.99
N ARG C 33 27.06 17.59 19.83
CA ARG C 33 25.60 17.56 19.91
C ARG C 33 25.12 18.05 21.28
N ARG C 34 25.86 17.73 22.34
CA ARG C 34 25.50 18.19 23.67
C ARG C 34 25.97 19.61 23.93
N THR C 35 27.18 19.97 23.47
CA THR C 35 27.79 21.22 23.87
C THR C 35 27.62 22.35 22.86
N LYS C 36 27.22 22.05 21.63
CA LYS C 36 27.12 23.09 20.59
C LYS C 36 25.74 23.20 19.99
N ASN C 37 25.05 22.09 19.75
CA ASN C 37 23.77 22.11 19.05
C ASN C 37 22.69 22.60 20.00
N TRP C 38 22.43 23.91 19.96
CA TRP C 38 21.53 24.55 20.91
C TRP C 38 20.06 24.15 20.71
N TRP C 39 19.71 23.50 19.59
CA TRP C 39 18.36 23.02 19.39
C TRP C 39 18.09 21.69 20.08
N GLU C 40 19.11 21.04 20.64
CA GLU C 40 18.94 19.71 21.21
C GLU C 40 18.43 19.81 22.65
N PRO C 41 17.63 18.83 23.09
CA PRO C 41 17.07 18.88 24.45
C PRO C 41 18.11 18.79 25.54
N MET C 42 19.20 18.05 25.33
CA MET C 42 20.25 17.87 26.32
C MET C 42 21.34 18.94 26.22
N PHE C 43 21.11 20.00 25.43
CA PHE C 43 22.15 20.99 25.18
C PHE C 43 22.58 21.64 26.48
N ASP C 44 23.90 21.63 26.73
CA ASP C 44 24.46 22.22 27.94
C ASP C 44 25.81 22.81 27.51
N ALA C 45 25.87 24.14 27.39
CA ALA C 45 27.15 24.77 27.03
C ALA C 45 28.20 24.59 28.10
N ASN C 46 27.78 24.35 29.35
CA ASN C 46 28.70 24.15 30.46
C ASN C 46 28.94 22.68 30.77
N ALA C 47 28.63 21.78 29.84
CA ALA C 47 28.85 20.36 30.06
C ALA C 47 30.34 20.09 30.21
N PRO C 48 30.72 19.08 30.99
CA PRO C 48 32.15 18.77 31.17
C PRO C 48 32.79 18.37 29.85
N ALA C 49 34.08 18.66 29.73
CA ALA C 49 34.80 18.37 28.50
C ALA C 49 34.93 16.87 28.25
N SER C 50 34.91 16.07 29.31
CA SER C 50 35.15 14.64 29.20
C SER C 50 33.99 13.84 29.77
N PHE C 51 33.71 12.71 29.15
CA PHE C 51 32.74 11.74 29.62
C PHE C 51 33.46 10.44 29.93
N SER C 52 33.05 9.79 31.03
CA SER C 52 33.58 8.47 31.33
C SER C 52 33.09 7.46 30.32
N VAL C 53 33.97 6.54 29.93
CA VAL C 53 33.61 5.48 28.99
C VAL C 53 33.18 4.26 29.79
N SER C 54 31.94 3.83 29.58
CA SER C 54 31.37 2.75 30.36
C SER C 54 31.95 1.40 29.94
N ASP C 55 32.12 0.53 30.93
CA ASP C 55 32.34 -0.89 30.70
C ASP C 55 31.04 -1.70 30.79
N TRP C 56 29.89 -1.02 30.89
CA TRP C 56 28.57 -1.65 30.87
C TRP C 56 28.34 -2.58 32.05
N ASN C 57 28.99 -2.31 33.18
CA ASN C 57 28.79 -3.08 34.40
C ASN C 57 27.88 -2.26 35.32
N PHE C 58 26.63 -2.70 35.45
CA PHE C 58 25.64 -2.01 36.26
C PHE C 58 25.47 -2.62 37.64
N SER C 59 26.28 -3.61 38.01
CA SER C 59 26.17 -4.22 39.32
C SER C 59 26.52 -3.24 40.43
N ASN C 60 27.53 -2.41 40.21
CA ASN C 60 27.98 -1.48 41.25
C ASN C 60 27.14 -0.21 41.28
N ASN C 61 26.88 0.39 40.11
CA ASN C 61 26.19 1.67 40.04
C ASN C 61 24.89 1.50 39.25
N ARG C 62 23.76 1.78 39.90
CA ARG C 62 22.47 1.73 39.23
C ARG C 62 22.18 2.98 38.42
N GLY C 63 22.81 4.11 38.74
CA GLY C 63 22.66 5.29 37.94
C GLY C 63 23.97 5.83 37.42
N PRO C 64 24.20 5.67 36.12
CA PRO C 64 25.41 6.26 35.52
C PRO C 64 25.19 7.73 35.19
N ARG C 65 26.28 8.50 35.26
CA ARG C 65 26.25 9.94 35.03
C ARG C 65 27.38 10.35 34.09
N CYS C 66 27.06 11.22 33.13
CA CYS C 66 28.05 11.78 32.21
C CYS C 66 28.92 10.69 31.59
N THR C 67 28.25 9.66 31.08
CA THR C 67 28.91 8.43 30.64
C THR C 67 28.61 8.16 29.18
N LEU C 68 29.61 7.70 28.45
CA LEU C 68 29.46 7.32 27.05
C LEU C 68 29.35 5.81 26.95
N PHE C 69 28.28 5.33 26.34
CA PHE C 69 28.03 3.90 26.17
C PHE C 69 28.29 3.54 24.71
N LEU C 70 29.45 2.94 24.45
CA LEU C 70 29.84 2.57 23.09
C LEU C 70 29.34 1.17 22.77
N ALA C 71 28.88 1.00 21.52
CA ALA C 71 28.43 -0.32 21.09
C ALA C 71 29.58 -1.31 21.01
N GLU C 72 30.81 -0.84 20.86
CA GLU C 72 31.95 -1.75 20.78
C GLU C 72 32.35 -2.28 22.14
N LYS C 73 31.84 -1.69 23.23
CA LYS C 73 32.27 -2.05 24.58
C LYS C 73 31.19 -2.75 25.39
N MET C 74 30.03 -3.06 24.81
CA MET C 74 29.06 -3.84 25.55
C MET C 74 29.57 -5.28 25.70
N PRO C 75 29.22 -5.96 26.79
CA PRO C 75 29.74 -7.30 27.02
C PRO C 75 29.24 -8.28 25.97
N ASP C 76 30.01 -9.36 25.78
CA ASP C 76 29.65 -10.39 24.82
C ASP C 76 28.43 -11.15 25.31
N ALA C 77 27.30 -10.95 24.65
CA ALA C 77 26.06 -11.61 25.04
C ALA C 77 25.14 -11.67 23.83
N THR C 78 24.32 -12.72 23.78
CA THR C 78 23.33 -12.83 22.72
C THR C 78 22.18 -11.87 22.93
N THR C 79 21.75 -11.69 24.19
CA THR C 79 20.76 -10.68 24.55
C THR C 79 21.19 -10.07 25.88
N LEU C 80 21.40 -8.77 25.89
CA LEU C 80 21.77 -8.05 27.11
C LEU C 80 20.51 -7.41 27.70
N VAL C 81 20.17 -7.81 28.91
CA VAL C 81 19.01 -7.27 29.62
C VAL C 81 19.49 -6.20 30.58
N VAL C 82 19.08 -4.97 30.35
CA VAL C 82 19.43 -3.83 31.19
C VAL C 82 18.19 -3.43 31.94
N LYS C 83 18.22 -3.57 33.27
CA LYS C 83 17.02 -3.47 34.09
C LYS C 83 17.21 -2.44 35.19
N ASP C 84 16.23 -1.53 35.31
CA ASP C 84 16.14 -0.59 36.42
C ASP C 84 17.38 0.29 36.55
N ILE C 85 17.86 0.79 35.41
CA ILE C 85 19.02 1.67 35.37
C ILE C 85 18.56 3.07 35.06
N ASP C 86 19.00 4.04 35.87
CA ASP C 86 18.60 5.43 35.73
C ASP C 86 19.76 6.17 35.04
N PHE C 87 19.63 6.35 33.73
CA PHE C 87 20.63 7.09 32.98
C PHE C 87 20.36 8.58 33.05
N GLN C 88 21.42 9.37 33.25
CA GLN C 88 21.30 10.82 33.21
C GLN C 88 22.54 11.41 32.56
N ASP C 89 22.32 12.29 31.57
CA ASP C 89 23.41 12.95 30.85
C ASP C 89 24.37 11.93 30.21
N CYS C 90 23.81 10.89 29.62
CA CYS C 90 24.59 9.82 29.01
C CYS C 90 24.49 9.87 27.49
N ASP C 91 25.54 9.38 26.83
CA ASP C 91 25.60 9.31 25.38
C ASP C 91 25.71 7.87 24.94
N PHE C 92 25.07 7.55 23.82
CA PHE C 92 25.20 6.27 23.15
C PHE C 92 25.83 6.49 21.78
N GLN C 93 26.64 5.52 21.35
CA GLN C 93 27.36 5.68 20.10
C GLN C 93 27.72 4.32 19.54
N GLY C 94 27.61 4.17 18.22
CA GLY C 94 28.05 2.99 17.54
C GLY C 94 26.91 2.18 16.94
N THR C 95 27.28 1.01 16.42
CA THR C 95 26.33 0.10 15.79
C THR C 95 26.00 -1.01 16.79
N PHE C 96 24.86 -0.85 17.47
CA PHE C 96 24.39 -1.84 18.45
C PHE C 96 23.70 -2.96 17.68
N GLU C 97 24.52 -3.89 17.19
CA GLU C 97 24.02 -5.04 16.45
C GLU C 97 23.42 -6.09 17.37
N ARG C 98 24.04 -6.32 18.53
CA ARG C 98 23.55 -7.31 19.48
C ARG C 98 22.27 -6.81 20.14
N LYS C 99 21.38 -7.76 20.47
CA LYS C 99 20.07 -7.40 21.01
C LYS C 99 20.22 -6.86 22.44
N ILE C 100 19.51 -5.76 22.72
CA ILE C 100 19.47 -5.15 24.04
C ILE C 100 18.02 -5.02 24.46
N VAL C 101 17.74 -5.36 25.72
CA VAL C 101 16.43 -5.16 26.31
C VAL C 101 16.59 -4.17 27.46
N PHE C 102 16.03 -2.98 27.30
CA PHE C 102 15.97 -2.00 28.38
C PHE C 102 14.65 -2.19 29.12
N LYS C 103 14.73 -2.58 30.39
CA LYS C 103 13.54 -2.89 31.19
C LYS C 103 13.42 -1.88 32.31
N ASP C 104 12.38 -1.04 32.23
CA ASP C 104 12.07 -0.05 33.27
C ASP C 104 13.26 0.87 33.54
N CYS C 105 13.95 1.26 32.49
CA CYS C 105 15.07 2.19 32.64
C CYS C 105 14.58 3.63 32.52
N LYS C 106 15.37 4.55 33.06
CA LYS C 106 15.09 5.97 33.00
C LYS C 106 16.20 6.68 32.26
N PHE C 107 15.83 7.45 31.24
CA PHE C 107 16.77 8.24 30.45
C PHE C 107 16.45 9.71 30.64
N THR C 108 17.41 10.47 31.20
CA THR C 108 17.23 11.89 31.45
C THR C 108 18.37 12.64 30.76
N ARG C 109 18.02 13.49 29.81
CA ARG C 109 19.00 14.26 29.03
C ARG C 109 20.04 13.32 28.40
N CYS C 110 19.54 12.24 27.81
CA CYS C 110 20.38 11.23 27.17
C CYS C 110 20.38 11.44 25.67
N ASP C 111 21.54 11.22 25.05
CA ASP C 111 21.72 11.37 23.61
C ASP C 111 21.88 9.99 22.99
N PHE C 112 20.86 9.55 22.26
CA PHE C 112 20.96 8.34 21.47
C PHE C 112 21.57 8.60 20.09
N GLY C 113 21.95 9.84 19.81
CA GLY C 113 22.45 10.19 18.49
C GLY C 113 23.73 9.46 18.14
N LEU C 114 24.00 9.42 16.84
CA LEU C 114 25.19 8.77 16.29
C LEU C 114 25.21 7.28 16.65
N SER C 115 24.04 6.65 16.62
CA SER C 115 23.92 5.23 16.96
C SER C 115 22.93 4.56 16.00
N THR C 116 23.16 3.27 15.78
CA THR C 116 22.26 2.43 15.00
C THR C 116 21.92 1.22 15.84
N PHE C 117 20.72 1.21 16.42
CA PHE C 117 20.24 0.10 17.23
C PHE C 117 19.52 -0.90 16.34
N SER C 118 19.80 -2.18 16.55
CA SER C 118 19.14 -3.26 15.81
C SER C 118 18.39 -4.14 16.79
N ARG C 119 17.07 -4.22 16.63
CA ARG C 119 16.22 -5.07 17.45
C ARG C 119 16.39 -4.76 18.94
N THR C 120 16.37 -3.47 19.27
CA THR C 120 16.42 -3.03 20.66
C THR C 120 15.00 -2.87 21.19
N LYS C 121 14.76 -3.42 22.39
CA LYS C 121 13.46 -3.39 23.02
C LYS C 121 13.50 -2.47 24.23
N PHE C 122 12.72 -1.39 24.17
CA PHE C 122 12.50 -0.51 25.31
C PHE C 122 11.18 -0.87 25.95
N SER C 123 11.23 -1.48 27.13
CA SER C 123 10.05 -1.99 27.82
C SER C 123 9.87 -1.23 29.13
N GLY C 124 8.81 -0.42 29.20
CA GLY C 124 8.51 0.32 30.41
C GLY C 124 9.48 1.42 30.76
N CYS C 125 10.17 1.97 29.76
CA CYS C 125 11.19 2.98 30.00
C CYS C 125 10.59 4.39 29.99
N SER C 126 11.29 5.31 30.64
CA SER C 126 10.89 6.71 30.70
C SER C 126 11.97 7.57 30.07
N PHE C 127 11.56 8.43 29.15
CA PHE C 127 12.47 9.33 28.45
C PHE C 127 12.14 10.77 28.82
N TYR C 128 13.14 11.51 29.29
CA TYR C 128 12.98 12.92 29.64
C TYR C 128 14.10 13.72 29.01
N ALA C 129 13.74 14.69 28.17
CA ALA C 129 14.69 15.63 27.57
C ALA C 129 15.80 14.89 26.82
N SER C 130 15.43 13.78 26.18
CA SER C 130 16.37 12.94 25.45
C SER C 130 16.13 13.07 23.95
N SER C 131 17.18 12.89 23.17
CA SER C 131 17.16 13.15 21.74
C SER C 131 17.28 11.86 20.94
N PHE C 132 16.47 11.74 19.90
CA PHE C 132 16.57 10.65 18.93
C PHE C 132 17.03 11.12 17.56
N THR C 133 17.58 12.33 17.46
CA THR C 133 18.09 12.82 16.19
C THR C 133 19.40 12.14 15.83
N GLN C 134 19.63 12.00 14.52
CA GLN C 134 20.82 11.32 13.99
C GLN C 134 20.92 9.90 14.53
N CYS C 135 19.77 9.23 14.65
CA CYS C 135 19.67 7.90 15.20
C CYS C 135 18.96 6.98 14.21
N THR C 136 19.41 5.73 14.14
CA THR C 136 18.70 4.71 13.37
C THR C 136 18.19 3.66 14.33
N LEU C 137 16.90 3.38 14.26
CA LEU C 137 16.27 2.34 15.07
C LEU C 137 15.69 1.29 14.12
N GLU C 138 16.51 0.28 13.81
CA GLU C 138 16.15 -0.80 12.90
C GLU C 138 15.41 -1.89 13.65
N ASN C 139 14.14 -2.09 13.31
CA ASN C 139 13.33 -3.18 13.87
C ASN C 139 13.32 -3.15 15.40
N CYS C 140 13.22 -1.95 15.95
CA CYS C 140 13.18 -1.77 17.40
C CYS C 140 11.74 -1.74 17.90
N GLU C 141 11.58 -1.71 19.21
CA GLU C 141 10.27 -1.70 19.83
C GLU C 141 10.28 -0.82 21.07
N PHE C 142 9.30 0.07 21.16
CA PHE C 142 9.05 0.88 22.35
C PHE C 142 7.67 0.51 22.88
N ARG C 143 7.62 -0.04 24.09
CA ARG C 143 6.39 -0.53 24.67
C ARG C 143 6.22 -0.01 26.09
N ASN C 144 5.02 0.50 26.39
CA ASN C 144 4.68 1.00 27.72
C ASN C 144 5.67 2.05 28.20
N CYS C 145 6.10 2.91 27.29
CA CYS C 145 7.10 3.93 27.59
C CYS C 145 6.43 5.29 27.80
N LYS C 146 7.11 6.12 28.60
CA LYS C 146 6.69 7.49 28.85
C LYS C 146 7.68 8.44 28.21
N TYR C 147 7.16 9.47 27.53
CA TYR C 147 7.98 10.45 26.84
C TYR C 147 7.59 11.85 27.30
N GLU C 148 8.58 12.68 27.58
CA GLU C 148 8.31 14.07 27.89
C GLU C 148 9.52 14.90 27.49
N LYS C 149 9.29 15.91 26.66
CA LYS C 149 10.35 16.81 26.17
C LYS C 149 11.41 16.06 25.38
N ILE C 150 11.03 14.97 24.71
CA ILE C 150 11.96 14.24 23.85
C ILE C 150 12.11 15.01 22.54
N PHE C 151 13.05 14.59 21.70
CA PHE C 151 13.37 15.31 20.48
C PHE C 151 13.70 14.31 19.37
N TYR C 152 13.29 14.63 18.16
CA TYR C 152 13.56 13.78 17.00
C TYR C 152 13.65 14.65 15.76
N SER C 153 14.09 14.04 14.66
CA SER C 153 14.23 14.73 13.39
C SER C 153 13.43 13.99 12.33
N GLY C 154 12.76 14.76 11.46
CA GLY C 154 11.92 14.15 10.45
C GLY C 154 12.70 13.31 9.45
N ASN C 155 13.95 13.69 9.17
CA ASN C 155 14.78 12.94 8.23
C ASN C 155 15.92 12.20 8.88
N GLU C 156 16.43 12.66 10.02
CA GLU C 156 17.59 12.04 10.65
C GLU C 156 17.23 11.15 11.83
N THR C 157 15.95 10.97 12.12
CA THR C 157 15.49 9.93 13.05
C THR C 157 14.84 8.86 12.18
N GLN C 158 15.63 7.89 11.76
CA GLN C 158 15.15 6.82 10.90
C GLN C 158 14.59 5.70 11.75
N ILE C 159 13.37 5.27 11.43
CA ILE C 159 12.72 4.20 12.19
C ILE C 159 12.28 3.08 11.25
N PRO C 160 13.21 2.40 10.58
CA PRO C 160 12.84 1.30 9.67
C PRO C 160 12.32 0.08 10.42
N ARG C 161 11.06 -0.29 10.14
N ARG C 161 11.05 -0.25 10.16
CA ARG C 161 10.40 -1.43 10.76
CA ARG C 161 10.38 -1.42 10.77
C ARG C 161 10.30 -1.30 12.29
C ARG C 161 10.31 -1.30 12.29
N THR C 162 10.26 -0.08 12.82
CA THR C 162 10.26 0.11 14.25
C THR C 162 8.82 -0.07 14.73
N LEU C 163 8.63 -0.49 15.99
CA LEU C 163 7.27 -0.52 16.52
C LEU C 163 7.20 0.41 17.72
N ILE C 164 6.49 1.52 17.57
CA ILE C 164 6.20 2.44 18.66
C ILE C 164 4.77 2.17 19.13
N ALA C 165 4.66 1.44 20.23
CA ALA C 165 3.35 0.98 20.73
C ALA C 165 2.43 2.12 21.14
N GLU C 166 2.97 3.29 21.49
CA GLU C 166 2.18 4.44 21.92
C GLU C 166 2.49 5.62 21.01
N PRO C 167 1.98 5.62 19.78
CA PRO C 167 2.38 6.66 18.82
C PRO C 167 2.03 8.08 19.27
N TYR C 168 0.84 8.28 19.86
CA TYR C 168 0.44 9.63 20.24
C TYR C 168 1.36 10.18 21.33
N GLN C 169 1.68 9.36 22.32
CA GLN C 169 2.52 9.81 23.43
C GLN C 169 3.94 10.09 22.95
N PHE C 170 4.46 9.26 22.04
CA PHE C 170 5.78 9.51 21.48
C PHE C 170 5.79 10.82 20.69
N LEU C 171 4.82 10.99 19.80
CA LEU C 171 4.83 12.15 18.91
C LEU C 171 4.64 13.45 19.69
N PHE C 172 3.61 13.50 20.53
CA PHE C 172 3.26 14.71 21.26
C PHE C 172 3.95 14.82 22.62
N GLY C 173 4.79 13.87 22.98
CA GLY C 173 5.74 14.05 24.06
C GLY C 173 7.02 14.74 23.66
N ALA C 174 7.13 15.15 22.39
CA ALA C 174 8.29 15.86 21.88
C ALA C 174 7.94 17.33 21.67
N CYS C 175 8.95 18.19 21.85
CA CYS C 175 8.79 19.62 21.66
C CYS C 175 10.15 20.27 21.50
N ALA C 176 10.19 21.30 20.64
CA ALA C 176 11.43 22.01 20.38
C ALA C 176 11.91 22.75 21.63
N THR C 177 13.20 22.66 21.90
CA THR C 177 13.82 23.39 23.00
C THR C 177 14.13 24.81 22.53
N VAL C 178 13.64 25.80 23.26
CA VAL C 178 13.71 27.18 22.76
C VAL C 178 14.48 28.12 23.68
N ASP C 179 14.89 27.67 24.87
CA ASP C 179 15.57 28.57 25.80
C ASP C 179 16.99 28.91 25.36
N SER C 180 17.61 28.10 24.49
CA SER C 180 18.96 28.36 24.02
C SER C 180 18.99 28.87 22.58
N VAL C 181 17.90 29.46 22.10
CA VAL C 181 17.90 30.03 20.76
C VAL C 181 18.76 31.28 20.73
N PRO C 182 19.74 31.36 19.82
CA PRO C 182 20.63 32.52 19.79
C PRO C 182 19.93 33.75 19.22
N GLN C 183 20.61 34.89 19.36
CA GLN C 183 20.09 36.14 18.82
C GLN C 183 20.09 36.10 17.29
N GLY C 184 19.07 36.70 16.69
CA GLY C 184 18.86 36.64 15.27
C GLY C 184 17.93 35.53 14.82
N LYS C 185 17.72 34.51 15.66
CA LYS C 185 16.70 33.51 15.46
C LYS C 185 15.63 33.68 16.54
N SER C 186 14.41 33.23 16.23
CA SER C 186 13.26 33.46 17.08
C SER C 186 12.67 32.14 17.58
N ARG C 187 12.06 32.21 18.76
CA ARG C 187 11.38 31.06 19.35
C ARG C 187 10.26 30.53 18.46
N PHE C 188 9.47 31.45 17.88
CA PHE C 188 8.24 31.03 17.24
C PHE C 188 8.52 30.15 16.04
N GLU C 189 9.51 30.52 15.23
CA GLU C 189 9.84 29.74 14.05
C GLU C 189 10.36 28.36 14.44
N GLN C 190 11.15 28.28 15.51
CA GLN C 190 11.61 26.97 15.99
C GLN C 190 10.43 26.07 16.31
N ARG C 191 9.49 26.56 17.14
CA ARG C 191 8.35 25.73 17.51
C ARG C 191 7.51 25.35 16.27
N ALA C 192 7.29 26.32 15.39
CA ALA C 192 6.34 26.09 14.31
C ALA C 192 6.92 25.26 13.18
N ARG C 193 8.26 25.18 13.14
N ARG C 193 8.26 25.22 13.10
CA ARG C 193 8.89 24.22 12.25
CA ARG C 193 8.99 24.25 12.28
C ARG C 193 9.01 22.84 12.88
C ARG C 193 8.94 22.86 12.90
N PHE C 194 9.06 22.78 14.23
CA PHE C 194 8.98 21.50 14.91
C PHE C 194 7.63 20.84 14.67
N GLU C 195 6.59 21.64 14.45
CA GLU C 195 5.28 21.06 14.13
C GLU C 195 5.35 20.23 12.83
N GLU C 196 5.93 20.81 11.77
CA GLU C 196 6.14 20.06 10.53
C GLU C 196 7.06 18.86 10.75
N THR C 197 8.11 19.04 11.56
CA THR C 197 8.99 17.90 11.87
C THR C 197 8.20 16.72 12.44
N ARG C 198 7.35 17.01 13.44
CA ARG C 198 6.53 15.97 14.05
C ARG C 198 5.58 15.35 13.04
N SER C 199 5.00 16.17 12.15
CA SER C 199 4.12 15.63 11.11
C SER C 199 4.86 14.62 10.23
N THR C 200 6.09 14.96 9.83
CA THR C 200 6.87 14.07 8.97
C THR C 200 7.18 12.75 9.67
N ILE C 201 7.66 12.83 10.92
CA ILE C 201 7.99 11.59 11.61
C ILE C 201 6.73 10.78 11.90
N ALA C 202 5.58 11.43 12.07
CA ALA C 202 4.32 10.71 12.23
C ALA C 202 3.96 9.96 10.97
N ARG C 203 4.19 10.57 9.80
CA ARG C 203 4.00 9.86 8.54
C ARG C 203 4.84 8.59 8.50
N ALA C 204 6.12 8.71 8.87
CA ALA C 204 6.99 7.54 8.89
C ALA C 204 6.48 6.47 9.86
N LEU C 205 6.03 6.90 11.04
CA LEU C 205 5.57 5.94 12.05
C LEU C 205 4.33 5.19 11.56
N LEU C 206 3.42 5.91 10.92
CA LEU C 206 2.22 5.27 10.38
C LEU C 206 2.59 4.24 9.32
N ALA C 207 3.47 4.63 8.38
CA ALA C 207 3.90 3.70 7.35
C ALA C 207 4.52 2.46 7.98
N ASN C 208 5.25 2.62 9.08
CA ASN C 208 5.72 1.46 9.84
C ASN C 208 4.55 0.61 10.29
N LEU C 209 3.61 1.22 11.00
CA LEU C 209 2.49 0.51 11.62
C LEU C 209 1.54 -0.13 10.62
N HIS C 210 1.72 0.08 9.31
CA HIS C 210 0.84 -0.61 8.37
C HIS C 210 1.09 -2.12 8.39
N SER C 211 2.36 -2.51 8.41
CA SER C 211 2.84 -3.88 8.55
C SER C 211 2.63 -4.51 9.93
N GLU C 212 2.39 -3.72 10.97
CA GLU C 212 2.83 -4.14 12.30
C GLU C 212 1.99 -3.50 13.39
N GLY C 213 2.09 -4.09 14.59
CA GLY C 213 1.43 -3.55 15.76
C GLY C 213 -0.03 -3.90 15.82
N SER C 214 -0.62 -3.61 16.97
CA SER C 214 -2.04 -3.85 17.19
C SER C 214 -2.93 -2.83 16.47
N GLU C 215 -4.21 -3.18 16.34
CA GLU C 215 -5.17 -2.27 15.68
C GLU C 215 -5.19 -0.94 16.46
N ASP C 216 -5.28 -1.03 17.79
CA ASP C 216 -5.31 0.19 18.60
C ASP C 216 -4.11 1.11 18.37
N THR C 217 -2.92 0.52 18.28
CA THR C 217 -1.72 1.31 17.98
C THR C 217 -1.84 1.97 16.62
N TYR C 218 -2.34 1.24 15.62
CA TYR C 218 -2.48 1.80 14.28
C TYR C 218 -3.43 2.99 14.28
N TYR C 219 -4.55 2.87 14.98
CA TYR C 219 -5.58 3.90 14.92
C TYR C 219 -5.18 5.11 15.75
N ALA C 220 -4.45 4.88 16.86
CA ALA C 220 -3.84 5.99 17.58
C ALA C 220 -2.83 6.71 16.70
N ALA C 221 -2.08 5.97 15.89
CA ALA C 221 -1.14 6.60 14.97
C ALA C 221 -1.87 7.41 13.90
N VAL C 222 -3.00 6.90 13.40
CA VAL C 222 -3.78 7.65 12.42
C VAL C 222 -4.26 8.97 13.03
N LYS C 223 -4.80 8.89 14.26
CA LYS C 223 -5.21 10.10 14.97
C LYS C 223 -4.05 11.08 15.10
N ALA C 224 -2.90 10.59 15.58
CA ALA C 224 -1.76 11.45 15.80
C ALA C 224 -1.28 12.09 14.51
N SER C 225 -1.28 11.33 13.41
CA SER C 225 -0.70 11.88 12.18
C SER C 225 -1.64 12.89 11.54
N THR C 226 -2.96 12.65 11.63
CA THR C 226 -3.90 13.65 11.15
C THR C 226 -3.78 14.95 11.96
N LEU C 227 -3.78 14.82 13.28
CA LEU C 227 -3.65 16.01 14.12
C LEU C 227 -2.34 16.75 13.85
N SER C 228 -1.24 16.02 13.70
CA SER C 228 0.05 16.65 13.46
C SER C 228 0.10 17.33 12.09
N GLU C 229 -0.49 16.71 11.07
CA GLU C 229 -0.54 17.33 9.75
C GLU C 229 -1.29 18.66 9.80
N ASN C 230 -2.42 18.69 10.53
CA ASN C 230 -3.19 19.92 10.58
C ASN C 230 -2.50 20.97 11.45
N ARG C 231 -1.84 20.55 12.53
CA ARG C 231 -1.07 21.49 13.34
C ARG C 231 0.08 22.09 12.54
N ALA C 232 0.74 21.27 11.71
CA ALA C 232 1.81 21.78 10.86
C ALA C 232 1.28 22.77 9.84
N ARG C 233 0.11 22.49 9.27
CA ARG C 233 -0.51 23.46 8.36
C ARG C 233 -0.77 24.78 9.06
N ILE C 234 -1.34 24.73 10.28
CA ILE C 234 -1.58 25.95 11.05
C ILE C 234 -0.28 26.69 11.30
N ALA C 235 0.77 25.95 11.67
CA ALA C 235 2.05 26.58 12.01
C ALA C 235 2.67 27.24 10.79
N ARG C 236 2.64 26.58 9.64
CA ARG C 236 3.21 27.18 8.44
C ARG C 236 2.42 28.41 8.01
N ALA C 237 1.09 28.37 8.17
CA ALA C 237 0.30 29.56 7.88
C ALA C 237 0.66 30.70 8.82
N LEU C 238 0.88 30.40 10.10
CA LEU C 238 1.28 31.43 11.05
C LEU C 238 2.65 32.00 10.68
N ILE C 239 3.57 31.16 10.22
CA ILE C 239 4.86 31.65 9.76
C ILE C 239 4.67 32.61 8.59
N LYS C 240 3.87 32.20 7.60
CA LYS C 240 3.65 33.02 6.42
C LYS C 240 2.97 34.33 6.77
N ILE C 241 2.16 34.33 7.83
CA ILE C 241 1.59 35.58 8.32
C ILE C 241 2.67 36.47 8.93
N ASN C 242 3.47 35.90 9.83
CA ASN C 242 4.49 36.67 10.53
C ASN C 242 5.49 37.29 9.56
N SER C 243 5.91 36.53 8.55
CA SER C 243 6.86 37.03 7.56
C SER C 243 6.16 37.94 6.56
N ARG C 254 3.55 42.75 -0.09
CA ARG C 254 3.62 41.95 1.12
C ARG C 254 2.21 41.65 1.66
N ALA C 255 1.25 42.49 1.26
CA ALA C 255 -0.13 42.26 1.68
C ALA C 255 -0.70 40.97 1.08
N VAL C 256 -0.25 40.61 -0.12
CA VAL C 256 -0.68 39.35 -0.74
C VAL C 256 -0.25 38.17 0.11
N SER C 257 1.00 38.20 0.61
CA SER C 257 1.49 37.12 1.45
C SER C 257 0.70 37.05 2.76
N PHE C 258 0.37 38.20 3.34
CA PHE C 258 -0.43 38.21 4.56
C PHE C 258 -1.81 37.63 4.32
N LEU C 259 -2.46 38.02 3.22
CA LEU C 259 -3.77 37.47 2.90
C LEU C 259 -3.70 35.96 2.67
N THR C 260 -2.66 35.50 1.98
CA THR C 260 -2.54 34.06 1.71
C THR C 260 -2.27 33.29 2.99
N GLY C 261 -1.45 33.82 3.88
CA GLY C 261 -1.22 33.18 5.16
C GLY C 261 -2.47 33.12 6.02
N PHE C 262 -3.24 34.22 6.04
CA PHE C 262 -4.48 34.23 6.81
C PHE C 262 -5.47 33.22 6.25
N ALA C 263 -5.60 33.16 4.93
CA ALA C 263 -6.52 32.19 4.32
C ALA C 263 -6.08 30.77 4.60
N SER C 264 -4.78 30.51 4.52
CA SER C 264 -4.23 29.20 4.84
C SER C 264 -4.50 28.83 6.29
N ALA C 265 -4.38 29.80 7.20
CA ALA C 265 -4.63 29.53 8.61
C ALA C 265 -6.09 29.20 8.86
N ILE C 266 -7.00 29.96 8.24
CA ILE C 266 -8.43 29.65 8.36
C ILE C 266 -8.73 28.27 7.79
N SER C 267 -8.12 27.95 6.65
CA SER C 267 -8.36 26.65 6.02
C SER C 267 -7.89 25.51 6.91
N ALA C 268 -6.70 25.67 7.50
CA ALA C 268 -6.19 24.66 8.41
C ALA C 268 -7.05 24.54 9.66
N VAL C 269 -7.57 25.67 10.16
CA VAL C 269 -8.45 25.64 11.33
C VAL C 269 -9.70 24.83 11.02
N VAL C 270 -10.29 25.10 9.85
CA VAL C 270 -11.52 24.49 9.41
C VAL C 270 -11.32 22.99 9.21
N GLY C 271 -10.18 22.62 8.64
CA GLY C 271 -9.92 21.20 8.43
C GLY C 271 -9.63 20.50 9.74
N MET C 272 -8.98 21.19 10.68
CA MET C 272 -8.88 20.66 12.04
C MET C 272 -10.25 20.32 12.58
N LEU C 273 -11.18 21.28 12.50
CA LEU C 273 -12.49 21.10 13.10
C LEU C 273 -13.24 19.92 12.47
N ILE C 274 -13.33 19.91 11.14
CA ILE C 274 -14.07 18.85 10.47
C ILE C 274 -13.42 17.48 10.71
N LEU C 275 -12.09 17.41 10.60
CA LEU C 275 -11.43 16.12 10.79
C LEU C 275 -11.59 15.61 12.21
N LEU C 276 -11.50 16.51 13.19
CA LEU C 276 -11.71 16.11 14.58
C LEU C 276 -13.12 15.59 14.80
N VAL C 277 -14.12 16.29 14.26
CA VAL C 277 -15.50 15.86 14.44
C VAL C 277 -15.71 14.49 13.80
N MET C 278 -15.24 14.32 12.57
CA MET C 278 -15.46 13.06 11.86
C MET C 278 -14.75 11.90 12.55
N GLY C 279 -13.49 12.11 12.97
CA GLY C 279 -12.76 11.01 13.57
C GLY C 279 -13.25 10.68 14.97
N SER C 280 -13.70 11.68 15.72
CA SER C 280 -14.36 11.40 16.99
C SER C 280 -15.66 10.63 16.77
N LEU C 281 -16.37 10.94 15.67
CA LEU C 281 -17.66 10.30 15.42
C LEU C 281 -17.54 8.91 14.81
N ASN C 282 -16.40 8.54 14.24
CA ASN C 282 -16.26 7.22 13.64
C ASN C 282 -15.04 6.46 14.15
N GLY C 283 -14.46 6.87 15.28
CA GLY C 283 -13.29 6.19 15.79
C GLY C 283 -12.10 6.26 14.85
N TRP C 284 -12.00 7.35 14.09
CA TRP C 284 -10.90 7.59 13.15
C TRP C 284 -10.83 6.50 12.10
N GLY C 285 -12.00 6.06 11.61
CA GLY C 285 -12.06 5.05 10.59
C GLY C 285 -12.01 3.63 11.09
N SER C 286 -12.27 3.41 12.39
CA SER C 286 -12.16 2.08 12.98
C SER C 286 -13.48 1.35 13.10
N SER C 287 -14.54 1.99 13.61
CA SER C 287 -15.69 1.24 14.10
C SER C 287 -16.94 1.72 13.39
N ILE C 288 -17.52 0.84 12.55
CA ILE C 288 -18.78 1.13 11.87
C ILE C 288 -19.90 1.30 12.88
N SER C 289 -19.84 0.57 13.99
CA SER C 289 -20.92 0.58 14.98
C SER C 289 -21.13 1.96 15.58
N ARG C 290 -20.03 2.66 15.88
CA ARG C 290 -20.16 4.00 16.45
C ARG C 290 -20.84 4.95 15.47
N ALA C 291 -20.48 4.87 14.18
CA ALA C 291 -21.12 5.70 13.18
C ALA C 291 -22.61 5.36 13.05
N MET C 292 -22.93 4.07 13.08
CA MET C 292 -24.34 3.66 13.10
C MET C 292 -25.06 4.27 14.29
N LEU C 293 -24.38 4.32 15.45
CA LEU C 293 -25.03 4.79 16.67
C LEU C 293 -25.24 6.29 16.64
N VAL C 294 -24.27 7.06 16.14
CA VAL C 294 -24.52 8.49 15.99
C VAL C 294 -25.59 8.77 14.96
N GLY C 295 -25.66 7.96 13.89
CA GLY C 295 -26.75 8.11 12.94
C GLY C 295 -28.10 7.87 13.59
N VAL C 296 -28.19 6.82 14.39
CA VAL C 296 -29.45 6.48 15.05
C VAL C 296 -29.82 7.56 16.06
N VAL C 297 -28.85 8.10 16.78
CA VAL C 297 -29.12 9.16 17.75
C VAL C 297 -29.64 10.40 17.04
N ALA C 298 -28.99 10.80 15.95
CA ALA C 298 -29.43 11.99 15.22
C ALA C 298 -30.84 11.80 14.66
N ILE C 299 -31.10 10.63 14.07
CA ILE C 299 -32.42 10.35 13.52
C ILE C 299 -33.46 10.39 14.63
N SER C 300 -33.14 9.81 15.79
CA SER C 300 -34.07 9.81 16.92
C SER C 300 -34.36 11.23 17.39
N CYS C 301 -33.34 12.07 17.46
CA CYS C 301 -33.54 13.45 17.90
C CYS C 301 -34.45 14.20 16.93
N VAL C 302 -34.21 14.04 15.62
CA VAL C 302 -35.06 14.72 14.64
C VAL C 302 -36.49 14.19 14.70
N ALA C 303 -36.64 12.88 14.91
CA ALA C 303 -37.97 12.29 15.01
C ALA C 303 -38.71 12.78 16.25
N TYR C 304 -38.00 12.90 17.37
CA TYR C 304 -38.60 13.46 18.58
C TYR C 304 -39.04 14.89 18.34
N ARG C 305 -38.23 15.66 17.61
CA ARG C 305 -38.62 17.03 17.31
C ARG C 305 -39.88 17.06 16.44
N TYR C 306 -39.94 16.20 15.43
CA TYR C 306 -41.16 16.06 14.64
C TYR C 306 -42.36 15.77 15.53
N HIS C 307 -42.21 14.80 16.43
CA HIS C 307 -43.35 14.36 17.24
C HIS C 307 -43.77 15.43 18.23
N TYR C 308 -42.82 16.15 18.83
CA TYR C 308 -43.17 17.17 19.81
C TYR C 308 -43.75 18.42 19.16
N ARG C 309 -43.22 18.82 18.00
CA ARG C 309 -43.58 20.12 17.44
C ARG C 309 -44.73 20.04 16.44
N PHE C 310 -44.72 19.04 15.55
CA PHE C 310 -45.70 18.98 14.47
C PHE C 310 -46.70 17.85 14.66
N ASN C 311 -46.79 17.28 15.88
CA ASN C 311 -47.84 16.33 16.25
C ASN C 311 -47.85 15.12 15.32
N LEU C 312 -46.68 14.53 15.13
CA LEU C 312 -46.64 13.30 14.36
C LEU C 312 -46.43 12.11 15.29
N PRO C 313 -47.18 11.02 15.10
CA PRO C 313 -47.01 9.87 15.97
C PRO C 313 -45.60 9.32 15.87
N PRO C 314 -45.07 8.74 16.95
CA PRO C 314 -43.66 8.33 16.95
C PRO C 314 -43.33 7.28 15.89
N GLU C 315 -44.26 6.34 15.66
CA GLU C 315 -44.03 5.20 14.79
C GLU C 315 -43.90 5.58 13.32
N ASP C 316 -44.13 6.85 12.96
CA ASP C 316 -43.80 7.32 11.63
C ASP C 316 -43.07 8.66 11.63
N ALA C 317 -42.99 9.35 12.77
CA ALA C 317 -41.96 10.38 12.91
C ALA C 317 -40.58 9.76 12.79
N MET C 318 -40.42 8.56 13.33
CA MET C 318 -39.14 7.86 13.15
C MET C 318 -38.95 7.57 11.65
N VAL C 319 -40.03 7.24 10.93
CA VAL C 319 -39.89 6.84 9.54
C VAL C 319 -39.57 8.04 8.66
N LYS C 320 -40.23 9.17 8.91
CA LYS C 320 -39.89 10.40 8.21
C LYS C 320 -38.46 10.82 8.50
N ALA C 321 -38.01 10.69 9.75
CA ALA C 321 -36.65 11.08 10.10
C ALA C 321 -35.62 10.22 9.35
N THR C 322 -35.83 8.90 9.33
CA THR C 322 -34.88 8.05 8.61
C THR C 322 -35.02 8.19 7.09
N GLU C 323 -36.17 8.67 6.63
CA GLU C 323 -36.42 8.85 5.21
C GLU C 323 -35.73 10.09 4.68
N ILE C 324 -35.66 11.13 5.50
CA ILE C 324 -34.96 12.35 5.11
C ILE C 324 -33.47 12.25 5.42
N PHE C 325 -33.12 11.48 6.46
CA PHE C 325 -31.72 11.32 6.83
C PHE C 325 -30.93 10.63 5.73
N PHE C 326 -31.47 9.56 5.15
CA PHE C 326 -30.79 8.84 4.09
C PHE C 326 -31.03 9.46 2.71
N LEU C 327 -31.81 10.55 2.66
CA LEU C 327 -31.93 11.43 1.50
C LEU C 327 -32.75 10.84 0.36
N PHE C 328 -33.13 9.57 0.43
CA PHE C 328 -33.89 8.99 -0.65
C PHE C 328 -35.37 9.38 -0.60
N GLY C 329 -35.84 9.92 0.52
CA GLY C 329 -37.22 10.34 0.64
C GLY C 329 -37.37 11.82 0.95
N TYR C 330 -36.41 12.62 0.51
CA TYR C 330 -36.36 14.03 0.88
C TYR C 330 -37.49 14.82 0.22
N THR C 331 -37.66 14.66 -1.09
CA THR C 331 -38.62 15.47 -1.84
C THR C 331 -40.07 15.18 -1.49
N ASN C 332 -40.37 14.03 -0.90
CA ASN C 332 -41.73 13.76 -0.47
C ASN C 332 -42.16 14.64 0.71
N TYR C 333 -41.22 15.16 1.48
CA TYR C 333 -41.56 15.93 2.67
C TYR C 333 -41.09 17.37 2.65
N ALA C 334 -40.20 17.74 1.73
CA ALA C 334 -39.64 19.09 1.70
C ALA C 334 -40.47 19.98 0.79
N LYS C 335 -40.98 21.08 1.35
CA LYS C 335 -41.75 22.06 0.60
C LYS C 335 -41.41 23.45 1.13
N MET C 336 -40.97 24.32 0.24
CA MET C 336 -40.53 25.65 0.68
C MET C 336 -41.73 26.44 1.18
N GLY C 337 -41.57 27.08 2.33
CA GLY C 337 -42.63 27.85 2.94
C GLY C 337 -43.45 27.10 3.97
N GLN C 338 -43.19 25.81 4.17
CA GLN C 338 -43.87 25.03 5.18
C GLN C 338 -43.21 25.22 6.55
N GLU C 339 -43.98 24.90 7.59
CA GLU C 339 -43.48 25.12 8.96
C GLU C 339 -42.27 24.25 9.25
N ASP C 340 -42.28 22.99 8.80
CA ASP C 340 -41.21 22.05 9.09
C ASP C 340 -40.12 22.04 8.03
N PHE C 341 -40.13 22.99 7.09
CA PHE C 341 -39.19 22.96 5.98
C PHE C 341 -37.75 23.12 6.46
N HIS C 342 -37.51 24.05 7.38
CA HIS C 342 -36.16 24.23 7.92
C HIS C 342 -35.69 22.98 8.66
N LEU C 343 -36.58 22.35 9.42
CA LEU C 343 -36.23 21.12 10.13
C LEU C 343 -35.90 20.00 9.14
N VAL C 344 -36.69 19.87 8.08
CA VAL C 344 -36.44 18.85 7.06
C VAL C 344 -35.08 19.09 6.39
N PHE C 345 -34.78 20.35 6.07
CA PHE C 345 -33.51 20.68 5.44
C PHE C 345 -32.34 20.38 6.36
N SER C 346 -32.48 20.73 7.64
CA SER C 346 -31.47 20.33 8.63
C SER C 346 -31.28 18.82 8.74
N ASN C 347 -32.38 18.07 8.68
CA ASN C 347 -32.29 16.61 8.75
C ASN C 347 -31.55 16.06 7.54
N ALA C 348 -31.80 16.63 6.36
CA ALA C 348 -31.07 16.23 5.17
C ALA C 348 -29.58 16.55 5.28
N LEU C 349 -29.25 17.73 5.80
CA LEU C 349 -27.84 18.09 5.97
C LEU C 349 -27.15 17.17 6.97
N LEU C 350 -27.84 16.84 8.07
CA LEU C 350 -27.29 15.87 9.02
C LEU C 350 -27.06 14.53 8.35
N GLY C 351 -27.99 14.09 7.51
CA GLY C 351 -27.80 12.84 6.80
C GLY C 351 -26.61 12.87 5.85
N LEU C 352 -26.41 14.00 5.16
CA LEU C 352 -25.27 14.11 4.24
C LEU C 352 -23.96 14.04 5.00
N PHE C 353 -23.88 14.75 6.14
CA PHE C 353 -22.67 14.66 6.96
C PHE C 353 -22.47 13.24 7.46
N TRP C 354 -23.56 12.57 7.83
CA TRP C 354 -23.44 11.20 8.31
C TRP C 354 -22.94 10.27 7.21
N TYR C 355 -23.38 10.49 5.97
CA TYR C 355 -22.82 9.73 4.86
C TYR C 355 -21.32 9.93 4.76
N ALA C 356 -20.89 11.18 4.80
CA ALA C 356 -19.45 11.48 4.75
C ALA C 356 -18.70 10.83 5.90
N ILE C 357 -19.35 10.70 7.06
CA ILE C 357 -18.70 10.06 8.21
C ILE C 357 -18.63 8.55 8.02
N ALA C 358 -19.71 7.93 7.55
CA ALA C 358 -19.89 6.49 7.63
C ALA C 358 -19.29 5.74 6.46
N ILE C 359 -19.32 6.30 5.26
CA ILE C 359 -18.80 5.59 4.08
C ILE C 359 -17.35 5.15 4.25
N PRO C 360 -16.42 6.00 4.72
CA PRO C 360 -15.03 5.53 4.84
C PRO C 360 -14.84 4.45 5.90
N THR C 361 -15.68 4.40 6.93
CA THR C 361 -15.58 3.31 7.90
C THR C 361 -15.87 1.97 7.25
N ILE C 362 -16.93 1.91 6.44
CA ILE C 362 -17.25 0.70 5.71
C ILE C 362 -16.13 0.35 4.73
N SER C 363 -15.60 1.37 4.03
CA SER C 363 -14.50 1.13 3.11
C SER C 363 -13.29 0.54 3.83
N ASN C 364 -12.96 1.07 5.00
CA ASN C 364 -11.81 0.58 5.75
C ASN C 364 -12.04 -0.84 6.24
N ARG C 365 -13.25 -1.14 6.74
CA ARG C 365 -13.50 -2.46 7.29
C ARG C 365 -13.63 -3.52 6.20
N LEU C 366 -13.97 -3.11 4.98
CA LEU C 366 -14.11 -4.07 3.89
C LEU C 366 -12.90 -4.10 2.96
N THR C 367 -12.15 -3.00 2.86
CA THR C 367 -10.94 -2.95 2.04
C THR C 367 -9.74 -2.75 2.96
N ARG C 368 -8.79 -3.67 2.90
CA ARG C 368 -7.60 -3.60 3.75
C ARG C 368 -6.39 -3.10 2.96
N PRO D 26 26.40 -36.10 22.99
CA PRO D 26 26.35 -34.71 23.45
C PRO D 26 24.98 -34.34 24.03
N SER D 27 24.97 -33.49 25.05
CA SER D 27 23.75 -33.08 25.72
C SER D 27 23.80 -31.58 26.01
N ALA D 28 22.63 -31.01 26.21
CA ALA D 28 22.49 -29.58 26.46
C ALA D 28 21.43 -29.35 27.53
N ALA D 29 21.49 -28.20 28.18
CA ALA D 29 20.52 -27.88 29.21
C ALA D 29 19.14 -27.63 28.62
N SER D 30 18.12 -28.13 29.30
CA SER D 30 16.75 -27.84 28.92
C SER D 30 16.47 -26.35 29.07
N ARG D 31 15.71 -25.81 28.13
CA ARG D 31 15.53 -24.36 28.06
C ARG D 31 14.48 -23.88 29.06
N GLY D 32 14.67 -22.65 29.54
CA GLY D 32 13.72 -22.07 30.46
C GLY D 32 12.36 -21.84 29.83
N ARG D 33 12.31 -21.70 28.49
CA ARG D 33 11.03 -21.57 27.81
C ARG D 33 10.15 -22.79 28.06
N ARG D 34 10.75 -23.97 28.13
CA ARG D 34 10.00 -25.19 28.41
C ARG D 34 9.73 -25.37 29.89
N THR D 35 10.71 -25.06 30.75
CA THR D 35 10.61 -25.42 32.16
C THR D 35 10.13 -24.29 33.05
N LYS D 36 10.14 -23.05 32.58
CA LYS D 36 9.77 -21.90 33.42
C LYS D 36 8.61 -21.09 32.89
N ASN D 37 8.55 -20.87 31.58
CA ASN D 37 7.54 -19.99 30.99
C ASN D 37 6.20 -20.71 30.95
N TRP D 38 5.40 -20.51 32.00
CA TRP D 38 4.15 -21.24 32.16
C TRP D 38 3.08 -20.88 31.13
N TRP D 39 3.26 -19.79 30.38
CA TRP D 39 2.33 -19.44 29.31
C TRP D 39 2.57 -20.22 28.02
N GLU D 40 3.66 -20.98 27.93
CA GLU D 40 4.00 -21.65 26.69
C GLU D 40 3.26 -22.99 26.57
N PRO D 41 2.92 -23.40 25.34
CA PRO D 41 2.17 -24.65 25.17
C PRO D 41 2.93 -25.89 25.60
N MET D 42 4.25 -25.90 25.43
CA MET D 42 5.07 -27.06 25.78
C MET D 42 5.56 -27.01 27.22
N PHE D 43 5.03 -26.09 28.03
CA PHE D 43 5.54 -25.90 29.39
C PHE D 43 5.40 -27.18 30.20
N ASP D 44 6.51 -27.62 30.80
CA ASP D 44 6.52 -28.83 31.61
C ASP D 44 7.52 -28.54 32.74
N ALA D 45 7.00 -28.30 33.95
CA ALA D 45 7.90 -28.06 35.08
C ALA D 45 8.70 -29.30 35.43
N ASN D 46 8.23 -30.49 35.06
CA ASN D 46 8.93 -31.74 35.33
C ASN D 46 9.75 -32.23 34.14
N ALA D 47 10.04 -31.36 33.18
CA ALA D 47 10.83 -31.74 32.03
C ALA D 47 12.23 -32.14 32.47
N PRO D 48 12.88 -33.07 31.75
CA PRO D 48 14.24 -33.48 32.14
C PRO D 48 15.21 -32.32 32.05
N ALA D 49 16.23 -32.37 32.91
CA ALA D 49 17.21 -31.29 32.95
C ALA D 49 18.04 -31.22 31.68
N SER D 50 18.20 -32.33 30.98
CA SER D 50 19.07 -32.41 29.82
C SER D 50 18.30 -32.88 28.59
N PHE D 51 18.69 -32.34 27.44
CA PHE D 51 18.19 -32.75 26.13
C PHE D 51 19.34 -33.30 25.32
N SER D 52 19.08 -34.39 24.59
CA SER D 52 20.08 -34.90 23.67
C SER D 52 20.29 -33.93 22.52
N VAL D 53 21.54 -33.77 22.09
CA VAL D 53 21.87 -32.90 20.97
C VAL D 53 21.89 -33.74 19.71
N SER D 54 21.04 -33.40 18.76
CA SER D 54 20.89 -34.20 17.55
C SER D 54 22.07 -34.01 16.61
N ASP D 55 22.44 -35.09 15.93
CA ASP D 55 23.31 -35.04 14.77
C ASP D 55 22.52 -35.02 13.46
N TRP D 56 21.19 -34.88 13.53
CA TRP D 56 20.32 -34.72 12.36
C TRP D 56 20.32 -35.95 11.46
N ASN D 57 20.57 -37.13 12.03
CA ASN D 57 20.52 -38.38 11.28
C ASN D 57 19.20 -39.07 11.61
N PHE D 58 18.28 -39.06 10.64
CA PHE D 58 16.96 -39.64 10.82
C PHE D 58 16.84 -41.04 10.23
N SER D 59 17.93 -41.62 9.74
CA SER D 59 17.88 -42.95 9.17
C SER D 59 17.55 -44.00 10.23
N ASN D 60 18.10 -43.84 11.43
CA ASN D 60 17.89 -44.84 12.48
C ASN D 60 16.58 -44.62 13.23
N ASN D 61 16.29 -43.37 13.62
CA ASN D 61 15.12 -43.07 14.43
C ASN D 61 14.20 -42.12 13.67
N ARG D 62 12.96 -42.57 13.41
CA ARG D 62 11.98 -41.72 12.76
C ARG D 62 11.31 -40.75 13.72
N GLY D 63 11.30 -41.05 15.02
CA GLY D 63 10.78 -40.12 15.98
C GLY D 63 11.78 -39.75 17.05
N PRO D 64 12.28 -38.51 16.99
CA PRO D 64 13.18 -38.04 18.05
C PRO D 64 12.39 -37.54 19.24
N ARG D 65 12.98 -37.68 20.42
CA ARG D 65 12.35 -37.31 21.68
C ARG D 65 13.32 -36.51 22.54
N CYS D 66 12.83 -35.43 23.14
CA CYS D 66 13.60 -34.62 24.09
C CYS D 66 14.96 -34.24 23.50
N THR D 67 14.93 -33.75 22.27
CA THR D 67 16.13 -33.54 21.47
C THR D 67 16.25 -32.08 21.05
N LEU D 68 17.47 -31.55 21.09
CA LEU D 68 17.75 -30.19 20.66
C LEU D 68 18.35 -30.24 19.26
N PHE D 69 17.74 -29.51 18.32
CA PHE D 69 18.18 -29.47 16.94
C PHE D 69 18.83 -28.11 16.70
N LEU D 70 20.16 -28.07 16.70
CA LEU D 70 20.91 -26.84 16.52
C LEU D 70 21.16 -26.59 15.04
N ALA D 71 21.05 -25.31 14.65
CA ALA D 71 21.33 -24.95 13.26
C ALA D 71 22.80 -25.14 12.90
N GLU D 72 23.69 -25.12 13.89
CA GLU D 72 25.10 -25.31 13.60
C GLU D 72 25.45 -26.76 13.35
N LYS D 73 24.55 -27.69 13.66
CA LYS D 73 24.85 -29.12 13.57
C LYS D 73 24.08 -29.83 12.47
N MET D 74 23.30 -29.13 11.65
CA MET D 74 22.67 -29.79 10.52
C MET D 74 23.73 -30.16 9.48
N PRO D 75 23.54 -31.25 8.75
CA PRO D 75 24.56 -31.68 7.79
C PRO D 75 24.75 -30.68 6.67
N ASP D 76 25.93 -30.71 6.07
CA ASP D 76 26.26 -29.82 4.96
C ASP D 76 25.44 -30.20 3.74
N ALA D 77 24.47 -29.37 3.39
CA ALA D 77 23.62 -29.63 2.24
C ALA D 77 23.05 -28.31 1.73
N THR D 78 22.81 -28.25 0.43
CA THR D 78 22.18 -27.07 -0.16
C THR D 78 20.71 -27.02 0.17
N THR D 79 20.03 -28.16 0.17
CA THR D 79 18.65 -28.28 0.61
C THR D 79 18.52 -29.59 1.38
N LEU D 80 18.11 -29.50 2.64
CA LEU D 80 17.89 -30.68 3.47
C LEU D 80 16.40 -31.01 3.47
N VAL D 81 16.07 -32.20 2.99
CA VAL D 81 14.68 -32.67 2.94
C VAL D 81 14.46 -33.58 4.14
N VAL D 82 13.59 -33.15 5.05
CA VAL D 82 13.24 -33.91 6.25
C VAL D 82 11.83 -34.45 6.04
N LYS D 83 11.69 -35.77 5.96
CA LYS D 83 10.45 -36.39 5.51
C LYS D 83 9.96 -37.39 6.55
N ASP D 84 8.67 -37.28 6.91
CA ASP D 84 7.97 -38.27 7.73
C ASP D 84 8.64 -38.48 9.07
N ILE D 85 9.04 -37.38 9.71
CA ILE D 85 9.67 -37.42 11.03
C ILE D 85 8.68 -36.91 12.06
N ASP D 86 8.50 -37.68 13.14
CA ASP D 86 7.55 -37.34 14.18
C ASP D 86 8.36 -36.76 15.35
N PHE D 87 8.39 -35.43 15.43
CA PHE D 87 9.07 -34.76 16.52
C PHE D 87 8.14 -34.64 17.73
N GLN D 88 8.69 -34.91 18.91
CA GLN D 88 7.94 -34.71 20.15
C GLN D 88 8.88 -34.19 21.23
N ASP D 89 8.47 -33.10 21.88
CA ASP D 89 9.25 -32.48 22.96
C ASP D 89 10.66 -32.09 22.48
N CYS D 90 10.74 -31.53 21.28
CA CYS D 90 12.01 -31.16 20.68
C CYS D 90 12.17 -29.65 20.65
N ASP D 91 13.43 -29.20 20.68
CA ASP D 91 13.77 -27.79 20.62
C ASP D 91 14.59 -27.51 19.36
N PHE D 92 14.36 -26.35 18.77
CA PHE D 92 15.17 -25.84 17.68
C PHE D 92 15.87 -24.57 18.13
N GLN D 93 17.08 -24.35 17.63
CA GLN D 93 17.87 -23.21 18.07
C GLN D 93 18.90 -22.86 17.01
N GLY D 94 19.10 -21.56 16.80
CA GLY D 94 20.14 -21.07 15.93
C GLY D 94 19.61 -20.39 14.69
N THR D 95 20.54 -20.05 13.81
CA THR D 95 20.23 -19.38 12.54
C THR D 95 20.26 -20.43 11.44
N PHE D 96 19.07 -20.93 11.06
CA PHE D 96 18.93 -21.91 10.00
C PHE D 96 18.97 -21.17 8.67
N GLU D 97 20.19 -20.91 8.21
CA GLU D 97 20.40 -20.22 6.94
C GLU D 97 20.19 -21.15 5.75
N ARG D 98 20.62 -22.40 5.86
CA ARG D 98 20.47 -23.36 4.78
C ARG D 98 19.00 -23.77 4.64
N LYS D 99 18.59 -24.05 3.41
CA LYS D 99 17.20 -24.37 3.13
C LYS D 99 16.83 -25.73 3.71
N ILE D 100 15.67 -25.80 4.37
CA ILE D 100 15.13 -27.03 4.92
C ILE D 100 13.72 -27.22 4.37
N VAL D 101 13.41 -28.45 3.97
CA VAL D 101 12.06 -28.83 3.57
C VAL D 101 11.56 -29.88 4.55
N PHE D 102 10.56 -29.52 5.34
CA PHE D 102 9.87 -30.47 6.21
C PHE D 102 8.67 -31.03 5.46
N LYS D 103 8.69 -32.33 5.18
CA LYS D 103 7.66 -32.96 4.36
C LYS D 103 6.89 -33.95 5.24
N ASP D 104 5.62 -33.64 5.50
CA ASP D 104 4.72 -34.51 6.26
C ASP D 104 5.30 -34.86 7.64
N CYS D 105 5.92 -33.89 8.28
CA CYS D 105 6.45 -34.10 9.62
C CYS D 105 5.41 -33.77 10.66
N LYS D 106 5.59 -34.33 11.86
CA LYS D 106 4.71 -34.09 12.99
C LYS D 106 5.49 -33.44 14.11
N PHE D 107 5.01 -32.31 14.61
CA PHE D 107 5.62 -31.59 15.72
C PHE D 107 4.64 -31.59 16.88
N THR D 108 5.05 -32.18 18.00
CA THR D 108 4.21 -32.27 19.19
C THR D 108 4.98 -31.68 20.37
N ARG D 109 4.47 -30.61 20.94
CA ARG D 109 5.12 -29.91 22.04
C ARG D 109 6.56 -29.53 21.68
N CYS D 110 6.72 -28.99 20.47
CA CYS D 110 8.01 -28.59 19.96
C CYS D 110 8.19 -27.09 20.11
N ASP D 111 9.41 -26.67 20.44
CA ASP D 111 9.75 -25.27 20.62
C ASP D 111 10.63 -24.82 19.45
N PHE D 112 10.06 -23.99 18.58
CA PHE D 112 10.83 -23.35 17.52
C PHE D 112 11.49 -22.06 18.00
N GLY D 113 11.31 -21.72 19.28
CA GLY D 113 11.83 -20.46 19.78
C GLY D 113 13.33 -20.37 19.72
N LEU D 114 13.82 -19.14 19.78
CA LEU D 114 15.25 -18.84 19.73
C LEU D 114 15.88 -19.35 18.43
N SER D 115 15.14 -19.21 17.33
CA SER D 115 15.62 -19.65 16.02
C SER D 115 15.21 -18.65 14.96
N THR D 116 16.03 -18.59 13.91
CA THR D 116 15.76 -17.78 12.73
C THR D 116 15.86 -18.67 11.50
N PHE D 117 14.71 -19.06 10.97
CA PHE D 117 14.64 -19.92 9.79
C PHE D 117 14.62 -19.03 8.54
N SER D 118 15.41 -19.41 7.53
CA SER D 118 15.44 -18.69 6.26
C SER D 118 15.00 -19.64 5.16
N ARG D 119 13.91 -19.29 4.48
CA ARG D 119 13.40 -20.07 3.35
C ARG D 119 13.15 -21.52 3.74
N THR D 120 12.50 -21.71 4.88
CA THR D 120 12.10 -23.04 5.33
C THR D 120 10.69 -23.35 4.83
N LYS D 121 10.51 -24.54 4.26
CA LYS D 121 9.24 -24.96 3.69
C LYS D 121 8.65 -26.07 4.56
N PHE D 122 7.50 -25.79 5.16
CA PHE D 122 6.71 -26.79 5.88
C PHE D 122 5.60 -27.26 4.94
N SER D 123 5.71 -28.50 4.47
CA SER D 123 4.78 -29.05 3.49
C SER D 123 4.05 -30.23 4.11
N GLY D 124 2.75 -30.06 4.34
CA GLY D 124 1.94 -31.14 4.88
C GLY D 124 2.24 -31.51 6.31
N CYS D 125 2.77 -30.58 7.10
CA CYS D 125 3.17 -30.86 8.47
C CYS D 125 2.01 -30.62 9.45
N SER D 126 2.10 -31.27 10.60
CA SER D 126 1.11 -31.13 11.66
C SER D 126 1.78 -30.58 12.91
N PHE D 127 1.20 -29.52 13.47
CA PHE D 127 1.72 -28.89 14.67
C PHE D 127 0.71 -29.05 15.80
N TYR D 128 1.18 -29.59 16.92
CA TYR D 128 0.34 -29.76 18.10
C TYR D 128 1.08 -29.22 19.32
N ALA D 129 0.47 -28.25 20.01
CA ALA D 129 0.99 -27.71 21.26
C ALA D 129 2.43 -27.20 21.08
N SER D 130 2.71 -26.63 19.92
CA SER D 130 4.04 -26.13 19.60
C SER D 130 4.03 -24.62 19.56
N SER D 131 5.18 -24.02 19.86
CA SER D 131 5.30 -22.58 20.06
C SER D 131 6.12 -21.94 18.95
N PHE D 132 5.65 -20.80 18.45
CA PHE D 132 6.39 -19.98 17.50
C PHE D 132 6.83 -18.65 18.10
N THR D 133 6.78 -18.51 19.43
CA THR D 133 7.24 -17.28 20.06
C THR D 133 8.75 -17.19 20.05
N GLN D 134 9.25 -15.95 20.00
CA GLN D 134 10.69 -15.67 19.94
C GLN D 134 11.32 -16.37 18.72
N CYS D 135 10.59 -16.38 17.62
CA CYS D 135 11.01 -17.04 16.39
C CYS D 135 10.97 -16.06 15.24
N THR D 136 11.93 -16.18 14.33
CA THR D 136 11.91 -15.42 13.09
C THR D 136 11.77 -16.40 11.92
N LEU D 137 10.77 -16.17 11.09
CA LEU D 137 10.54 -16.98 9.90
C LEU D 137 10.67 -16.06 8.68
N GLU D 138 11.90 -15.98 8.15
CA GLU D 138 12.23 -15.13 7.00
C GLU D 138 11.94 -15.88 5.70
N ASN D 139 10.97 -15.38 4.93
CA ASN D 139 10.66 -15.92 3.61
C ASN D 139 10.37 -17.41 3.67
N CYS D 140 9.64 -17.83 4.70
CA CYS D 140 9.27 -19.23 4.87
C CYS D 140 7.91 -19.50 4.26
N GLU D 141 7.52 -20.78 4.25
CA GLU D 141 6.26 -21.19 3.66
C GLU D 141 5.66 -22.32 4.48
N PHE D 142 4.38 -22.18 4.82
CA PHE D 142 3.59 -23.23 5.45
C PHE D 142 2.45 -23.59 4.49
N ARG D 143 2.44 -24.83 4.02
CA ARG D 143 1.48 -25.27 3.02
C ARG D 143 0.85 -26.57 3.46
N ASN D 144 -0.49 -26.65 3.36
CA ASN D 144 -1.25 -27.86 3.68
C ASN D 144 -0.93 -28.37 5.08
N CYS D 145 -0.78 -27.45 6.01
CA CYS D 145 -0.42 -27.79 7.39
C CYS D 145 -1.65 -27.77 8.29
N LYS D 146 -1.57 -28.57 9.35
CA LYS D 146 -2.59 -28.61 10.39
C LYS D 146 -2.04 -28.03 11.67
N TYR D 147 -2.84 -27.18 12.33
CA TYR D 147 -2.44 -26.53 13.55
C TYR D 147 -3.49 -26.77 14.62
N GLU D 148 -3.04 -27.12 15.83
CA GLU D 148 -3.96 -27.24 16.96
C GLU D 148 -3.20 -26.94 18.22
N LYS D 149 -3.71 -25.99 19.01
CA LYS D 149 -3.09 -25.57 20.27
C LYS D 149 -1.69 -25.02 20.08
N ILE D 150 -1.41 -24.41 18.93
CA ILE D 150 -0.12 -23.78 18.68
C ILE D 150 -0.11 -22.44 19.41
N PHE D 151 1.06 -21.79 19.44
CA PHE D 151 1.23 -20.56 20.20
C PHE D 151 2.16 -19.63 19.44
N TYR D 152 1.87 -18.33 19.50
CA TYR D 152 2.69 -17.33 18.86
C TYR D 152 2.60 -16.03 19.65
N SER D 153 3.45 -15.08 19.28
CA SER D 153 3.49 -13.77 19.92
C SER D 153 3.30 -12.68 18.88
N GLY D 154 2.53 -11.66 19.23
CA GLY D 154 2.25 -10.59 18.29
C GLY D 154 3.49 -9.82 17.87
N ASN D 155 4.46 -9.68 18.77
CA ASN D 155 5.69 -8.95 18.46
C ASN D 155 6.91 -9.84 18.35
N GLU D 156 6.94 -10.99 19.02
CA GLU D 156 8.13 -11.84 19.02
C GLU D 156 8.00 -13.04 18.08
N THR D 157 6.91 -13.15 17.35
CA THR D 157 6.81 -14.09 16.24
C THR D 157 6.87 -13.27 14.97
N GLN D 158 8.08 -13.07 14.46
CA GLN D 158 8.29 -12.26 13.27
C GLN D 158 8.15 -13.11 12.03
N ILE D 159 7.33 -12.67 11.09
CA ILE D 159 7.10 -13.43 9.85
C ILE D 159 7.38 -12.55 8.64
N PRO D 160 8.63 -12.11 8.43
CA PRO D 160 8.96 -11.26 7.27
C PRO D 160 8.91 -12.05 5.97
N ARG D 161 8.03 -11.63 5.06
N ARG D 161 8.00 -11.64 5.08
CA ARG D 161 7.86 -12.26 3.75
CA ARG D 161 7.83 -12.26 3.77
C ARG D 161 7.44 -13.73 3.85
C ARG D 161 7.44 -13.74 3.86
N THR D 162 6.76 -14.12 4.93
CA THR D 162 6.42 -15.52 5.14
C THR D 162 5.16 -15.80 4.32
N LEU D 163 4.96 -17.05 3.89
CA LEU D 163 3.69 -17.37 3.25
C LEU D 163 3.00 -18.45 4.08
N ILE D 164 1.90 -18.09 4.74
CA ILE D 164 1.04 -19.02 5.45
C ILE D 164 -0.17 -19.31 4.56
N ALA D 165 -0.14 -20.45 3.88
CA ALA D 165 -1.16 -20.79 2.88
C ALA D 165 -2.55 -20.94 3.49
N GLU D 166 -2.67 -21.24 4.78
CA GLU D 166 -3.95 -21.44 5.44
C GLU D 166 -4.05 -20.47 6.62
N PRO D 167 -4.28 -19.19 6.35
CA PRO D 167 -4.23 -18.19 7.44
C PRO D 167 -5.25 -18.44 8.54
N TYR D 168 -6.48 -18.83 8.19
CA TYR D 168 -7.51 -19.01 9.22
C TYR D 168 -7.14 -20.16 10.15
N GLN D 169 -6.67 -21.27 9.59
CA GLN D 169 -6.33 -22.43 10.40
C GLN D 169 -5.13 -22.14 11.29
N PHE D 170 -4.14 -21.41 10.77
CA PHE D 170 -3.00 -21.02 11.60
C PHE D 170 -3.43 -20.12 12.74
N LEU D 171 -4.21 -19.08 12.43
CA LEU D 171 -4.56 -18.09 13.44
C LEU D 171 -5.45 -18.69 14.51
N PHE D 172 -6.52 -19.37 14.11
CA PHE D 172 -7.50 -19.91 15.05
C PHE D 172 -7.19 -21.33 15.50
N GLY D 173 -6.08 -21.92 15.04
CA GLY D 173 -5.52 -23.09 15.66
C GLY D 173 -4.64 -22.81 16.85
N ALA D 174 -4.51 -21.55 17.24
CA ALA D 174 -3.72 -21.14 18.40
C ALA D 174 -4.64 -20.74 19.53
N CYS D 175 -4.17 -20.96 20.77
CA CYS D 175 -4.93 -20.62 21.95
C CYS D 175 -4.01 -20.59 23.16
N ALA D 176 -4.27 -19.66 24.07
CA ALA D 176 -3.46 -19.51 25.26
C ALA D 176 -3.60 -20.73 26.16
N THR D 177 -2.47 -21.19 26.68
CA THR D 177 -2.45 -22.29 27.64
C THR D 177 -2.73 -21.73 29.03
N VAL D 178 -3.74 -22.28 29.71
CA VAL D 178 -4.20 -21.66 30.94
C VAL D 178 -4.11 -22.58 32.15
N ASP D 179 -3.76 -23.85 31.98
CA ASP D 179 -3.73 -24.78 33.11
C ASP D 179 -2.57 -24.52 34.06
N SER D 180 -1.51 -23.84 33.60
CA SER D 180 -0.36 -23.55 34.45
C SER D 180 -0.30 -22.08 34.88
N VAL D 181 -1.44 -21.40 34.89
CA VAL D 181 -1.46 -20.01 35.36
C VAL D 181 -1.26 -19.98 36.87
N PRO D 182 -0.28 -19.23 37.36
CA PRO D 182 -0.02 -19.21 38.81
C PRO D 182 -1.08 -18.42 39.56
N GLN D 183 -1.02 -18.54 40.88
CA GLN D 183 -1.94 -17.81 41.75
C GLN D 183 -1.65 -16.31 41.68
N GLY D 184 -2.71 -15.51 41.74
CA GLY D 184 -2.61 -14.08 41.55
C GLY D 184 -2.85 -13.62 40.12
N LYS D 185 -2.73 -14.52 39.15
CA LYS D 185 -3.14 -14.28 37.78
C LYS D 185 -4.34 -15.16 37.47
N SER D 186 -5.15 -14.72 36.50
CA SER D 186 -6.41 -15.37 36.19
C SER D 186 -6.42 -15.90 34.76
N ARG D 187 -7.20 -16.97 34.57
CA ARG D 187 -7.38 -17.57 33.25
C ARG D 187 -7.97 -16.59 32.25
N PHE D 188 -8.97 -15.81 32.69
CA PHE D 188 -9.75 -15.03 31.73
C PHE D 188 -8.90 -13.98 31.05
N GLU D 189 -8.05 -13.30 31.82
CA GLU D 189 -7.20 -12.26 31.25
C GLU D 189 -6.20 -12.86 30.27
N GLN D 190 -5.66 -14.04 30.59
CA GLN D 190 -4.76 -14.71 29.65
C GLN D 190 -5.44 -14.95 28.31
N ARG D 191 -6.63 -15.57 28.33
CA ARG D 191 -7.32 -15.85 27.08
C ARG D 191 -7.67 -14.55 26.34
N ALA D 192 -8.14 -13.55 27.07
CA ALA D 192 -8.68 -12.38 26.41
C ALA D 192 -7.60 -11.43 25.92
N ARG D 193 -6.38 -11.58 26.45
N ARG D 193 -6.40 -11.55 26.49
CA ARG D 193 -5.24 -10.90 25.87
CA ARG D 193 -5.18 -10.95 25.95
C ARG D 193 -4.63 -11.69 24.72
C ARG D 193 -4.70 -11.70 24.70
N PHE D 194 -4.80 -13.03 24.72
CA PHE D 194 -4.42 -13.82 23.56
C PHE D 194 -5.26 -13.45 22.34
N GLU D 195 -6.49 -12.99 22.58
CA GLU D 195 -7.32 -12.54 21.45
C GLU D 195 -6.65 -11.37 20.72
N GLU D 196 -6.23 -10.35 21.47
CA GLU D 196 -5.48 -9.24 20.87
C GLU D 196 -4.17 -9.71 20.24
N THR D 197 -3.47 -10.64 20.89
CA THR D 197 -2.25 -11.19 20.30
C THR D 197 -2.52 -11.76 18.90
N ARG D 198 -3.57 -12.58 18.79
CA ARG D 198 -3.92 -13.16 17.50
C ARG D 198 -4.30 -12.09 16.49
N SER D 199 -5.02 -11.06 16.94
CA SER D 199 -5.36 -9.96 16.03
C SER D 199 -4.11 -9.30 15.45
N THR D 200 -3.11 -9.05 16.30
CA THR D 200 -1.88 -8.41 15.84
C THR D 200 -1.14 -9.28 14.84
N ILE D 201 -0.98 -10.57 15.16
CA ILE D 201 -0.25 -11.43 14.23
C ILE D 201 -1.04 -11.61 12.93
N ALA D 202 -2.38 -11.54 12.99
CA ALA D 202 -3.18 -11.59 11.78
C ALA D 202 -2.93 -10.36 10.91
N ARG D 203 -2.81 -9.19 11.53
CA ARG D 203 -2.43 -7.99 10.79
C ARG D 203 -1.11 -8.21 10.05
N ALA D 204 -0.12 -8.75 10.75
CA ALA D 204 1.17 -9.01 10.12
C ALA D 204 1.03 -10.00 8.95
N LEU D 205 0.24 -11.05 9.15
CA LEU D 205 0.09 -12.07 8.12
C LEU D 205 -0.58 -11.49 6.87
N LEU D 206 -1.59 -10.65 7.06
CA LEU D 206 -2.26 -10.01 5.93
C LEU D 206 -1.27 -9.12 5.17
N ALA D 207 -0.52 -8.29 5.89
CA ALA D 207 0.46 -7.43 5.24
C ALA D 207 1.45 -8.26 4.44
N ASN D 208 1.81 -9.44 4.95
CA ASN D 208 2.62 -10.36 4.16
C ASN D 208 1.89 -10.73 2.87
N LEU D 209 0.67 -11.23 2.99
CA LEU D 209 -0.09 -11.75 1.85
C LEU D 209 -0.47 -10.69 0.84
N HIS D 210 -0.18 -9.40 1.08
CA HIS D 210 -0.46 -8.42 0.03
C HIS D 210 0.42 -8.62 -1.19
N SER D 211 1.71 -8.88 -0.95
CA SER D 211 2.71 -9.22 -1.95
C SER D 211 2.58 -10.61 -2.57
N GLU D 212 1.83 -11.52 -1.95
CA GLU D 212 2.17 -12.93 -2.09
C GLU D 212 0.95 -13.82 -1.88
N GLY D 213 1.09 -15.06 -2.34
CA GLY D 213 0.06 -16.08 -2.13
C GLY D 213 -1.07 -15.96 -3.11
N SER D 214 -1.93 -16.98 -3.10
CA SER D 214 -3.10 -17.00 -3.97
C SER D 214 -4.21 -16.07 -3.48
N GLU D 215 -5.15 -15.78 -4.39
CA GLU D 215 -6.29 -14.90 -4.03
C GLU D 215 -7.03 -15.53 -2.84
N ASP D 216 -7.31 -16.83 -2.93
CA ASP D 216 -8.02 -17.50 -1.84
C ASP D 216 -7.34 -17.35 -0.49
N THR D 217 -6.02 -17.51 -0.46
CA THR D 217 -5.27 -17.31 0.77
C THR D 217 -5.44 -15.89 1.29
N TYR D 218 -5.36 -14.90 0.39
CA TYR D 218 -5.50 -13.51 0.79
C TYR D 218 -6.87 -13.25 1.41
N TYR D 219 -7.92 -13.78 0.80
CA TYR D 219 -9.28 -13.47 1.24
C TYR D 219 -9.61 -14.22 2.52
N ALA D 220 -9.07 -15.44 2.67
CA ALA D 220 -9.16 -16.13 3.96
C ALA D 220 -8.44 -15.34 5.04
N ALA D 221 -7.31 -14.73 4.71
CA ALA D 221 -6.60 -13.89 5.68
C ALA D 221 -7.41 -12.65 6.03
N VAL D 222 -8.08 -12.05 5.06
CA VAL D 222 -8.94 -10.89 5.35
C VAL D 222 -10.06 -11.29 6.31
N LYS D 223 -10.71 -12.43 6.02
CA LYS D 223 -11.74 -12.95 6.92
C LYS D 223 -11.18 -13.14 8.32
N ALA D 224 -10.05 -13.83 8.43
CA ALA D 224 -9.47 -14.13 9.72
C ALA D 224 -9.11 -12.86 10.47
N SER D 225 -8.57 -11.86 9.79
CA SER D 225 -8.09 -10.68 10.51
C SER D 225 -9.26 -9.81 10.95
N THR D 226 -10.32 -9.73 10.14
CA THR D 226 -11.52 -9.02 10.59
C THR D 226 -12.13 -9.70 11.80
N LEU D 227 -12.31 -11.02 11.73
CA LEU D 227 -12.87 -11.74 12.87
C LEU D 227 -12.01 -11.59 14.11
N SER D 228 -10.69 -11.67 13.96
CA SER D 228 -9.80 -11.57 15.11
C SER D 228 -9.83 -10.16 15.71
N GLU D 229 -9.88 -9.13 14.86
CA GLU D 229 -9.97 -7.76 15.37
C GLU D 229 -11.23 -7.57 16.19
N ASN D 230 -12.36 -8.12 15.72
CA ASN D 230 -13.60 -7.93 16.46
C ASN D 230 -13.63 -8.78 17.74
N ARG D 231 -13.04 -9.98 17.69
CA ARG D 231 -12.94 -10.79 18.89
C ARG D 231 -12.05 -10.12 19.93
N ALA D 232 -10.97 -9.48 19.50
CA ALA D 232 -10.11 -8.75 20.43
C ALA D 232 -10.83 -7.56 21.04
N ARG D 233 -11.64 -6.86 20.24
CA ARG D 233 -12.45 -5.78 20.79
C ARG D 233 -13.40 -6.30 21.86
N ILE D 234 -14.08 -7.41 21.57
CA ILE D 234 -14.98 -8.02 22.56
C ILE D 234 -14.22 -8.38 23.83
N ALA D 235 -13.04 -8.98 23.67
CA ALA D 235 -12.25 -9.43 24.82
C ALA D 235 -11.79 -8.26 25.67
N ARG D 236 -11.32 -7.19 25.04
CA ARG D 236 -10.87 -6.03 25.80
C ARG D 236 -12.04 -5.35 26.52
N ALA D 237 -13.21 -5.33 25.88
CA ALA D 237 -14.40 -4.81 26.56
C ALA D 237 -14.76 -5.67 27.77
N LEU D 238 -14.65 -7.00 27.62
CA LEU D 238 -14.93 -7.89 28.75
C LEU D 238 -13.92 -7.66 29.88
N ILE D 239 -12.66 -7.43 29.54
CA ILE D 239 -11.67 -7.11 30.57
C ILE D 239 -12.06 -5.83 31.30
N LYS D 240 -12.40 -4.79 30.53
CA LYS D 240 -12.75 -3.52 31.15
C LYS D 240 -14.00 -3.63 32.01
N ILE D 241 -14.90 -4.56 31.66
CA ILE D 241 -16.05 -4.83 32.52
C ILE D 241 -15.60 -5.49 33.81
N ASN D 242 -14.80 -6.55 33.70
CA ASN D 242 -14.38 -7.31 34.87
C ASN D 242 -13.61 -6.44 35.85
N SER D 243 -12.72 -5.58 35.34
CA SER D 243 -11.94 -4.70 36.21
C SER D 243 -12.79 -3.52 36.67
N ARG D 254 -16.05 3.89 39.59
CA ARG D 254 -15.85 2.60 38.94
C ARG D 254 -17.04 2.25 38.05
N ALA D 255 -18.19 2.88 38.32
CA ALA D 255 -19.37 2.64 37.50
C ALA D 255 -19.19 3.18 36.09
N VAL D 256 -18.41 4.27 35.95
CA VAL D 256 -18.12 4.80 34.61
C VAL D 256 -17.36 3.78 33.78
N SER D 257 -16.38 3.11 34.40
CA SER D 257 -15.61 2.10 33.68
C SER D 257 -16.50 0.93 33.28
N PHE D 258 -17.41 0.52 34.17
CA PHE D 258 -18.33 -0.57 33.84
C PHE D 258 -19.24 -0.18 32.68
N LEU D 259 -19.78 1.04 32.70
CA LEU D 259 -20.62 1.49 31.61
C LEU D 259 -19.85 1.55 30.30
N THR D 260 -18.61 2.03 30.34
CA THR D 260 -17.81 2.13 29.12
C THR D 260 -17.46 0.76 28.58
N GLY D 261 -17.13 -0.19 29.46
CA GLY D 261 -16.87 -1.55 29.02
C GLY D 261 -18.09 -2.21 28.42
N PHE D 262 -19.26 -2.01 29.04
CA PHE D 262 -20.49 -2.58 28.49
C PHE D 262 -20.81 -1.99 27.13
N ALA D 263 -20.65 -0.67 26.98
CA ALA D 263 -20.93 -0.04 25.69
C ALA D 263 -19.95 -0.52 24.63
N SER D 264 -18.67 -0.66 25.00
CA SER D 264 -17.66 -1.19 24.10
C SER D 264 -17.99 -2.62 23.68
N ALA D 265 -18.48 -3.44 24.61
CA ALA D 265 -18.83 -4.81 24.30
C ALA D 265 -20.01 -4.87 23.33
N ILE D 266 -21.03 -4.05 23.58
CA ILE D 266 -22.16 -4.00 22.65
C ILE D 266 -21.71 -3.53 21.27
N SER D 267 -20.83 -2.53 21.24
CA SER D 267 -20.35 -2.00 19.97
C SER D 267 -19.58 -3.06 19.19
N ALA D 268 -18.72 -3.81 19.89
CA ALA D 268 -17.97 -4.87 19.25
C ALA D 268 -18.89 -5.99 18.77
N VAL D 269 -19.94 -6.30 19.55
CA VAL D 269 -20.91 -7.31 19.14
C VAL D 269 -21.59 -6.91 17.85
N VAL D 270 -22.01 -5.65 17.79
CA VAL D 270 -22.74 -5.09 16.66
C VAL D 270 -21.86 -5.08 15.43
N GLY D 271 -20.59 -4.72 15.60
CA GLY D 271 -19.69 -4.70 14.46
C GLY D 271 -19.35 -6.09 14.00
N MET D 272 -19.27 -7.05 14.94
CA MET D 272 -19.18 -8.46 14.54
C MET D 272 -20.32 -8.82 13.63
N LEU D 273 -21.55 -8.51 14.05
CA LEU D 273 -22.72 -8.93 13.29
C LEU D 273 -22.74 -8.32 11.90
N ILE D 274 -22.58 -6.99 11.81
CA ILE D 274 -22.63 -6.33 10.50
C ILE D 274 -21.49 -6.81 9.60
N LEU D 275 -20.28 -6.90 10.15
CA LEU D 275 -19.15 -7.30 9.31
C LEU D 275 -19.32 -8.74 8.81
N LEU D 276 -19.81 -9.62 9.67
CA LEU D 276 -20.06 -11.00 9.27
C LEU D 276 -21.10 -11.06 8.16
N VAL D 277 -22.20 -10.32 8.31
CA VAL D 277 -23.24 -10.33 7.28
C VAL D 277 -22.70 -9.81 5.96
N MET D 278 -22.00 -8.67 6.00
CA MET D 278 -21.50 -8.08 4.77
C MET D 278 -20.48 -8.98 4.08
N GLY D 279 -19.55 -9.57 4.85
CA GLY D 279 -18.51 -10.37 4.23
C GLY D 279 -19.04 -11.71 3.74
N SER D 280 -20.02 -12.28 4.44
CA SER D 280 -20.70 -13.46 3.90
C SER D 280 -21.45 -13.13 2.62
N LEU D 281 -22.01 -11.91 2.54
CA LEU D 281 -22.81 -11.54 1.39
C LEU D 281 -21.98 -11.10 0.19
N ASN D 282 -20.71 -10.74 0.38
CA ASN D 282 -19.89 -10.31 -0.75
C ASN D 282 -18.57 -11.07 -0.86
N GLY D 283 -18.45 -12.22 -0.19
CA GLY D 283 -17.21 -12.96 -0.25
C GLY D 283 -16.03 -12.21 0.34
N TRP D 284 -16.30 -11.36 1.33
CA TRP D 284 -15.28 -10.57 2.03
C TRP D 284 -14.53 -9.66 1.06
N GLY D 285 -15.28 -9.06 0.14
CA GLY D 285 -14.70 -8.14 -0.82
C GLY D 285 -14.11 -8.79 -2.05
N SER D 286 -14.46 -10.05 -2.32
CA SER D 286 -13.88 -10.78 -3.43
C SER D 286 -14.73 -10.78 -4.69
N SER D 287 -16.03 -11.06 -4.61
CA SER D 287 -16.80 -11.45 -5.78
C SER D 287 -17.98 -10.52 -5.95
N ILE D 288 -17.95 -9.70 -7.02
CA ILE D 288 -19.06 -8.82 -7.35
C ILE D 288 -20.29 -9.63 -7.69
N SER D 289 -20.10 -10.81 -8.28
CA SER D 289 -21.23 -11.62 -8.75
C SER D 289 -22.14 -12.04 -7.61
N ARG D 290 -21.54 -12.42 -6.48
CA ARG D 290 -22.36 -12.83 -5.33
C ARG D 290 -23.21 -11.67 -4.82
N ALA D 291 -22.63 -10.46 -4.76
CA ALA D 291 -23.39 -9.30 -4.34
C ALA D 291 -24.52 -8.99 -5.32
N MET D 292 -24.22 -9.09 -6.62
CA MET D 292 -25.27 -8.95 -7.63
C MET D 292 -26.39 -9.96 -7.40
N LEU D 293 -26.03 -11.19 -7.02
CA LEU D 293 -27.02 -12.24 -6.87
C LEU D 293 -27.88 -12.04 -5.62
N VAL D 294 -27.28 -11.61 -4.51
CA VAL D 294 -28.12 -11.29 -3.35
C VAL D 294 -29.00 -10.08 -3.63
N GLY D 295 -28.51 -9.10 -4.41
CA GLY D 295 -29.36 -7.99 -4.79
C GLY D 295 -30.55 -8.45 -5.60
N VAL D 296 -30.30 -9.34 -6.57
CA VAL D 296 -31.37 -9.84 -7.43
C VAL D 296 -32.36 -10.67 -6.63
N VAL D 297 -31.87 -11.46 -5.68
CA VAL D 297 -32.75 -12.27 -4.84
C VAL D 297 -33.64 -11.38 -3.98
N ALA D 298 -33.06 -10.35 -3.36
CA ALA D 298 -33.85 -9.46 -2.53
C ALA D 298 -34.90 -8.71 -3.35
N ILE D 299 -34.50 -8.21 -4.53
CA ILE D 299 -35.43 -7.51 -5.41
C ILE D 299 -36.56 -8.45 -5.81
N SER D 300 -36.22 -9.69 -6.16
CA SER D 300 -37.24 -10.66 -6.56
C SER D 300 -38.21 -10.94 -5.42
N CYS D 301 -37.71 -11.08 -4.19
CA CYS D 301 -38.59 -11.33 -3.05
C CYS D 301 -39.54 -10.17 -2.83
N VAL D 302 -39.03 -8.94 -2.89
CA VAL D 302 -39.90 -7.78 -2.70
C VAL D 302 -40.93 -7.69 -3.83
N ALA D 303 -40.51 -8.00 -5.05
CA ALA D 303 -41.43 -7.96 -6.18
C ALA D 303 -42.52 -9.03 -6.06
N TYR D 304 -42.14 -10.22 -5.61
CA TYR D 304 -43.13 -11.26 -5.36
C TYR D 304 -44.12 -10.82 -4.29
N ARG D 305 -43.63 -10.13 -3.25
CA ARG D 305 -44.54 -9.65 -2.22
C ARG D 305 -45.50 -8.61 -2.79
N TYR D 306 -44.98 -7.69 -3.61
CA TYR D 306 -45.85 -6.74 -4.32
C TYR D 306 -46.93 -7.48 -5.11
N HIS D 307 -46.52 -8.49 -5.87
CA HIS D 307 -47.46 -9.16 -6.77
C HIS D 307 -48.49 -9.97 -5.99
N TYR D 308 -48.09 -10.62 -4.91
CA TYR D 308 -49.02 -11.43 -4.14
C TYR D 308 -49.97 -10.57 -3.32
N ARG D 309 -49.49 -9.48 -2.73
CA ARG D 309 -50.29 -8.74 -1.76
C ARG D 309 -51.08 -7.60 -2.38
N PHE D 310 -50.47 -6.83 -3.28
CA PHE D 310 -51.11 -5.62 -3.82
C PHE D 310 -51.51 -5.78 -5.27
N ASN D 311 -51.55 -7.02 -5.78
CA ASN D 311 -52.11 -7.33 -7.10
C ASN D 311 -51.41 -6.53 -8.20
N LEU D 312 -50.09 -6.57 -8.19
CA LEU D 312 -49.36 -5.95 -9.29
C LEU D 312 -48.81 -7.02 -10.23
N PRO D 313 -48.94 -6.83 -11.54
CA PRO D 313 -48.43 -7.82 -12.47
C PRO D 313 -46.93 -7.98 -12.30
N PRO D 314 -46.40 -9.18 -12.56
CA PRO D 314 -44.98 -9.43 -12.27
C PRO D 314 -44.04 -8.55 -13.08
N GLU D 315 -44.39 -8.27 -14.34
CA GLU D 315 -43.52 -7.57 -15.27
C GLU D 315 -43.32 -6.11 -14.91
N ASP D 316 -44.02 -5.59 -13.89
CA ASP D 316 -43.71 -4.29 -13.35
C ASP D 316 -43.67 -4.26 -11.83
N ALA D 317 -44.11 -5.32 -11.15
CA ALA D 317 -43.70 -5.50 -9.76
C ALA D 317 -42.19 -5.65 -9.68
N MET D 318 -41.61 -6.33 -10.66
CA MET D 318 -40.13 -6.41 -10.71
C MET D 318 -39.58 -4.99 -10.91
N VAL D 319 -40.24 -4.16 -11.71
CA VAL D 319 -39.70 -2.84 -12.04
C VAL D 319 -39.80 -1.91 -10.84
N LYS D 320 -40.93 -1.94 -10.14
CA LYS D 320 -41.06 -1.18 -8.90
C LYS D 320 -40.05 -1.63 -7.86
N ALA D 321 -39.82 -2.94 -7.75
CA ALA D 321 -38.86 -3.44 -6.78
C ALA D 321 -37.45 -2.95 -7.08
N THR D 322 -37.03 -3.03 -8.34
CA THR D 322 -35.68 -2.55 -8.69
C THR D 322 -35.61 -1.02 -8.66
N GLU D 323 -36.75 -0.35 -8.78
CA GLU D 323 -36.79 1.11 -8.75
C GLU D 323 -36.66 1.65 -7.34
N ILE D 324 -37.21 0.94 -6.36
CA ILE D 324 -37.07 1.34 -4.98
C ILE D 324 -35.78 0.81 -4.37
N PHE D 325 -35.31 -0.34 -4.87
CA PHE D 325 -34.07 -0.93 -4.36
C PHE D 325 -32.88 -0.03 -4.64
N PHE D 326 -32.78 0.51 -5.85
CA PHE D 326 -31.66 1.39 -6.20
C PHE D 326 -31.91 2.83 -5.80
N LEU D 327 -33.07 3.11 -5.18
CA LEU D 327 -33.37 4.36 -4.48
C LEU D 327 -33.62 5.54 -5.40
N PHE D 328 -33.39 5.40 -6.71
CA PHE D 328 -33.61 6.52 -7.61
C PHE D 328 -35.09 6.72 -7.93
N GLY D 329 -35.94 5.75 -7.65
CA GLY D 329 -37.36 5.87 -7.90
C GLY D 329 -38.21 5.74 -6.66
N TYR D 330 -37.65 6.11 -5.50
CA TYR D 330 -38.31 5.88 -4.23
C TYR D 330 -39.54 6.78 -4.05
N THR D 331 -39.38 8.07 -4.30
CA THR D 331 -40.45 9.03 -4.04
C THR D 331 -41.66 8.88 -4.96
N ASN D 332 -41.50 8.22 -6.10
CA ASN D 332 -42.65 7.97 -6.96
C ASN D 332 -43.63 6.97 -6.36
N TYR D 333 -43.18 6.11 -5.44
CA TYR D 333 -44.03 5.07 -4.89
C TYR D 333 -44.26 5.17 -3.39
N ALA D 334 -43.49 5.99 -2.67
CA ALA D 334 -43.59 6.06 -1.22
C ALA D 334 -44.56 7.17 -0.82
N LYS D 335 -45.59 6.81 -0.08
CA LYS D 335 -46.58 7.76 0.42
C LYS D 335 -46.99 7.33 1.82
N MET D 336 -46.85 8.23 2.79
CA MET D 336 -47.14 7.87 4.17
C MET D 336 -48.63 7.63 4.34
N GLY D 337 -48.99 6.54 5.01
CA GLY D 337 -50.36 6.17 5.22
C GLY D 337 -50.92 5.20 4.20
N GLN D 338 -50.15 4.85 3.18
CA GLN D 338 -50.58 3.86 2.18
C GLN D 338 -50.32 2.45 2.70
N GLU D 339 -51.04 1.49 2.09
CA GLU D 339 -50.94 0.10 2.53
C GLU D 339 -49.54 -0.46 2.33
N ASP D 340 -48.91 -0.14 1.20
CA ASP D 340 -47.60 -0.67 0.86
C ASP D 340 -46.45 0.21 1.33
N PHE D 341 -46.72 1.23 2.13
CA PHE D 341 -45.69 2.18 2.52
C PHE D 341 -44.59 1.52 3.34
N HIS D 342 -44.96 0.66 4.29
CA HIS D 342 -43.95 -0.05 5.08
C HIS D 342 -43.10 -0.96 4.20
N LEU D 343 -43.74 -1.65 3.26
CA LEU D 343 -43.00 -2.52 2.34
C LEU D 343 -42.04 -1.71 1.47
N VAL D 344 -42.48 -0.55 0.97
CA VAL D 344 -41.63 0.30 0.17
C VAL D 344 -40.43 0.78 0.99
N PHE D 345 -40.68 1.18 2.23
CA PHE D 345 -39.60 1.65 3.09
C PHE D 345 -38.60 0.54 3.39
N SER D 346 -39.10 -0.67 3.65
CA SER D 346 -38.21 -1.83 3.79
C SER D 346 -37.39 -2.11 2.55
N ASN D 347 -38.01 -1.97 1.37
CA ASN D 347 -37.29 -2.20 0.12
C ASN D 347 -36.18 -1.17 -0.06
N ALA D 348 -36.44 0.09 0.30
CA ALA D 348 -35.41 1.11 0.25
C ALA D 348 -34.27 0.82 1.23
N LEU D 349 -34.61 0.37 2.45
CA LEU D 349 -33.56 0.04 3.42
C LEU D 349 -32.71 -1.14 2.93
N LEU D 350 -33.37 -2.16 2.35
CA LEU D 350 -32.63 -3.27 1.77
C LEU D 350 -31.70 -2.78 0.67
N GLY D 351 -32.17 -1.86 -0.17
CA GLY D 351 -31.31 -1.31 -1.21
C GLY D 351 -30.12 -0.56 -0.65
N LEU D 352 -30.33 0.21 0.42
CA LEU D 352 -29.22 0.96 1.02
C LEU D 352 -28.17 0.01 1.58
N PHE D 353 -28.62 -1.05 2.27
CA PHE D 353 -27.67 -2.05 2.77
C PHE D 353 -26.94 -2.71 1.61
N TRP D 354 -27.66 -2.98 0.51
CA TRP D 354 -27.03 -3.61 -0.63
C TRP D 354 -25.97 -2.70 -1.26
N TYR D 355 -26.24 -1.39 -1.29
CA TYR D 355 -25.22 -0.45 -1.74
C TYR D 355 -23.97 -0.56 -0.88
N ALA D 356 -24.17 -0.53 0.45
CA ALA D 356 -23.03 -0.66 1.38
C ALA D 356 -22.28 -1.97 1.17
N ILE D 357 -23.00 -3.03 0.78
CA ILE D 357 -22.35 -4.32 0.53
C ILE D 357 -21.57 -4.29 -0.78
N ALA D 358 -22.16 -3.74 -1.83
CA ALA D 358 -21.69 -3.94 -3.20
C ALA D 358 -20.61 -2.95 -3.62
N ILE D 359 -20.68 -1.70 -3.15
CA ILE D 359 -19.69 -0.70 -3.58
C ILE D 359 -18.26 -1.12 -3.30
N PRO D 360 -17.91 -1.63 -2.11
CA PRO D 360 -16.50 -2.00 -1.89
C PRO D 360 -16.04 -3.18 -2.73
N THR D 361 -16.94 -4.07 -3.14
CA THR D 361 -16.53 -5.16 -4.03
C THR D 361 -16.06 -4.61 -5.37
N ILE D 362 -16.83 -3.66 -5.94
CA ILE D 362 -16.43 -3.02 -7.18
C ILE D 362 -15.12 -2.26 -6.99
N SER D 363 -15.00 -1.54 -5.87
CA SER D 363 -13.76 -0.82 -5.59
C SER D 363 -12.56 -1.76 -5.54
N ASN D 364 -12.71 -2.91 -4.88
CA ASN D 364 -11.62 -3.87 -4.78
C ASN D 364 -11.27 -4.46 -6.15
N ARG D 365 -12.29 -4.81 -6.94
CA ARG D 365 -12.01 -5.45 -8.22
C ARG D 365 -11.46 -4.46 -9.24
N LEU D 366 -11.72 -3.17 -9.07
CA LEU D 366 -11.22 -2.17 -10.00
C LEU D 366 -9.98 -1.44 -9.50
N THR D 367 -9.79 -1.32 -8.18
CA THR D 367 -8.62 -0.71 -7.59
C THR D 367 -7.82 -1.77 -6.84
N ARG D 368 -6.57 -1.94 -7.23
CA ARG D 368 -5.70 -2.93 -6.60
C ARG D 368 -4.73 -2.29 -5.62
#